data_1UUX
# 
_entry.id   1UUX 
# 
_audit_conform.dict_name       mmcif_pdbx.dic 
_audit_conform.dict_version    5.382 
_audit_conform.dict_location   http://mmcif.pdb.org/dictionaries/ascii/mmcif_pdbx.dic 
# 
loop_
_database_2.database_id 
_database_2.database_code 
_database_2.pdbx_database_accession 
_database_2.pdbx_DOI 
PDB   1UUX         pdb_00001uux 10.2210/pdb1uux/pdb 
PDBE  EBI-13124    ?            ?                   
WWPDB D_1290013124 ?            ?                   
# 
loop_
_pdbx_database_related.db_name 
_pdbx_database_related.db_id 
_pdbx_database_related.content_type 
_pdbx_database_related.details 
PDB 1EAV unspecified 
'CRYSTAL STRUCTURES OF HUMAN GEPHYRIN AND PLANT CNX1 G DOMAINS - COMPARATIVE ANALYSIS AND FUNCTIONAL IMPLICATIONS' 
PDB 1O8N unspecified 'THE ACTIVE SITE OF THE MOLYBDENUM COFACTOR BIOSENTHETIC PROTEIN DOMAIN CNX1G' 
PDB 1O8O unspecified 'THE ACTIVE SITE OF THE MOLYBDENUM COFACTOR BIOSENTHETIC PROTEIN DOMAIN CNX1G' 
PDB 1O8Q unspecified 'THE ACTIVE SITE OF THE MOLYBDENUM COFACTOR BIOSENTHETIC PROTEIN DOMAIN CNX1G' 
PDB 1UUY unspecified 'STRUCTURE OF A MOLYBDOPTERIN-BOUND CNX1G DOMAIN LINKS MOLYBDENUM AND COPPER METABOLISM' 
# 
_pdbx_database_status.status_code                     REL 
_pdbx_database_status.entry_id                        1UUX 
_pdbx_database_status.deposit_site                    PDBE 
_pdbx_database_status.process_site                    PDBE 
_pdbx_database_status.SG_entry                        . 
_pdbx_database_status.recvd_initial_deposition_date   2004-01-12 
_pdbx_database_status.pdb_format_compatible           Y 
_pdbx_database_status.status_code_sf                  REL 
_pdbx_database_status.status_code_mr                  ? 
_pdbx_database_status.status_code_cs                  ? 
_pdbx_database_status.methods_development_category    ? 
_pdbx_database_status.status_code_nmr_data            ? 
# 
loop_
_audit_author.name 
_audit_author.pdbx_ordinal 
'Kuper, J.'    1 
'Llamas, A.'   2 
'Hecht, H.J.'  3 
'Mendel, R.R.' 4 
'Schwarz, G.'  5 
# 
_citation.id                        primary 
_citation.title                     'Structure of a Molybdopterin-Bound Cnx1G Domain Links Molybdenum and Copper Metabolism' 
_citation.journal_abbrev            Nature 
_citation.journal_volume            430 
_citation.page_first                803 
_citation.page_last                 ? 
_citation.year                      2004 
_citation.journal_id_ASTM           NATUAS 
_citation.country                   UK 
_citation.journal_id_ISSN           0028-0836 
_citation.journal_id_CSD            0006 
_citation.book_publisher            ? 
_citation.pdbx_database_id_PubMed   15306815 
_citation.pdbx_database_id_DOI      10.1038/NATURE02681 
# 
loop_
_citation_author.citation_id 
_citation_author.name 
_citation_author.ordinal 
_citation_author.identifier_ORCID 
primary 'Kuper, J.'    1 ? 
primary 'Llamas, A.'   2 ? 
primary 'Hecht, H.J.'  3 ? 
primary 'Mendel, R.R.' 4 ? 
primary 'Schwarz, G.'  5 ? 
# 
_cell.entry_id           1UUX 
_cell.length_a           171.034 
_cell.length_b           171.034 
_cell.length_c           171.034 
_cell.angle_alpha        90.00 
_cell.angle_beta         90.00 
_cell.angle_gamma        90.00 
_cell.Z_PDB              96 
_cell.pdbx_unique_axis   ? 
# 
_symmetry.entry_id                         1UUX 
_symmetry.space_group_name_H-M             'F 41 3 2' 
_symmetry.pdbx_full_space_group_name_H-M   ? 
_symmetry.cell_setting                     ? 
_symmetry.Int_Tables_number                210 
# 
loop_
_entity.id 
_entity.type 
_entity.src_method 
_entity.pdbx_description 
_entity.formula_weight 
_entity.pdbx_number_of_molecules 
_entity.pdbx_ec 
_entity.pdbx_mutation 
_entity.pdbx_fragment 
_entity.details 
1 polymer     man 'MOLYBDOPTERIN BIOSYNTHESIS CNX1' 17198.902 1   ? ? 'G-DOMAIN, RESIDUES 462-624' ? 
2 non-polymer syn 
'PHOSPHONIC ACIDMONO-(2-AMINO-5,6-DIMERCAPTO-4-OXO-3,7,8A,9,10,10A-HEXAHYDRO-4H-8-OXA-1,3,9,10-TETRAAZA-ANTHRACEN-7-YLMETHYL)ESTER' 
395.352   1   ? ? ?                            ? 
3 non-polymer syn 'PROPANOIC ACID' 74.079    1   ? ? ?                            ? 
4 non-polymer syn IMIDAZOLE 69.085    1   ? ? ?                            ? 
5 non-polymer syn 'FORMIC ACID' 46.025    1   ? ? ?                            ? 
6 non-polymer syn 'COPPER (I) ION' 63.546    1   ? ? ?                            ? 
7 water       nat water 18.015    155 ? ? ?                            ? 
# 
_entity_name_com.entity_id   1 
_entity_name_com.name        CNX1 
# 
_entity_poly.entity_id                      1 
_entity_poly.type                           'polypeptide(L)' 
_entity_poly.nstd_linkage                   no 
_entity_poly.nstd_monomer                   no 
_entity_poly.pdbx_seq_one_letter_code       
;VPGPEYKVAILTVSDTVSAGAGPDRSGPRAVSVVDSSSEKLGGAKVVATAVVPDEVERIKDILQKWSDVDEMDLILTLGG
TGFTPRDVTPEATKKVIERETPGLLFVMMQESLKITPFAMLSRSAAGIRGSTLIINMPGNPNAVAECMEALLPALKHALK
QIA
;
_entity_poly.pdbx_seq_one_letter_code_can   
;VPGPEYKVAILTVSDTVSAGAGPDRSGPRAVSVVDSSSEKLGGAKVVATAVVPDEVERIKDILQKWSDVDEMDLILTLGG
TGFTPRDVTPEATKKVIERETPGLLFVMMQESLKITPFAMLSRSAAGIRGSTLIINMPGNPNAVAECMEALLPALKHALK
QIA
;
_entity_poly.pdbx_strand_id                 A 
_entity_poly.pdbx_target_identifier         ? 
# 
loop_
_entity_poly_seq.entity_id 
_entity_poly_seq.num 
_entity_poly_seq.mon_id 
_entity_poly_seq.hetero 
1 1   VAL n 
1 2   PRO n 
1 3   GLY n 
1 4   PRO n 
1 5   GLU n 
1 6   TYR n 
1 7   LYS n 
1 8   VAL n 
1 9   ALA n 
1 10  ILE n 
1 11  LEU n 
1 12  THR n 
1 13  VAL n 
1 14  SER n 
1 15  ASP n 
1 16  THR n 
1 17  VAL n 
1 18  SER n 
1 19  ALA n 
1 20  GLY n 
1 21  ALA n 
1 22  GLY n 
1 23  PRO n 
1 24  ASP n 
1 25  ARG n 
1 26  SER n 
1 27  GLY n 
1 28  PRO n 
1 29  ARG n 
1 30  ALA n 
1 31  VAL n 
1 32  SER n 
1 33  VAL n 
1 34  VAL n 
1 35  ASP n 
1 36  SER n 
1 37  SER n 
1 38  SER n 
1 39  GLU n 
1 40  LYS n 
1 41  LEU n 
1 42  GLY n 
1 43  GLY n 
1 44  ALA n 
1 45  LYS n 
1 46  VAL n 
1 47  VAL n 
1 48  ALA n 
1 49  THR n 
1 50  ALA n 
1 51  VAL n 
1 52  VAL n 
1 53  PRO n 
1 54  ASP n 
1 55  GLU n 
1 56  VAL n 
1 57  GLU n 
1 58  ARG n 
1 59  ILE n 
1 60  LYS n 
1 61  ASP n 
1 62  ILE n 
1 63  LEU n 
1 64  GLN n 
1 65  LYS n 
1 66  TRP n 
1 67  SER n 
1 68  ASP n 
1 69  VAL n 
1 70  ASP n 
1 71  GLU n 
1 72  MET n 
1 73  ASP n 
1 74  LEU n 
1 75  ILE n 
1 76  LEU n 
1 77  THR n 
1 78  LEU n 
1 79  GLY n 
1 80  GLY n 
1 81  THR n 
1 82  GLY n 
1 83  PHE n 
1 84  THR n 
1 85  PRO n 
1 86  ARG n 
1 87  ASP n 
1 88  VAL n 
1 89  THR n 
1 90  PRO n 
1 91  GLU n 
1 92  ALA n 
1 93  THR n 
1 94  LYS n 
1 95  LYS n 
1 96  VAL n 
1 97  ILE n 
1 98  GLU n 
1 99  ARG n 
1 100 GLU n 
1 101 THR n 
1 102 PRO n 
1 103 GLY n 
1 104 LEU n 
1 105 LEU n 
1 106 PHE n 
1 107 VAL n 
1 108 MET n 
1 109 MET n 
1 110 GLN n 
1 111 GLU n 
1 112 SER n 
1 113 LEU n 
1 114 LYS n 
1 115 ILE n 
1 116 THR n 
1 117 PRO n 
1 118 PHE n 
1 119 ALA n 
1 120 MET n 
1 121 LEU n 
1 122 SER n 
1 123 ARG n 
1 124 SER n 
1 125 ALA n 
1 126 ALA n 
1 127 GLY n 
1 128 ILE n 
1 129 ARG n 
1 130 GLY n 
1 131 SER n 
1 132 THR n 
1 133 LEU n 
1 134 ILE n 
1 135 ILE n 
1 136 ASN n 
1 137 MET n 
1 138 PRO n 
1 139 GLY n 
1 140 ASN n 
1 141 PRO n 
1 142 ASN n 
1 143 ALA n 
1 144 VAL n 
1 145 ALA n 
1 146 GLU n 
1 147 CYS n 
1 148 MET n 
1 149 GLU n 
1 150 ALA n 
1 151 LEU n 
1 152 LEU n 
1 153 PRO n 
1 154 ALA n 
1 155 LEU n 
1 156 LYS n 
1 157 HIS n 
1 158 ALA n 
1 159 LEU n 
1 160 LYS n 
1 161 GLN n 
1 162 ILE n 
1 163 ALA n 
# 
_entity_src_gen.entity_id                          1 
_entity_src_gen.pdbx_src_id                        1 
_entity_src_gen.pdbx_alt_source_flag               sample 
_entity_src_gen.pdbx_seq_type                      ? 
_entity_src_gen.pdbx_beg_seq_num                   ? 
_entity_src_gen.pdbx_end_seq_num                   ? 
_entity_src_gen.gene_src_common_name               'MOUSE-EAR CRESS' 
_entity_src_gen.gene_src_genus                     ? 
_entity_src_gen.pdbx_gene_src_gene                 ? 
_entity_src_gen.gene_src_species                   ? 
_entity_src_gen.gene_src_strain                    ? 
_entity_src_gen.gene_src_tissue                    ? 
_entity_src_gen.gene_src_tissue_fraction           ? 
_entity_src_gen.gene_src_details                   ? 
_entity_src_gen.pdbx_gene_src_fragment             ? 
_entity_src_gen.pdbx_gene_src_scientific_name      'ARABIDOPSIS THALIANA' 
_entity_src_gen.pdbx_gene_src_ncbi_taxonomy_id     3702 
_entity_src_gen.pdbx_gene_src_variant              ? 
_entity_src_gen.pdbx_gene_src_cell_line            ? 
_entity_src_gen.pdbx_gene_src_atcc                 ? 
_entity_src_gen.pdbx_gene_src_organ                ? 
_entity_src_gen.pdbx_gene_src_organelle            ? 
_entity_src_gen.pdbx_gene_src_cell                 ? 
_entity_src_gen.pdbx_gene_src_cellular_location    ? 
_entity_src_gen.host_org_common_name               ? 
_entity_src_gen.pdbx_host_org_scientific_name      'ESCHERICHIA COLI' 
_entity_src_gen.pdbx_host_org_ncbi_taxonomy_id     562 
_entity_src_gen.host_org_genus                     ? 
_entity_src_gen.pdbx_host_org_gene                 ? 
_entity_src_gen.pdbx_host_org_organ                ? 
_entity_src_gen.host_org_species                   ? 
_entity_src_gen.pdbx_host_org_tissue               ? 
_entity_src_gen.pdbx_host_org_tissue_fraction      ? 
_entity_src_gen.pdbx_host_org_strain               RK5206 
_entity_src_gen.pdbx_host_org_variant              ? 
_entity_src_gen.pdbx_host_org_cell_line            ? 
_entity_src_gen.pdbx_host_org_atcc                 ? 
_entity_src_gen.pdbx_host_org_culture_collection   ? 
_entity_src_gen.pdbx_host_org_cell                 ? 
_entity_src_gen.pdbx_host_org_organelle            ? 
_entity_src_gen.pdbx_host_org_cellular_location    ? 
_entity_src_gen.pdbx_host_org_vector_type          ? 
_entity_src_gen.pdbx_host_org_vector               PQE60 
_entity_src_gen.host_org_details                   ? 
_entity_src_gen.expression_system_id               ? 
_entity_src_gen.plasmid_name                       ? 
_entity_src_gen.plasmid_details                    ? 
_entity_src_gen.pdbx_description                   ? 
# 
_struct_ref.id                         1 
_struct_ref.db_name                    UNP 
_struct_ref.db_code                    CNX1_ARATH 
_struct_ref.entity_id                  1 
_struct_ref.pdbx_seq_one_letter_code   ? 
_struct_ref.pdbx_align_begin           ? 
_struct_ref.pdbx_db_accession          Q39054 
_struct_ref.pdbx_db_isoform            ? 
# 
_struct_ref_seq.align_id                      1 
_struct_ref_seq.ref_id                        1 
_struct_ref_seq.pdbx_PDB_id_code              1UUX 
_struct_ref_seq.pdbx_strand_id                A 
_struct_ref_seq.seq_align_beg                 1 
_struct_ref_seq.pdbx_seq_align_beg_ins_code   ? 
_struct_ref_seq.seq_align_end                 163 
_struct_ref_seq.pdbx_seq_align_end_ins_code   ? 
_struct_ref_seq.pdbx_db_accession             Q39054 
_struct_ref_seq.db_align_beg                  462 
_struct_ref_seq.pdbx_db_align_beg_ins_code    ? 
_struct_ref_seq.db_align_end                  624 
_struct_ref_seq.pdbx_db_align_end_ins_code    ? 
_struct_ref_seq.pdbx_auth_seq_align_beg       1 
_struct_ref_seq.pdbx_auth_seq_align_end       163 
# 
loop_
_chem_comp.id 
_chem_comp.type 
_chem_comp.mon_nstd_flag 
_chem_comp.name 
_chem_comp.pdbx_synonyms 
_chem_comp.formula 
_chem_comp.formula_weight 
ALA 'L-peptide linking' y ALANINE ? 'C3 H7 N O2'         89.093  
ARG 'L-peptide linking' y ARGININE ? 'C6 H15 N4 O2 1'     175.209 
ASN 'L-peptide linking' y ASPARAGINE ? 'C4 H8 N2 O3'        132.118 
ASP 'L-peptide linking' y 'ASPARTIC ACID' ? 'C4 H7 N O4'         133.103 
CU1 non-polymer         . 'COPPER (I) ION' ? 'Cu 1'               63.546  
CYS 'L-peptide linking' y CYSTEINE ? 'C3 H7 N O2 S'       121.158 
FMT non-polymer         . 'FORMIC ACID' ? 'C H2 O2'            46.025  
GLN 'L-peptide linking' y GLUTAMINE ? 'C5 H10 N2 O3'       146.144 
GLU 'L-peptide linking' y 'GLUTAMIC ACID' ? 'C5 H9 N O4'         147.129 
GLY 'peptide linking'   y GLYCINE ? 'C2 H5 N O2'         75.067  
HIS 'L-peptide linking' y HISTIDINE ? 'C6 H10 N3 O2 1'     156.162 
HOH non-polymer         . WATER ? 'H2 O'               18.015  
ILE 'L-peptide linking' y ISOLEUCINE ? 'C6 H13 N O2'        131.173 
IMD non-polymer         . IMIDAZOLE ? 'C3 H5 N2 1'         69.085  
LEU 'L-peptide linking' y LEUCINE ? 'C6 H13 N O2'        131.173 
LYS 'L-peptide linking' y LYSINE ? 'C6 H15 N2 O2 1'     147.195 
MET 'L-peptide linking' y METHIONINE ? 'C5 H11 N O2 S'      149.211 
MTE non-polymer         . 
'PHOSPHONIC ACIDMONO-(2-AMINO-5,6-DIMERCAPTO-4-OXO-3,7,8A,9,10,10A-HEXAHYDRO-4H-8-OXA-1,3,9,10-TETRAAZA-ANTHRACEN-7-YLMETHYL)ESTER' 
? 'C10 H14 N5 O6 P S2' 395.352 
PHE 'L-peptide linking' y PHENYLALANINE ? 'C9 H11 N O2'        165.189 
PPI non-polymer         . 'PROPANOIC ACID' ? 'C3 H6 O2'           74.079  
PRO 'L-peptide linking' y PROLINE ? 'C5 H9 N O2'         115.130 
SER 'L-peptide linking' y SERINE ? 'C3 H7 N O3'         105.093 
THR 'L-peptide linking' y THREONINE ? 'C4 H9 N O3'         119.119 
TRP 'L-peptide linking' y TRYPTOPHAN ? 'C11 H12 N2 O2'      204.225 
TYR 'L-peptide linking' y TYROSINE ? 'C9 H11 N O3'        181.189 
VAL 'L-peptide linking' y VALINE ? 'C5 H11 N O2'        117.146 
# 
_exptl.entry_id          1UUX 
_exptl.method            'X-RAY DIFFRACTION' 
_exptl.crystals_number   1 
# 
_exptl_crystal.id                    1 
_exptl_crystal.density_meas          ? 
_exptl_crystal.density_Matthews      2.7 
_exptl_crystal.density_percent_sol   50.4 
_exptl_crystal.description           ? 
# 
_exptl_crystal_grow.crystal_id      1 
_exptl_crystal_grow.method          ? 
_exptl_crystal_grow.temp            ? 
_exptl_crystal_grow.temp_details    ? 
_exptl_crystal_grow.pH              7.80 
_exptl_crystal_grow.pdbx_pH_range   ? 
_exptl_crystal_grow.pdbx_details    '3.2 M SODIUM FORMATE ANAEROBIC, pH 7.80' 
# 
_diffrn.id                     1 
_diffrn.ambient_temp           100.0 
_diffrn.ambient_temp_details   ? 
_diffrn.crystal_id             1 
# 
_diffrn_detector.diffrn_id              1 
_diffrn_detector.detector               CCD 
_diffrn_detector.type                   MARRESEARCH 
_diffrn_detector.pdbx_collection_date   2003-07-15 
_diffrn_detector.details                ? 
# 
_diffrn_radiation.diffrn_id                        1 
_diffrn_radiation.wavelength_id                    1 
_diffrn_radiation.pdbx_monochromatic_or_laue_m_l   M 
_diffrn_radiation.monochromator                    ? 
_diffrn_radiation.pdbx_diffrn_protocol             'SINGLE WAVELENGTH' 
_diffrn_radiation.pdbx_scattering_type             x-ray 
# 
_diffrn_radiation_wavelength.id           1 
_diffrn_radiation_wavelength.wavelength   1.05 
_diffrn_radiation_wavelength.wt           1.0 
# 
_diffrn_source.diffrn_id                   1 
_diffrn_source.source                      SYNCHROTRON 
_diffrn_source.type                        'MPG/DESY, HAMBURG BEAMLINE BW6' 
_diffrn_source.pdbx_synchrotron_site       'MPG/DESY, HAMBURG' 
_diffrn_source.pdbx_synchrotron_beamline   BW6 
_diffrn_source.pdbx_wavelength             1.05 
_diffrn_source.pdbx_wavelength_list        ? 
# 
_reflns.pdbx_diffrn_id               1 
_reflns.pdbx_ordinal                 1 
_reflns.entry_id                     1UUX 
_reflns.observed_criterion_sigma_I   2.000 
_reflns.observed_criterion_sigma_F   ? 
_reflns.d_resolution_low             22.880 
_reflns.d_resolution_high            1.600 
_reflns.number_obs                   28748 
_reflns.number_all                   ? 
_reflns.percent_possible_obs         100.0 
_reflns.pdbx_Rmerge_I_obs            0.05700 
_reflns.pdbx_Rsym_value              ? 
_reflns.pdbx_netI_over_sigmaI        7.6484 
_reflns.B_iso_Wilson_estimate        ? 
_reflns.pdbx_redundancy              7.780 
# 
_reflns_shell.pdbx_diffrn_id         1 
_reflns_shell.pdbx_ordinal           1 
_reflns_shell.d_res_high             1.60 
_reflns_shell.d_res_low              1.69 
_reflns_shell.percent_possible_all   100.0 
_reflns_shell.Rmerge_I_obs           0.39000 
_reflns_shell.pdbx_Rsym_value        ? 
_reflns_shell.meanI_over_sigI_obs    1.910 
_reflns_shell.pdbx_redundancy        7.78 
# 
_refine.pdbx_refine_id                           'X-RAY DIFFRACTION' 
_refine.entry_id                                 1UUX 
_refine.pdbx_diffrn_id                           1 
_refine.pdbx_TLS_residual_ADP_flag               'LIKELY RESIDUAL' 
_refine.ls_number_reflns_obs                     27323 
_refine.ls_number_reflns_all                     ? 
_refine.pdbx_ls_sigma_I                          ? 
_refine.pdbx_ls_sigma_F                          ? 
_refine.pdbx_data_cutoff_high_absF               ? 
_refine.pdbx_data_cutoff_low_absF                ? 
_refine.pdbx_data_cutoff_high_rms_absF           ? 
_refine.ls_d_res_low                             20.00 
_refine.ls_d_res_high                            1.60 
_refine.ls_percent_reflns_obs                    99.9 
_refine.ls_R_factor_obs                          0.165 
_refine.ls_R_factor_all                          ? 
_refine.ls_R_factor_R_work                       0.164 
_refine.ls_R_factor_R_free                       0.191 
_refine.ls_R_factor_R_free_error                 ? 
_refine.ls_R_factor_R_free_error_details         ? 
_refine.ls_percent_reflns_R_free                 5.000 
_refine.ls_number_reflns_R_free                  1429 
_refine.ls_number_parameters                     ? 
_refine.ls_number_restraints                     ? 
_refine.occupancy_min                            ? 
_refine.occupancy_max                            ? 
_refine.correlation_coeff_Fo_to_Fc               0.967 
_refine.correlation_coeff_Fo_to_Fc_free          0.959 
_refine.B_iso_mean                               12.91 
_refine.aniso_B[1][1]                            ? 
_refine.aniso_B[2][2]                            ? 
_refine.aniso_B[3][3]                            ? 
_refine.aniso_B[1][2]                            ? 
_refine.aniso_B[1][3]                            ? 
_refine.aniso_B[2][3]                            ? 
_refine.solvent_model_details                    'BABINET MODEL WITH MASK' 
_refine.solvent_model_param_ksol                 ? 
_refine.solvent_model_param_bsol                 ? 
_refine.pdbx_solvent_vdw_probe_radii             1.40 
_refine.pdbx_solvent_ion_probe_radii             0.80 
_refine.pdbx_solvent_shrinkage_radii             0.80 
_refine.pdbx_ls_cross_valid_method               THROUGHOUT 
_refine.details                                  'HYDROGENS HAVE BEEN ADDED IN THE RIDING POSITIONS' 
_refine.pdbx_starting_model                      'PDB ENTRY 1EAV' 
_refine.pdbx_method_to_determine_struct          'MOLECULAR REPLACEMENT' 
_refine.pdbx_isotropic_thermal_model             ? 
_refine.pdbx_stereochemistry_target_values       'MAXIMUM LIKELIHOOD' 
_refine.pdbx_stereochem_target_val_spec_case     ? 
_refine.pdbx_R_Free_selection_details            RANDOM 
_refine.pdbx_overall_ESU_R                       0.068 
_refine.pdbx_overall_ESU_R_Free                  0.071 
_refine.overall_SU_ML                            0.041 
_refine.pdbx_overall_phase_error                 ? 
_refine.overall_SU_B                             1.138 
_refine.overall_SU_R_Cruickshank_DPI             ? 
_refine.pdbx_overall_SU_R_free_Cruickshank_DPI   ? 
_refine.pdbx_overall_SU_R_Blow_DPI               ? 
_refine.pdbx_overall_SU_R_free_Blow_DPI          ? 
# 
_refine_hist.pdbx_refine_id                   'X-RAY DIFFRACTION' 
_refine_hist.cycle_id                         LAST 
_refine_hist.pdbx_number_atoms_protein        1187 
_refine_hist.pdbx_number_atoms_nucleic_acid   0 
_refine_hist.pdbx_number_atoms_ligand         38 
_refine_hist.number_atoms_solvent             155 
_refine_hist.number_atoms_total               1380 
_refine_hist.d_res_high                       1.60 
_refine_hist.d_res_low                        20.00 
# 
loop_
_refine_ls_restr.type 
_refine_ls_restr.dev_ideal 
_refine_ls_restr.dev_ideal_target 
_refine_ls_restr.weight 
_refine_ls_restr.number 
_refine_ls_restr.pdbx_refine_id 
_refine_ls_restr.pdbx_restraint_function 
r_bond_refined_d             0.014 0.022 ? 1274 'X-RAY DIFFRACTION' ? 
r_bond_other_d               0.002 0.020 ? 1227 'X-RAY DIFFRACTION' ? 
r_angle_refined_deg          1.509 2.023 ? 1731 'X-RAY DIFFRACTION' ? 
r_angle_other_deg            1.107 3.000 ? 2865 'X-RAY DIFFRACTION' ? 
r_dihedral_angle_1_deg       4.972 5.000 ? 162  'X-RAY DIFFRACTION' ? 
r_dihedral_angle_2_deg       ?     ?     ? ?    'X-RAY DIFFRACTION' ? 
r_dihedral_angle_3_deg       ?     ?     ? ?    'X-RAY DIFFRACTION' ? 
r_dihedral_angle_4_deg       ?     ?     ? ?    'X-RAY DIFFRACTION' ? 
r_chiral_restr               0.198 0.200 ? 210  'X-RAY DIFFRACTION' ? 
r_gen_planes_refined         0.006 0.020 ? 1363 'X-RAY DIFFRACTION' ? 
r_gen_planes_other           0.002 0.020 ? 218  'X-RAY DIFFRACTION' ? 
r_nbd_refined                0.210 0.200 ? 266  'X-RAY DIFFRACTION' ? 
r_nbd_other                  0.240 0.200 ? 1421 'X-RAY DIFFRACTION' ? 
r_nbtor_refined              ?     ?     ? ?    'X-RAY DIFFRACTION' ? 
r_nbtor_other                0.083 0.200 ? 756  'X-RAY DIFFRACTION' ? 
r_xyhbond_nbd_refined        0.225 0.200 ? 122  'X-RAY DIFFRACTION' ? 
r_xyhbond_nbd_other          ?     ?     ? ?    'X-RAY DIFFRACTION' ? 
r_metal_ion_refined          ?     ?     ? ?    'X-RAY DIFFRACTION' ? 
r_metal_ion_other            ?     ?     ? ?    'X-RAY DIFFRACTION' ? 
r_symmetry_vdw_refined       0.331 0.200 ? 5    'X-RAY DIFFRACTION' ? 
r_symmetry_vdw_other         0.251 0.200 ? 66   'X-RAY DIFFRACTION' ? 
r_symmetry_hbond_refined     0.311 0.200 ? 30   'X-RAY DIFFRACTION' ? 
r_symmetry_hbond_other       ?     ?     ? ?    'X-RAY DIFFRACTION' ? 
r_symmetry_metal_ion_refined ?     ?     ? ?    'X-RAY DIFFRACTION' ? 
r_symmetry_metal_ion_other   ?     ?     ? ?    'X-RAY DIFFRACTION' ? 
r_mcbond_it                  1.990 5.000 ? 810  'X-RAY DIFFRACTION' ? 
r_mcbond_other               ?     ?     ? ?    'X-RAY DIFFRACTION' ? 
r_mcangle_it                 3.174 6.000 ? 1320 'X-RAY DIFFRACTION' ? 
r_mcangle_other              ?     ?     ? ?    'X-RAY DIFFRACTION' ? 
r_scbond_it                  3.840 6.000 ? 464  'X-RAY DIFFRACTION' ? 
r_scbond_other               ?     ?     ? ?    'X-RAY DIFFRACTION' ? 
r_scangle_it                 6.115 7.500 ? 410  'X-RAY DIFFRACTION' ? 
r_scangle_other              ?     ?     ? ?    'X-RAY DIFFRACTION' ? 
r_long_range_B_refined       ?     ?     ? ?    'X-RAY DIFFRACTION' ? 
r_long_range_B_other         ?     ?     ? ?    'X-RAY DIFFRACTION' ? 
r_rigid_bond_restr           ?     ?     ? ?    'X-RAY DIFFRACTION' ? 
r_sphericity_free            ?     ?     ? ?    'X-RAY DIFFRACTION' ? 
r_sphericity_bonded          ?     ?     ? ?    'X-RAY DIFFRACTION' ? 
# 
_refine_ls_shell.pdbx_refine_id                   'X-RAY DIFFRACTION' 
_refine_ls_shell.pdbx_total_number_of_bins_used   20 
_refine_ls_shell.d_res_high                       1.60 
_refine_ls_shell.d_res_low                        1.64 
_refine_ls_shell.number_reflns_R_work             1946 
_refine_ls_shell.R_factor_R_work                  0.2430 
_refine_ls_shell.percent_reflns_obs               ? 
_refine_ls_shell.R_factor_R_free                  0.2860 
_refine_ls_shell.R_factor_R_free_error            ? 
_refine_ls_shell.percent_reflns_R_free            ? 
_refine_ls_shell.number_reflns_R_free             108 
_refine_ls_shell.number_reflns_all                ? 
_refine_ls_shell.R_factor_all                     ? 
# 
_struct.entry_id                  1UUX 
_struct.title                     'Structure of a molybdopterin-bound cnx1g domain links molybdenum and copper metabolism' 
_struct.pdbx_model_details        ? 
_struct.pdbx_CASP_flag            ? 
_struct.pdbx_model_type_details   ? 
# 
_struct_keywords.entry_id        1UUX 
_struct_keywords.pdbx_keywords   CHELATASE 
_struct_keywords.text            'CHELATASE, MOLYBDENUM COFACTOR BIOSYNTHESIS' 
# 
loop_
_struct_asym.id 
_struct_asym.pdbx_blank_PDB_chainid_flag 
_struct_asym.pdbx_modified 
_struct_asym.entity_id 
_struct_asym.details 
A N N 1 ? 
B N N 2 ? 
C N N 3 ? 
D N N 4 ? 
E N N 5 ? 
F N N 6 ? 
G N N 7 ? 
# 
_struct_biol.id   1 
# 
loop_
_struct_conf.conf_type_id 
_struct_conf.id 
_struct_conf.pdbx_PDB_helix_id 
_struct_conf.beg_label_comp_id 
_struct_conf.beg_label_asym_id 
_struct_conf.beg_label_seq_id 
_struct_conf.pdbx_beg_PDB_ins_code 
_struct_conf.end_label_comp_id 
_struct_conf.end_label_asym_id 
_struct_conf.end_label_seq_id 
_struct_conf.pdbx_end_PDB_ins_code 
_struct_conf.beg_auth_comp_id 
_struct_conf.beg_auth_asym_id 
_struct_conf.beg_auth_seq_id 
_struct_conf.end_auth_comp_id 
_struct_conf.end_auth_asym_id 
_struct_conf.end_auth_seq_id 
_struct_conf.pdbx_PDB_helix_class 
_struct_conf.details 
_struct_conf.pdbx_PDB_helix_length 
HELX_P HELX_P1 1 SER A 14  ? ALA A 19  ? SER A 14  ALA A 19  1 ? 6  
HELX_P HELX_P2 2 ARG A 25  ? SER A 37  ? ARG A 25  SER A 37  1 ? 13 
HELX_P HELX_P3 3 GLU A 55  ? VAL A 69  ? GLU A 55  VAL A 69  1 ? 15 
HELX_P HELX_P4 4 VAL A 88  ? ILE A 97  ? VAL A 88  ILE A 97  1 ? 10 
HELX_P HELX_P5 5 THR A 101 ? THR A 116 ? THR A 101 THR A 116 1 ? 16 
HELX_P HELX_P6 6 PRO A 117 ? SER A 122 ? PRO A 117 SER A 122 5 ? 6  
HELX_P HELX_P7 7 ASN A 140 ? ALA A 163 ? ASN A 140 ALA A 163 1 ? 24 
# 
_struct_conf_type.id          HELX_P 
_struct_conf_type.criteria    ? 
_struct_conf_type.reference   ? 
# 
loop_
_struct_conn.id 
_struct_conn.conn_type_id 
_struct_conn.pdbx_leaving_atom_flag 
_struct_conn.pdbx_PDB_id 
_struct_conn.ptnr1_label_asym_id 
_struct_conn.ptnr1_label_comp_id 
_struct_conn.ptnr1_label_seq_id 
_struct_conn.ptnr1_label_atom_id 
_struct_conn.pdbx_ptnr1_label_alt_id 
_struct_conn.pdbx_ptnr1_PDB_ins_code 
_struct_conn.pdbx_ptnr1_standard_comp_id 
_struct_conn.ptnr1_symmetry 
_struct_conn.ptnr2_label_asym_id 
_struct_conn.ptnr2_label_comp_id 
_struct_conn.ptnr2_label_seq_id 
_struct_conn.ptnr2_label_atom_id 
_struct_conn.pdbx_ptnr2_label_alt_id 
_struct_conn.pdbx_ptnr2_PDB_ins_code 
_struct_conn.ptnr1_auth_asym_id 
_struct_conn.ptnr1_auth_comp_id 
_struct_conn.ptnr1_auth_seq_id 
_struct_conn.ptnr2_auth_asym_id 
_struct_conn.ptnr2_auth_comp_id 
_struct_conn.ptnr2_auth_seq_id 
_struct_conn.ptnr2_symmetry 
_struct_conn.pdbx_ptnr3_label_atom_id 
_struct_conn.pdbx_ptnr3_label_seq_id 
_struct_conn.pdbx_ptnr3_label_comp_id 
_struct_conn.pdbx_ptnr3_label_asym_id 
_struct_conn.pdbx_ptnr3_label_alt_id 
_struct_conn.pdbx_ptnr3_PDB_ins_code 
_struct_conn.details 
_struct_conn.pdbx_dist_value 
_struct_conn.pdbx_value_order 
_struct_conn.pdbx_role 
metalc1 metalc ? ? B MTE . "S1'" ? ? ? 1_555 F CU1 . CU ? ? A MTE 1164 A CU1 1168 1_555  ? ? ? ? ? ? ? 2.263 ? ? 
metalc2 metalc ? ? B MTE . "S2'" ? ? ? 1_555 F CU1 . CU ? ? A MTE 1164 A CU1 1168 1_555  ? ? ? ? ? ? ? 2.276 ? ? 
metalc3 metalc ? ? F CU1 . CU    ? ? ? 1_555 G HOH . O  ? ? A CU1 1168 A HOH 2063 35_466 ? ? ? ? ? ? ? 2.534 ? ? 
metalc4 metalc ? ? F CU1 . CU    ? ? ? 1_555 G HOH . O  ? ? A CU1 1168 A HOH 2150 35_466 ? ? ? ? ? ? ? 2.584 ? ? 
# 
_struct_conn_type.id          metalc 
_struct_conn_type.criteria    ? 
_struct_conn_type.reference   ? 
# 
_struct_sheet.id               AA 
_struct_sheet.type             ? 
_struct_sheet.number_strands   6 
_struct_sheet.details          ? 
# 
loop_
_struct_sheet_order.sheet_id 
_struct_sheet_order.range_id_1 
_struct_sheet_order.range_id_2 
_struct_sheet_order.offset 
_struct_sheet_order.sense 
AA 1 2 ? parallel      
AA 2 3 ? parallel      
AA 3 4 ? parallel      
AA 4 5 ? anti-parallel 
AA 5 6 ? anti-parallel 
# 
loop_
_struct_sheet_range.sheet_id 
_struct_sheet_range.id 
_struct_sheet_range.beg_label_comp_id 
_struct_sheet_range.beg_label_asym_id 
_struct_sheet_range.beg_label_seq_id 
_struct_sheet_range.pdbx_beg_PDB_ins_code 
_struct_sheet_range.end_label_comp_id 
_struct_sheet_range.end_label_asym_id 
_struct_sheet_range.end_label_seq_id 
_struct_sheet_range.pdbx_end_PDB_ins_code 
_struct_sheet_range.beg_auth_comp_id 
_struct_sheet_range.beg_auth_asym_id 
_struct_sheet_range.beg_auth_seq_id 
_struct_sheet_range.end_auth_comp_id 
_struct_sheet_range.end_auth_asym_id 
_struct_sheet_range.end_auth_seq_id 
AA 1 ALA A 44  ? VAL A 52  ? ALA A 44  VAL A 52  
AA 2 TYR A 6   ? VAL A 13  ? TYR A 6   VAL A 13  
AA 3 LEU A 74  ? LEU A 78  ? LEU A 74  LEU A 78  
AA 4 THR A 132 ? MET A 137 ? THR A 132 MET A 137 
AA 5 ALA A 126 ? ARG A 129 ? ALA A 126 ARG A 129 
AA 6 ARG A 99  ? GLU A 100 ? ARG A 99  GLU A 100 
# 
loop_
_pdbx_struct_sheet_hbond.sheet_id 
_pdbx_struct_sheet_hbond.range_id_1 
_pdbx_struct_sheet_hbond.range_id_2 
_pdbx_struct_sheet_hbond.range_1_label_atom_id 
_pdbx_struct_sheet_hbond.range_1_label_comp_id 
_pdbx_struct_sheet_hbond.range_1_label_asym_id 
_pdbx_struct_sheet_hbond.range_1_label_seq_id 
_pdbx_struct_sheet_hbond.range_1_PDB_ins_code 
_pdbx_struct_sheet_hbond.range_1_auth_atom_id 
_pdbx_struct_sheet_hbond.range_1_auth_comp_id 
_pdbx_struct_sheet_hbond.range_1_auth_asym_id 
_pdbx_struct_sheet_hbond.range_1_auth_seq_id 
_pdbx_struct_sheet_hbond.range_2_label_atom_id 
_pdbx_struct_sheet_hbond.range_2_label_comp_id 
_pdbx_struct_sheet_hbond.range_2_label_asym_id 
_pdbx_struct_sheet_hbond.range_2_label_seq_id 
_pdbx_struct_sheet_hbond.range_2_PDB_ins_code 
_pdbx_struct_sheet_hbond.range_2_auth_atom_id 
_pdbx_struct_sheet_hbond.range_2_auth_comp_id 
_pdbx_struct_sheet_hbond.range_2_auth_asym_id 
_pdbx_struct_sheet_hbond.range_2_auth_seq_id 
AA 1 2 N LYS A 45  ? N LYS A 45  O TYR A 6   ? O TYR A 6   
AA 2 3 N ALA A 9   ? N ALA A 9   O LEU A 74  ? O LEU A 74  
AA 3 4 N ILE A 75  ? N ILE A 75  O LEU A 133 ? O LEU A 133 
AA 4 5 N ILE A 134 ? N ILE A 134 O GLY A 127 ? O GLY A 127 
AA 5 6 N ILE A 128 ? N ILE A 128 O ARG A 99  ? O ARG A 99  
# 
loop_
_struct_site.id 
_struct_site.pdbx_evidence_code 
_struct_site.pdbx_auth_asym_id 
_struct_site.pdbx_auth_comp_id 
_struct_site.pdbx_auth_seq_id 
_struct_site.pdbx_auth_ins_code 
_struct_site.pdbx_num_residues 
_struct_site.details 
AC1 Software ? ? ? ? 4  'BINDING SITE FOR RESIDUE CU1 A1168' 
AC2 Software ? ? ? ? 17 'BINDING SITE FOR RESIDUE MTE A1164' 
AC3 Software ? ? ? ? 6  'BINDING SITE FOR RESIDUE PPI A1165' 
AC4 Software ? ? ? ? 3  'BINDING SITE FOR RESIDUE IMD A1166' 
AC5 Software ? ? ? ? 5  'BINDING SITE FOR RESIDUE FMT A1167' 
# 
loop_
_struct_site_gen.id 
_struct_site_gen.site_id 
_struct_site_gen.pdbx_num_res 
_struct_site_gen.label_comp_id 
_struct_site_gen.label_asym_id 
_struct_site_gen.label_seq_id 
_struct_site_gen.pdbx_auth_ins_code 
_struct_site_gen.auth_comp_id 
_struct_site_gen.auth_asym_id 
_struct_site_gen.auth_seq_id 
_struct_site_gen.label_atom_id 
_struct_site_gen.label_alt_id 
_struct_site_gen.symmetry 
_struct_site_gen.details 
1  AC1 4  GLN A 161 ? GLN A 161  . ? 1_555 ? 
2  AC1 4  MTE B .   ? MTE A 1164 . ? 1_555 ? 
3  AC1 4  HOH G .   ? HOH A 2063 . ? 1_555 ? 
4  AC1 4  HOH G .   ? HOH A 2150 . ? 1_555 ? 
5  AC2 17 GLY A 79  ? GLY A 79   . ? 1_555 ? 
6  AC2 17 GLY A 80  ? GLY A 80   . ? 1_555 ? 
7  AC2 17 THR A 81  ? THR A 81   . ? 1_555 ? 
8  AC2 17 GLY A 82  ? GLY A 82   . ? 1_555 ? 
9  AC2 17 ASP A 87  ? ASP A 87   . ? 1_555 ? 
10 AC2 17 SER A 112 ? SER A 112  . ? 1_555 ? 
11 AC2 17 PHE A 118 ? PHE A 118  . ? 1_555 ? 
12 AC2 17 ALA A 119 ? ALA A 119  . ? 1_555 ? 
13 AC2 17 PRO A 138 ? PRO A 138  . ? 1_555 ? 
14 AC2 17 GLY A 139 ? GLY A 139  . ? 1_555 ? 
15 AC2 17 ASN A 140 ? ASN A 140  . ? 1_555 ? 
16 AC2 17 ALA A 143 ? ALA A 143  . ? 1_555 ? 
17 AC2 17 GLU A 146 ? GLU A 146  . ? 1_555 ? 
18 AC2 17 GLN A 161 ? GLN A 161  . ? 1_555 ? 
19 AC2 17 CU1 F .   ? CU1 A 1168 . ? 1_555 ? 
20 AC2 17 HOH G .   ? HOH A 2096 . ? 1_555 ? 
21 AC2 17 HOH G .   ? HOH A 2153 . ? 1_555 ? 
22 AC3 6  GLY A 20  ? GLY A 20   . ? 1_555 ? 
23 AC3 6  GLY A 22  ? GLY A 22   . ? 1_555 ? 
24 AC3 6  PRO A 23  ? PRO A 23   . ? 1_555 ? 
25 AC3 6  ILE A 62  ? ILE A 62   . ? 1_555 ? 
26 AC3 6  LYS A 65  ? LYS A 65   . ? 1_555 ? 
27 AC3 6  TRP A 66  ? TRP A 66   . ? 1_555 ? 
28 AC4 3  LEU A 105 ? LEU A 105  . ? 1_555 ? 
29 AC4 3  PHE A 106 ? PHE A 106  . ? 1_555 ? 
30 AC4 3  FMT E .   ? FMT A 1167 . ? 1_555 ? 
31 AC5 5  PRO A 102 ? PRO A 102  . ? 1_555 ? 
32 AC5 5  LEU A 105 ? LEU A 105  . ? 1_555 ? 
33 AC5 5  IMD D .   ? IMD A 1166 . ? 1_555 ? 
34 AC5 5  HOH G .   ? HOH A 2154 . ? 1_555 ? 
35 AC5 5  HOH G .   ? HOH A 2155 . ? 1_555 ? 
# 
_atom_sites.entry_id                    1UUX 
_atom_sites.fract_transf_matrix[1][1]   0.00503265 
_atom_sites.fract_transf_matrix[1][2]   0.00282883 
_atom_sites.fract_transf_matrix[1][3]   0.00092607 
_atom_sites.fract_transf_matrix[2][1]   -0.00144124 
_atom_sites.fract_transf_matrix[2][2]   0.00072420 
_atom_sites.fract_transf_matrix[2][3]   0.00562012 
_atom_sites.fract_transf_matrix[3][1]   0.00260436 
_atom_sites.fract_transf_matrix[3][2]   -0.00506564 
_atom_sites.fract_transf_matrix[3][3]   0.00132062 
_atom_sites.fract_transf_vector[1]      0.102470 
_atom_sites.fract_transf_vector[2]      0.670230 
_atom_sites.fract_transf_vector[3]      0.974359 
# 
loop_
_atom_type.symbol 
C  
CU 
N  
O  
P  
S  
# 
loop_
_atom_site.group_PDB 
_atom_site.id 
_atom_site.type_symbol 
_atom_site.label_atom_id 
_atom_site.label_alt_id 
_atom_site.label_comp_id 
_atom_site.label_asym_id 
_atom_site.label_entity_id 
_atom_site.label_seq_id 
_atom_site.pdbx_PDB_ins_code 
_atom_site.Cartn_x 
_atom_site.Cartn_y 
_atom_site.Cartn_z 
_atom_site.occupancy 
_atom_site.B_iso_or_equiv 
_atom_site.pdbx_formal_charge 
_atom_site.auth_seq_id 
_atom_site.auth_comp_id 
_atom_site.auth_asym_id 
_atom_site.auth_atom_id 
_atom_site.pdbx_PDB_model_num 
ATOM   1    N  N     . GLY A 1 3   ? -12.780 -9.275  15.452  1.00 37.90 ? 3    GLY A N     1 
ATOM   2    C  CA    . GLY A 1 3   ? -11.875 -8.497  14.555  1.00 37.06 ? 3    GLY A CA    1 
ATOM   3    C  C     . GLY A 1 3   ? -12.374 -7.085  14.268  1.00 35.85 ? 3    GLY A C     1 
ATOM   4    O  O     . GLY A 1 3   ? -13.475 -6.700  14.686  1.00 37.20 ? 3    GLY A O     1 
ATOM   5    N  N     . PRO A 1 4   ? -11.568 -6.319  13.534  1.00 30.81 ? 4    PRO A N     1 
ATOM   6    C  CA    . PRO A 1 4   ? -11.862 -4.905  13.262  1.00 28.65 ? 4    PRO A CA    1 
ATOM   7    C  C     . PRO A 1 4   ? -12.939 -4.732  12.199  1.00 25.52 ? 4    PRO A C     1 
ATOM   8    O  O     . PRO A 1 4   ? -13.228 -5.681  11.467  1.00 26.75 ? 4    PRO A O     1 
ATOM   9    C  CB    . PRO A 1 4   ? -10.531 -4.390  12.714  1.00 28.15 ? 4    PRO A CB    1 
ATOM   10   C  CG    . PRO A 1 4   ? -9.962  -5.579  11.997  1.00 28.66 ? 4    PRO A CG    1 
ATOM   11   C  CD    . PRO A 1 4   ? -10.323 -6.755  12.867  1.00 32.02 ? 4    PRO A CD    1 
ATOM   12   N  N     . GLU A 1 5   ? -13.479 -3.522  12.080  1.00 21.48 ? 5    GLU A N     1 
ATOM   13   C  CA    . GLU A 1 5   ? -14.411 -3.196  11.004  1.00 24.00 ? 5    GLU A CA    1 
ATOM   14   C  C     . GLU A 1 5   ? -13.696 -3.371  9.671   1.00 21.45 ? 5    GLU A C     1 
ATOM   15   O  O     . GLU A 1 5   ? -14.258 -3.926  8.710   1.00 19.59 ? 5    GLU A O     1 
ATOM   16   C  CB    . GLU A 1 5   ? -14.898 -1.749  11.139  1.00 26.65 ? 5    GLU A CB    1 
ATOM   17   C  CG    . GLU A 1 5   ? -15.940 -1.326  10.115  1.00 33.23 ? 5    GLU A CG    1 
ATOM   18   C  CD    . GLU A 1 5   ? -17.281 -2.000  10.333  1.00 36.78 ? 5    GLU A CD    1 
ATOM   19   O  OE1   . GLU A 1 5   ? -17.559 -2.417  11.482  1.00 40.36 ? 5    GLU A OE1   1 
ATOM   20   O  OE2   . GLU A 1 5   ? -18.050 -2.114  9.354   1.00 41.74 ? 5    GLU A OE2   1 
ATOM   21   N  N     . TYR A 1 6   ? -12.446 -2.914  9.610   1.00 14.17 ? 6    TYR A N     1 
ATOM   22   C  CA    . TYR A 1 6   ? -11.673 -3.051  8.385   1.00 9.94  ? 6    TYR A CA    1 
ATOM   23   C  C     . TYR A 1 6   ? -10.352 -3.743  8.648   1.00 11.23 ? 6    TYR A C     1 
ATOM   24   O  O     . TYR A 1 6   ? -9.574  -3.324  9.498   1.00 12.04 ? 6    TYR A O     1 
ATOM   25   C  CB    . TYR A 1 6   ? -11.404 -1.699  7.712   1.00 11.47 ? 6    TYR A CB    1 
ATOM   26   C  CG    . TYR A 1 6   ? -12.672 -0.947  7.390   1.00 13.01 ? 6    TYR A CG    1 
ATOM   27   C  CD1   . TYR A 1 6   ? -12.962 0.245   8.024   1.00 17.48 ? 6    TYR A CD1   1 
ATOM   28   C  CD2   . TYR A 1 6   ? -13.576 -1.448  6.462   1.00 13.44 ? 6    TYR A CD2   1 
ATOM   29   C  CE1   . TYR A 1 6   ? -14.158 0.943   7.739   1.00 18.48 ? 6    TYR A CE1   1 
ATOM   30   C  CE2   . TYR A 1 6   ? -14.745 -0.772  6.171   1.00 13.87 ? 6    TYR A CE2   1 
ATOM   31   C  CZ    . TYR A 1 6   ? -15.033 0.415   6.819   1.00 16.67 ? 6    TYR A CZ    1 
ATOM   32   O  OH    . TYR A 1 6   ? -16.203 1.108   6.547   1.00 17.79 ? 6    TYR A OH    1 
ATOM   33   N  N     . LYS A 1 7   ? -10.109 -4.801  7.883   1.00 9.45  ? 7    LYS A N     1 
ATOM   34   C  CA    . LYS A 1 7   ? -8.895  -5.584  8.004   1.00 8.10  ? 7    LYS A CA    1 
ATOM   35   C  C     . LYS A 1 7   ? -7.857  -5.043  7.049   1.00 7.61  ? 7    LYS A C     1 
ATOM   36   O  O     . LYS A 1 7   ? -8.056  -5.009  5.834   1.00 8.34  ? 7    LYS A O     1 
ATOM   37   C  CB    . LYS A 1 7   ? -9.139  -7.043  7.657   1.00 9.93  ? 7    LYS A CB    1 
ATOM   38   C  CG    . LYS A 1 7   ? -9.990  -7.790  8.671   1.00 13.62 ? 7    LYS A CG    1 
ATOM   39   C  CD    . LYS A 1 7   ? -10.514 -9.108  8.114   1.00 22.09 ? 7    LYS A CD    1 
ATOM   40   C  CE    . LYS A 1 7   ? -9.406  -10.075 7.738   1.00 28.58 ? 7    LYS A CE    1 
ATOM   41   N  NZ    . LYS A 1 7   ? -9.872  -11.500 7.610   1.00 34.05 ? 7    LYS A NZ    1 
ATOM   42   N  N     . VAL A 1 8   ? -6.718  -4.620  7.590   1.00 6.26  ? 8    VAL A N     1 
ATOM   43   C  CA    . VAL A 1 8   ? -5.666  -4.061  6.792   1.00 6.85  ? 8    VAL A CA    1 
ATOM   44   C  C     . VAL A 1 8   ? -4.478  -5.031  6.793   1.00 6.85  ? 8    VAL A C     1 
ATOM   45   O  O     . VAL A 1 8   ? -4.124  -5.619  7.820   1.00 6.78  ? 8    VAL A O     1 
ATOM   46   C  CB    . VAL A 1 8   ? -5.191  -2.670  7.322   1.00 7.64  ? 8    VAL A CB    1 
ATOM   47   C  CG1   . VAL A 1 8   ? -4.089  -2.098  6.412   1.00 7.38  ? 8    VAL A CG1   1 
ATOM   48   C  CG2   . VAL A 1 8   ? -6.371  -1.695  7.449   1.00 9.17  ? 8    VAL A CG2   1 
ATOM   49   N  N     . ALA A 1 9   ? -3.853  -5.175  5.640   1.00 6.75  ? 9    ALA A N     1 
ATOM   50   C  CA    . ALA A 1 9   ? -2.645  -5.978  5.495   1.00 7.56  ? 9    ALA A CA    1 
ATOM   51   C  C     . ALA A 1 9   ? -1.572  -5.150  4.802   1.00 9.33  ? 9    ALA A C     1 
ATOM   52   O  O     . ALA A 1 9   ? -1.879  -4.336  3.931   1.00 10.35 ? 9    ALA A O     1 
ATOM   53   C  CB    . ALA A 1 9   ? -2.953  -7.229  4.683   1.00 9.08  ? 9    ALA A CB    1 
ATOM   54   N  N     . ILE A 1 10  ? -0.327  -5.312  5.237   1.00 7.33  ? 10   ILE A N     1 
ATOM   55   C  CA    . ILE A 1 10  ? 0.788   -4.524  4.750   1.00 7.91  ? 10   ILE A CA    1 
ATOM   56   C  C     . ILE A 1 10  ? 1.821   -5.466  4.124   1.00 8.13  ? 10   ILE A C     1 
ATOM   57   O  O     . ILE A 1 10  ? 2.334   -6.358  4.782   1.00 9.11  ? 10   ILE A O     1 
ATOM   58   C  CB    . ILE A 1 10  ? 1.472   -3.736  5.884   1.00 9.59  ? 10   ILE A CB    1 
ATOM   59   C  CG1   . ILE A 1 10  ? 0.492   -2.991  6.759   1.00 17.11 ? 10   ILE A CG1   1 
ATOM   60   C  CG2   . ILE A 1 10  ? 2.541   -2.785  5.278   1.00 11.32 ? 10   ILE A CG2   1 
ATOM   61   C  CD1   . ILE A 1 10  ? -0.163  -1.897  6.139   1.00 15.68 ? 10   ILE A CD1   1 
ATOM   62   N  N     . LEU A 1 11  ? 2.119   -5.225  2.853   1.00 7.09  ? 11   LEU A N     1 
ATOM   63   C  CA    . LEU A 1 11  ? 3.094   -5.996  2.084   1.00 8.13  ? 11   LEU A CA    1 
ATOM   64   C  C     . LEU A 1 11  ? 4.331   -5.166  1.839   1.00 9.24  ? 11   LEU A C     1 
ATOM   65   O  O     . LEU A 1 11  ? 4.293   -4.179  1.092   1.00 9.35  ? 11   LEU A O     1 
ATOM   66   C  CB    . LEU A 1 11  ? 2.531   -6.383  0.717   1.00 9.60  ? 11   LEU A CB    1 
ATOM   67   C  CG    . LEU A 1 11  ? 3.419   -7.290  -0.107  1.00 10.80 ? 11   LEU A CG    1 
ATOM   68   C  CD1   . LEU A 1 11  ? 3.595   -8.657  0.586   1.00 11.03 ? 11   LEU A CD1   1 
ATOM   69   C  CD2   . LEU A 1 11  ? 2.810   -7.440  -1.493  1.00 12.59 ? 11   LEU A CD2   1 
ATOM   70   N  N     . THR A 1 12  ? 5.439   -5.564  2.440   1.00 8.92  ? 12   THR A N     1 
ATOM   71   C  CA    . THR A 1 12  ? 6.743   -4.943  2.154   1.00 7.61  ? 12   THR A CA    1 
ATOM   72   C  C     . THR A 1 12  ? 7.340   -5.647  0.968   1.00 8.66  ? 12   THR A C     1 
ATOM   73   O  O     . THR A 1 12  ? 7.447   -6.872  0.957   1.00 9.68  ? 12   THR A O     1 
ATOM   74   C  CB    . THR A 1 12  ? 7.657   -5.048  3.358   1.00 8.36  ? 12   THR A CB    1 
ATOM   75   O  OG1   . THR A 1 12  ? 7.106   -4.269  4.439   1.00 8.68  ? 12   THR A OG1   1 
ATOM   76   C  CG2   . THR A 1 12  ? 9.051   -4.452  3.083   1.00 8.56  ? 12   THR A CG2   1 
ATOM   77   N  N     . VAL A 1 13  ? 7.717   -4.873  -0.038  1.00 7.45  ? 13   VAL A N     1 
ATOM   78   C  CA    . VAL A 1 13  ? 8.276   -5.419  -1.265  1.00 8.49  ? 13   VAL A CA    1 
ATOM   79   C  C     . VAL A 1 13  ? 9.724   -4.985  -1.310  1.00 8.89  ? 13   VAL A C     1 
ATOM   80   O  O     . VAL A 1 13  ? 10.053  -3.786  -1.428  1.00 10.86 ? 13   VAL A O     1 
ATOM   81   C  CB    . VAL A 1 13  ? 7.534   -4.940  -2.507  1.00 9.30  ? 13   VAL A CB    1 
ATOM   82   C  CG1   . VAL A 1 13  ? 8.171   -5.598  -3.746  1.00 8.10  ? 13   VAL A CG1   1 
ATOM   83   C  CG2   . VAL A 1 13  ? 6.031   -5.235  -2.390  1.00 11.00 ? 13   VAL A CG2   1 
ATOM   84   N  N     . SER A 1 14  ? 10.619  -5.954  -1.176  1.00 8.30  ? 14   SER A N     1 
ATOM   85   C  CA    . SER A 1 14  ? 12.035  -5.681  -1.065  1.00 9.95  ? 14   SER A CA    1 
ATOM   86   C  C     . SER A 1 14  ? 12.876  -6.941  -1.222  1.00 8.15  ? 14   SER A C     1 
ATOM   87   O  O     . SER A 1 14  ? 12.814  -7.840  -0.369  1.00 8.94  ? 14   SER A O     1 
ATOM   88   C  CB    . SER A 1 14  ? 12.369  -5.089  0.312   1.00 9.94  ? 14   SER A CB    1 
ATOM   89   O  OG    . SER A 1 14  ? 13.792  -4.907  0.463   1.00 11.53 ? 14   SER A OG    1 
ATOM   90   N  N     . ASP A 1 15  ? 13.730  -6.986  -2.252  1.00 10.86 ? 15   ASP A N     1 
ATOM   91   C  CA    . ASP A 1 15  ? 14.724  -8.069  -2.363  1.00 9.25  ? 15   ASP A CA    1 
ATOM   92   C  C     . ASP A 1 15  ? 15.587  -8.182  -1.097  1.00 11.24 ? 15   ASP A C     1 
ATOM   93   O  O     . ASP A 1 15  ? 15.838  -9.284  -0.595  1.00 11.04 ? 15   ASP A O     1 
ATOM   94   C  CB    . ASP A 1 15  ? 15.670  -7.826  -3.539  1.00 10.71 ? 15   ASP A CB    1 
ATOM   95   C  CG    . ASP A 1 15  ? 15.085  -8.221  -4.875  1.00 14.97 ? 15   ASP A CG    1 
ATOM   96   O  OD1   . ASP A 1 15  ? 14.091  -8.956  -4.925  1.00 12.46 ? 15   ASP A OD1   1 
ATOM   97   O  OD2   . ASP A 1 15  ? 15.602  -7.842  -5.962  1.00 19.93 ? 15   ASP A OD2   1 
ATOM   98   N  N     . THR A 1 16  ? 16.038  -7.026  -0.614  1.00 10.52 ? 16   THR A N     1 
ATOM   99   C  CA    . THR A 1 16  ? 16.933  -6.937  0.541   1.00 11.95 ? 16   THR A CA    1 
ATOM   100  C  C     . THR A 1 16  ? 16.290  -7.524  1.792   1.00 12.33 ? 16   THR A C     1 
ATOM   101  O  O     . THR A 1 16  ? 16.845  -8.390  2.425   1.00 11.00 ? 16   THR A O     1 
ATOM   102  C  CB    . THR A 1 16  ? 17.298  -5.465  0.783   1.00 14.94 ? 16   THR A CB    1 
ATOM   103  O  OG1   . THR A 1 16  ? 18.086  -4.981  -0.311  1.00 23.39 ? 16   THR A OG1   1 
ATOM   104  C  CG2   . THR A 1 16  ? 18.234  -5.299  1.981   1.00 17.73 ? 16   THR A CG2   1 
ATOM   105  N  N     . VAL A 1 17  ? 15.097  -7.060  2.134   1.00 10.11 ? 17   VAL A N     1 
ATOM   106  C  CA    . VAL A 1 17  ? 14.431  -7.577  3.334   1.00 11.31 ? 17   VAL A CA    1 
ATOM   107  C  C     . VAL A 1 17  ? 14.092  -9.054  3.174   1.00 11.88 ? 17   VAL A C     1 
ATOM   108  O  O     . VAL A 1 17  ? 14.286  -9.864  4.098   1.00 12.50 ? 17   VAL A O     1 
ATOM   109  C  CB    . VAL A 1 17  ? 13.154  -6.755  3.693   1.00 12.63 ? 17   VAL A CB    1 
ATOM   110  C  CG1   . VAL A 1 17  ? 12.513  -7.277  5.007   1.00 14.46 ? 17   VAL A CG1   1 
ATOM   111  C  CG2   . VAL A 1 17  ? 13.495  -5.263  3.826   1.00 13.05 ? 17   VAL A CG2   1 
ATOM   112  N  N     . SER A 1 18  ? 13.619  -9.408  1.982   1.00 11.13 ? 18   SER A N     1 
ATOM   113  C  CA    . SER A 1 18  ? 13.179  -10.769 1.713   1.00 14.75 ? 18   SER A CA    1 
ATOM   114  C  C     . SER A 1 18  ? 14.346  -11.743 1.822   1.00 13.40 ? 18   SER A C     1 
ATOM   115  O  O     . SER A 1 18  ? 14.150  -12.861 2.288   1.00 16.99 ? 18   SER A O     1 
ATOM   116  C  CB    . SER A 1 18  ? 12.565  -10.865 0.309   1.00 17.05 ? 18   SER A CB    1 
ATOM   117  O  OG    . SER A 1 18  ? 12.023  -12.160 0.119   1.00 19.54 ? 18   SER A OG    1 
ATOM   118  N  N     . ALA A 1 19  ? 15.548  -11.306 1.451   1.00 13.57 ? 19   ALA A N     1 
ATOM   119  C  CA    . ALA A 1 19  ? 16.761  -12.141 1.497   1.00 15.62 ? 19   ALA A CA    1 
ATOM   120  C  C     . ALA A 1 19  ? 17.382  -12.186 2.897   1.00 17.36 ? 19   ALA A C     1 
ATOM   121  O  O     . ALA A 1 19  ? 18.369  -12.882 3.130   1.00 17.71 ? 19   ALA A O     1 
ATOM   122  C  CB    . ALA A 1 19  ? 17.772  -11.640 0.534   1.00 16.62 ? 19   ALA A CB    1 
ATOM   123  N  N     . GLY A 1 20  ? 16.830  -11.421 3.821   1.00 16.84 ? 20   GLY A N     1 
ATOM   124  C  CA    . GLY A 1 20  ? 17.373  -11.343 5.164   1.00 17.12 ? 20   GLY A CA    1 
ATOM   125  C  C     . GLY A 1 20  ? 18.644  -10.521 5.244   1.00 15.95 ? 20   GLY A C     1 
ATOM   126  O  O     . GLY A 1 20  ? 19.454  -10.699 6.168   1.00 18.69 ? 20   GLY A O     1 
ATOM   127  N  N     . ALA A 1 21  ? 18.834  -9.620  4.289   1.00 13.39 ? 21   ALA A N     1 
ATOM   128  C  CA    . ALA A 1 21  ? 20.008  -8.768  4.203   1.00 16.60 ? 21   ALA A CA    1 
ATOM   129  C  C     . ALA A 1 21  ? 19.858  -7.453  4.965   1.00 16.84 ? 21   ALA A C     1 
ATOM   130  O  O     . ALA A 1 21  ? 20.835  -6.740  5.194   1.00 20.65 ? 21   ALA A O     1 
ATOM   131  C  CB    . ALA A 1 21  ? 20.357  -8.495  2.742   1.00 19.01 ? 21   ALA A CB    1 
ATOM   132  N  N     . GLY A 1 22  ? 18.632  -7.139  5.363   1.00 17.36 ? 22   GLY A N     1 
ATOM   133  C  CA    . GLY A 1 22  ? 18.367  -5.962  6.170   1.00 13.48 ? 22   GLY A CA    1 
ATOM   134  C  C     . GLY A 1 22  ? 17.008  -6.115  6.821   1.00 12.92 ? 22   GLY A C     1 
ATOM   135  O  O     . GLY A 1 22  ? 16.214  -6.969  6.413   1.00 11.18 ? 22   GLY A O     1 
ATOM   136  N  N     . PRO A 1 23  ? 16.712  -5.275  7.801   1.00 9.58  ? 23   PRO A N     1 
ATOM   137  C  CA    . PRO A 1 23  ? 15.398  -5.331  8.436   1.00 8.52  ? 23   PRO A CA    1 
ATOM   138  C  C     . PRO A 1 23  ? 14.404  -4.549  7.638   1.00 8.30  ? 23   PRO A C     1 
ATOM   139  O  O     . PRO A 1 23  ? 14.745  -3.730  6.760   1.00 9.65  ? 23   PRO A O     1 
ATOM   140  C  CB    . PRO A 1 23  ? 15.619  -4.641  9.763   1.00 11.32 ? 23   PRO A CB    1 
ATOM   141  C  CG    . PRO A 1 23  ? 16.616  -3.595  9.456   1.00 12.61 ? 23   PRO A CG    1 
ATOM   142  C  CD    . PRO A 1 23  ? 17.539  -4.197  8.369   1.00 9.92  ? 23   PRO A CD    1 
ATOM   143  N  N     . ASP A 1 24  ? 13.147  -4.776  7.964   1.00 6.96  ? 24   ASP A N     1 
ATOM   144  C  CA    . ASP A 1 24  ? 12.078  -3.974  7.460   1.00 5.43  ? 24   ASP A CA    1 
ATOM   145  C  C     . ASP A 1 24  ? 11.922  -2.687  8.275   1.00 6.80  ? 24   ASP A C     1 
ATOM   146  O  O     . ASP A 1 24  ? 11.551  -2.743  9.435   1.00 6.79  ? 24   ASP A O     1 
ATOM   147  C  CB    . ASP A 1 24  ? 10.776  -4.775  7.459   1.00 8.15  ? 24   ASP A CB    1 
ATOM   148  C  CG    . ASP A 1 24  ? 9.672   -4.099  6.727   1.00 9.09  ? 24   ASP A CG    1 
ATOM   149  O  OD1   . ASP A 1 24  ? 8.574   -4.693  6.619   1.00 11.18 ? 24   ASP A OD1   1 
ATOM   150  O  OD2   . ASP A 1 24  ? 9.755   -2.951  6.260   1.00 9.93  ? 24   ASP A OD2   1 
ATOM   151  N  N     . ARG A 1 25  ? 12.223  -1.530  7.661   1.00 7.36  ? 25   ARG A N     1 
ATOM   152  C  CA    . ARG A 1 25  ? 12.053  -0.233  8.332   1.00 8.85  ? 25   ARG A CA    1 
ATOM   153  C  C     . ARG A 1 25  ? 10.752  0.487   7.933   1.00 9.09  ? 25   ARG A C     1 
ATOM   154  O  O     . ARG A 1 25  ? 10.260  1.336   8.667   1.00 14.77 ? 25   ARG A O     1 
ATOM   155  C  CB    . ARG A 1 25  ? 13.315  0.640   8.089   1.00 11.33 ? 25   ARG A CB    1 
ATOM   156  C  CG    . ARG A 1 25  ? 14.560  -0.010  8.648   1.00 13.08 ? 25   ARG A CG    1 
ATOM   157  C  CD    . ARG A 1 25  ? 15.818  0.868   8.692   1.00 20.86 ? 25   ARG A CD    1 
ATOM   158  N  NE    . ARG A 1 25  ? 16.909  0.218   9.439   1.00 26.80 ? 25   ARG A NE    1 
ATOM   159  C  CZ    . ARG A 1 25  ? 17.140  0.356   10.751  1.00 30.97 ? 25   ARG A CZ    1 
ATOM   160  N  NH1   . ARG A 1 25  ? 16.353  1.113   11.519  1.00 32.03 ? 25   ARG A NH1   1 
ATOM   161  N  NH2   . ARG A 1 25  ? 18.167  -0.291  11.313  1.00 33.09 ? 25   ARG A NH2   1 
ATOM   162  N  N     . SER A 1 26  ? 10.162  0.096   6.814   1.00 9.58  ? 26   SER A N     1 
ATOM   163  C  CA    . SER A 1 26  ? 8.926   0.692   6.307   1.00 8.51  ? 26   SER A CA    1 
ATOM   164  C  C     . SER A 1 26  ? 7.694   0.061   6.919   1.00 7.87  ? 26   SER A C     1 
ATOM   165  O  O     . SER A 1 26  ? 6.730   0.742   7.292   1.00 9.95  ? 26   SER A O     1 
ATOM   166  C  CB    . SER A 1 26  ? 8.860   0.565   4.782   1.00 15.14 ? 26   SER A CB    1 
ATOM   167  O  OG    . SER A 1 26  ? 10.056  1.088   4.232   1.00 21.82 ? 26   SER A OG    1 
ATOM   168  N  N     . GLY A 1 27  ? 7.661   -1.259  6.920   1.00 7.26  ? 27   GLY A N     1 
ATOM   169  C  CA    . GLY A 1 27  ? 6.545   -1.994  7.498   1.00 7.82  ? 27   GLY A CA    1 
ATOM   170  C  C     . GLY A 1 27  ? 6.085   -1.499  8.865   1.00 6.66  ? 27   GLY A C     1 
ATOM   171  O  O     . GLY A 1 27  ? 4.883   -1.249  9.042   1.00 8.11  ? 27   GLY A O     1 
ATOM   172  N  N     . PRO A 1 28  ? 6.971   -1.415  9.854   1.00 6.01  ? 28   PRO A N     1 
ATOM   173  C  CA    . PRO A 1 28  ? 6.551   -0.938  11.181  1.00 6.98  ? 28   PRO A CA    1 
ATOM   174  C  C     . PRO A 1 28  ? 5.981   0.471   11.162  1.00 7.69  ? 28   PRO A C     1 
ATOM   175  O  O     . PRO A 1 28  ? 5.058   0.755   11.912  1.00 7.04  ? 28   PRO A O     1 
ATOM   176  C  CB    . PRO A 1 28  ? 7.807   -1.045  12.024  1.00 7.23  ? 28   PRO A CB    1 
ATOM   177  C  CG    . PRO A 1 28  ? 8.950   -1.163  11.024  1.00 7.06  ? 28   PRO A CG    1 
ATOM   178  C  CD    . PRO A 1 28  ? 8.388   -1.833  9.866   1.00 6.34  ? 28   PRO A CD    1 
ATOM   179  N  N     . ARG A 1 29  ? 6.514   1.332   10.298  1.00 8.17  ? 29   ARG A N     1 
ATOM   180  C  CA    . ARG A 1 29  ? 5.991   2.688   10.203  1.00 11.16 ? 29   ARG A CA    1 
ATOM   181  C  C     . ARG A 1 29  ? 4.581   2.696   9.638   1.00 7.27  ? 29   ARG A C     1 
ATOM   182  O  O     . ARG A 1 29  ? 3.702   3.427   10.148  1.00 10.74 ? 29   ARG A O     1 
ATOM   183  C  CB    . ARG A 1 29  ? 6.957   3.574   9.385   1.00 9.80  ? 29   ARG A CB    1 
ATOM   184  C  CG    . ARG A 1 29  ? 8.363   3.735   10.015  1.00 22.21 ? 29   ARG A CG    1 
ATOM   185  C  CD    . ARG A 1 29  ? 8.512   3.513   11.557  1.00 26.29 ? 29   ARG A CD    1 
ATOM   186  N  NE    . ARG A 1 29  ? 7.707   4.473   12.321  1.00 29.27 ? 29   ARG A NE    1 
ATOM   187  C  CZ    . ARG A 1 29  ? 7.001   4.205   13.425  1.00 30.06 ? 29   ARG A CZ    1 
ATOM   188  N  NH1   . ARG A 1 29  ? 6.998   2.981   13.974  1.00 24.98 ? 29   ARG A NH1   1 
ATOM   189  N  NH2   . ARG A 1 29  ? 6.298   5.187   13.995  1.00 25.12 ? 29   ARG A NH2   1 
ATOM   190  N  N     . ALA A 1 30  ? 4.315   1.838   8.642   1.00 7.28  ? 30   ALA A N     1 
ATOM   191  C  CA    . ALA A 1 30  ? 2.986   1.692   8.057   1.00 8.59  ? 30   ALA A CA    1 
ATOM   192  C  C     . ALA A 1 30  ? 1.968   1.159   9.072   1.00 6.93  ? 30   ALA A C     1 
ATOM   193  O  O     . ALA A 1 30  ? 0.847   1.651   9.194   1.00 7.97  ? 30   ALA A O     1 
ATOM   194  C  CB    . ALA A 1 30  ? 3.016   0.783   6.824   1.00 11.18 ? 30   ALA A CB    1 
ATOM   195  N  N     . VAL A 1 31  ? 2.373   0.151   9.848   1.00 6.28  ? 31   VAL A N     1 
ATOM   196  C  CA    . VAL A 1 31  ? 1.504   -0.374  10.876  1.00 7.36  ? 31   VAL A CA    1 
ATOM   197  C  C     . VAL A 1 31  ? 1.167   0.716   11.895  1.00 8.73  ? 31   VAL A C     1 
ATOM   198  O  O     . VAL A 1 31  ? 0.018   0.880   12.309  1.00 9.58  ? 31   VAL A O     1 
ATOM   199  C  CB    . VAL A 1 31  ? 2.120   -1.595  11.597  1.00 5.94  ? 31   VAL A CB    1 
ATOM   200  C  CG1   . VAL A 1 31  ? 1.234   -2.031  12.742  1.00 7.26  ? 31   VAL A CG1   1 
ATOM   201  C  CG2   . VAL A 1 31  ? 2.353   -2.753  10.600  1.00 7.44  ? 31   VAL A CG2   1 
ATOM   202  N  N     . SER A 1 32  ? 2.174   1.457   12.323  1.00 5.46  ? 32   SER A N     1 
ATOM   203  C  CA    . SER A 1 32  ? 2.016   2.503   13.308  1.00 5.93  ? 32   SER A CA    1 
ATOM   204  C  C     . SER A 1 32  ? 1.058   3.587   12.822  1.00 6.94  ? 32   SER A C     1 
ATOM   205  O  O     . SER A 1 32  ? 0.193   4.020   13.586  1.00 7.23  ? 32   SER A O     1 
ATOM   206  C  CB    A SER A 1 32  ? 3.377   3.128   13.606  0.50 8.41  ? 32   SER A CB    1 
ATOM   207  C  CB    B SER A 1 32  ? 3.372   3.111   13.640  0.50 6.68  ? 32   SER A CB    1 
ATOM   208  O  OG    A SER A 1 32  ? 3.293   4.179   14.559  0.50 11.85 ? 32   SER A OG    1 
ATOM   209  O  OG    B SER A 1 32  ? 4.235   2.149   14.238  0.50 4.27  ? 32   SER A OG    1 
ATOM   210  N  N     . VAL A 1 33  ? 1.202   4.007   11.577  1.00 7.10  ? 33   VAL A N     1 
ATOM   211  C  CA    . VAL A 1 33  ? 0.304   5.036   11.010  1.00 8.78  ? 33   VAL A CA    1 
ATOM   212  C  C     . VAL A 1 33  ? -1.144  4.545   10.903  1.00 10.90 ? 33   VAL A C     1 
ATOM   213  O  O     . VAL A 1 33  ? -2.081  5.278   11.252  1.00 12.65 ? 33   VAL A O     1 
ATOM   214  C  CB    A VAL A 1 33  ? 0.790   5.484   9.607   0.50 13.32 ? 33   VAL A CB    1 
ATOM   215  C  CB    B VAL A 1 33  ? 0.823   5.705   9.707   0.50 14.17 ? 33   VAL A CB    1 
ATOM   216  C  CG1   A VAL A 1 33  ? -0.236  6.404   8.943   0.50 14.36 ? 33   VAL A CG1   1 
ATOM   217  C  CG1   B VAL A 1 33  ? 2.147   6.420   9.958   0.50 14.96 ? 33   VAL A CG1   1 
ATOM   218  C  CG2   A VAL A 1 33  ? 2.159   6.167   9.668   0.50 14.28 ? 33   VAL A CG2   1 
ATOM   219  C  CG2   B VAL A 1 33  ? 0.938   4.739   8.560   0.50 16.12 ? 33   VAL A CG2   1 
ATOM   220  N  N     . VAL A 1 34  ? -1.340  3.300   10.467  1.00 9.09  ? 34   VAL A N     1 
ATOM   221  C  CA    . VAL A 1 34  ? -2.695  2.751   10.406  1.00 11.64 ? 34   VAL A CA    1 
ATOM   222  C  C     . VAL A 1 34  ? -3.310  2.646   11.795  1.00 14.55 ? 34   VAL A C     1 
ATOM   223  O  O     . VAL A 1 34  ? -4.441  3.121   12.026  1.00 12.40 ? 34   VAL A O     1 
ATOM   224  C  CB    . VAL A 1 34  ? -2.717  1.373   9.671   1.00 10.54 ? 34   VAL A CB    1 
ATOM   225  C  CG1   . VAL A 1 34  ? -4.127  0.705   9.791   1.00 14.65 ? 34   VAL A CG1   1 
ATOM   226  C  CG2   . VAL A 1 34  ? -2.303  1.540   8.246   1.00 13.10 ? 34   VAL A CG2   1 
ATOM   227  N  N     . ASP A 1 35  ? -2.573  2.058   12.749  1.00 11.13 ? 35   ASP A N     1 
ATOM   228  C  CA    . ASP A 1 35  ? -3.046  1.885   14.128  1.00 13.76 ? 35   ASP A CA    1 
ATOM   229  C  C     . ASP A 1 35  ? -3.442  3.208   14.745  1.00 10.64 ? 35   ASP A C     1 
ATOM   230  O  O     . ASP A 1 35  ? -4.521  3.326   15.326  1.00 11.01 ? 35   ASP A O     1 
ATOM   231  C  CB    . ASP A 1 35  ? -1.968  1.239   15.055  1.00 17.65 ? 35   ASP A CB    1 
ATOM   232  C  CG    . ASP A 1 35  ? -2.339  1.292   16.566  1.00 22.78 ? 35   ASP A CG    1 
ATOM   233  O  OD1   . ASP A 1 35  ? -1.808  2.131   17.350  1.00 21.17 ? 35   ASP A OD1   1 
ATOM   234  O  OD2   . ASP A 1 35  ? -3.146  0.510   17.087  1.00 29.28 ? 35   ASP A OD2   1 
ATOM   235  N  N     . SER A 1 36  ? -2.563  4.196   14.603  1.00 9.37  ? 36   SER A N     1 
ATOM   236  C  CA    . SER A 1 36  ? -2.756  5.474   15.246  1.00 9.95  ? 36   SER A CA    1 
ATOM   237  C  C     . SER A 1 36  ? -3.873  6.270   14.578  1.00 10.89 ? 36   SER A C     1 
ATOM   238  O  O     . SER A 1 36  ? -4.384  7.207   15.176  1.00 13.50 ? 36   SER A O     1 
ATOM   239  C  CB    . SER A 1 36  ? -1.474  6.281   15.269  1.00 11.72 ? 36   SER A CB    1 
ATOM   240  O  OG    . SER A 1 36  ? -1.122  6.669   13.985  1.00 17.39 ? 36   SER A OG    1 
ATOM   241  N  N     . SER A 1 37  ? -4.259  5.851   13.385  1.00 12.33 ? 37   SER A N     1 
ATOM   242  C  CA    . SER A 1 37  ? -5.386  6.429   12.661  1.00 13.99 ? 37   SER A CA    1 
ATOM   243  C  C     . SER A 1 37  ? -6.614  5.511   12.627  1.00 13.93 ? 37   SER A C     1 
ATOM   244  O  O     . SER A 1 37  ? -7.502  5.720   11.802  1.00 12.16 ? 37   SER A O     1 
ATOM   245  C  CB    . SER A 1 37  ? -4.992  6.707   11.215  1.00 18.90 ? 37   SER A CB    1 
ATOM   246  O  OG    . SER A 1 37  ? -3.815  7.471   11.127  1.00 23.69 ? 37   SER A OG    1 
ATOM   247  N  N     . SER A 1 38  ? -6.686  4.522   13.512  1.00 11.80 ? 38   SER A N     1 
ATOM   248  C  CA    . SER A 1 38  ? -7.710  3.483   13.401  1.00 11.29 ? 38   SER A CA    1 
ATOM   249  C  C     . SER A 1 38  ? -9.135  4.031   13.425  1.00 14.23 ? 38   SER A C     1 
ATOM   250  O  O     . SER A 1 38  ? -9.968  3.604   12.653  1.00 14.90 ? 38   SER A O     1 
ATOM   251  C  CB    . SER A 1 38  ? -7.537  2.414   14.482  1.00 14.66 ? 38   SER A CB    1 
ATOM   252  O  OG    . SER A 1 38  ? -7.421  3.001   15.754  1.00 18.26 ? 38   SER A OG    1 
ATOM   253  N  N     . GLU A 1 39  ? -9.392  4.977   14.312  1.00 13.47 ? 39   GLU A N     1 
ATOM   254  C  CA    . GLU A 1 39  ? -10.707 5.602   14.419  1.00 16.13 ? 39   GLU A CA    1 
ATOM   255  C  C     . GLU A 1 39  ? -11.018 6.506   13.223  1.00 14.22 ? 39   GLU A C     1 
ATOM   256  O  O     . GLU A 1 39  ? -12.148 6.477   12.700  1.00 17.87 ? 39   GLU A O     1 
ATOM   257  C  CB    . GLU A 1 39  ? -10.806 6.410   15.713  1.00 20.85 ? 39   GLU A CB    1 
ATOM   258  C  CG    . GLU A 1 39  ? -12.207 6.454   16.280  1.00 29.97 ? 39   GLU A CG    1 
ATOM   259  C  CD    . GLU A 1 39  ? -12.314 7.408   17.457  1.00 33.54 ? 39   GLU A CD    1 
ATOM   260  O  OE1   . GLU A 1 39  ? -11.596 7.191   18.460  1.00 37.08 ? 39   GLU A OE1   1 
ATOM   261  O  OE2   . GLU A 1 39  ? -13.110 8.371   17.376  1.00 37.30 ? 39   GLU A OE2   1 
ATOM   262  N  N     . LYS A 1 40  ? -10.044 7.299   12.773  1.00 15.97 ? 40   LYS A N     1 
ATOM   263  C  CA    . LYS A 1 40  ? -10.249 8.143   11.591  1.00 15.78 ? 40   LYS A CA    1 
ATOM   264  C  C     . LYS A 1 40  ? -10.545 7.280   10.376  1.00 16.50 ? 40   LYS A C     1 
ATOM   265  O  O     . LYS A 1 40  ? -11.185 7.740   9.440   1.00 15.31 ? 40   LYS A O     1 
ATOM   266  C  CB    . LYS A 1 40  ? -9.038  9.021   11.259  1.00 20.21 ? 40   LYS A CB    1 
ATOM   267  C  CG    . LYS A 1 40  ? -8.647  10.043  12.297  1.00 29.75 ? 40   LYS A CG    1 
ATOM   268  C  CD    . LYS A 1 40  ? -7.155  10.415  12.147  1.00 34.36 ? 40   LYS A CD    1 
ATOM   269  C  CE    . LYS A 1 40  ? -6.760  11.620  13.000  1.00 38.47 ? 40   LYS A CE    1 
ATOM   270  N  NZ    . LYS A 1 40  ? -6.647  12.874  12.193  1.00 39.17 ? 40   LYS A NZ    1 
ATOM   271  N  N     . LEU A 1 41  ? -10.064 6.038   10.378  1.00 12.08 ? 41   LEU A N     1 
ATOM   272  C  CA    . LEU A 1 41  ? -10.266 5.115   9.262   1.00 13.10 ? 41   LEU A CA    1 
ATOM   273  C  C     . LEU A 1 41  ? -11.567 4.285   9.359   1.00 17.05 ? 41   LEU A C     1 
ATOM   274  O  O     . LEU A 1 41  ? -11.860 3.486   8.466   1.00 22.28 ? 41   LEU A O     1 
ATOM   275  C  CB    . LEU A 1 41  ? -9.049  4.194   9.154   1.00 12.61 ? 41   LEU A CB    1 
ATOM   276  C  CG    . LEU A 1 41  ? -7.788  4.805   8.565   1.00 14.21 ? 41   LEU A CG    1 
ATOM   277  C  CD1   . LEU A 1 41  ? -6.611  3.898   8.843   1.00 17.87 ? 41   LEU A CD1   1 
ATOM   278  C  CD2   . LEU A 1 41  ? -7.916  5.020   7.062   1.00 19.90 ? 41   LEU A CD2   1 
ATOM   279  N  N     . GLY A 1 42  ? -12.346 4.493   10.418  1.00 15.20 ? 42   GLY A N     1 
ATOM   280  C  CA    . GLY A 1 42  ? -13.628 3.833   10.602  1.00 17.51 ? 42   GLY A CA    1 
ATOM   281  C  C     . GLY A 1 42  ? -13.531 2.545   11.392  1.00 16.96 ? 42   GLY A C     1 
ATOM   282  O  O     . GLY A 1 42  ? -14.484 1.767   11.420  1.00 19.45 ? 42   GLY A O     1 
ATOM   283  N  N     . GLY A 1 43  ? -12.396 2.325   12.053  1.00 16.11 ? 43   GLY A N     1 
ATOM   284  C  CA    . GLY A 1 43  ? -12.158 1.095   12.796  1.00 15.00 ? 43   GLY A CA    1 
ATOM   285  C  C     . GLY A 1 43  ? -11.267 0.119   12.015  1.00 16.44 ? 43   GLY A C     1 
ATOM   286  O  O     . GLY A 1 43  ? -11.646 -1.028  11.777  1.00 18.70 ? 43   GLY A O     1 
ATOM   287  N  N     . ALA A 1 44  ? -10.081 0.560   11.623  1.00 14.64 ? 44   ALA A N     1 
ATOM   288  C  CA    . ALA A 1 44  ? -9.159  -0.286  10.853  1.00 13.17 ? 44   ALA A CA    1 
ATOM   289  C  C     . ALA A 1 44  ? -8.080  -0.827  11.789  1.00 16.54 ? 44   ALA A C     1 
ATOM   290  O  O     . ALA A 1 44  ? -7.698  -0.186  12.768  1.00 19.53 ? 44   ALA A O     1 
ATOM   291  C  CB    . ALA A 1 44  ? -8.545  0.478   9.751   1.00 16.27 ? 44   ALA A CB    1 
ATOM   292  N  N     . LYS A 1 45  ? -7.621  -2.037  11.513  1.00 10.56 ? 45   LYS A N     1 
ATOM   293  C  CA    . LYS A 1 45  ? -6.536  -2.640  12.274  1.00 11.69 ? 45   LYS A CA    1 
ATOM   294  C  C     . LYS A 1 45  ? -5.671  -3.409  11.283  1.00 8.85  ? 45   LYS A C     1 
ATOM   295  O  O     . LYS A 1 45  ? -6.197  -4.106  10.410  1.00 8.76  ? 45   LYS A O     1 
ATOM   296  C  CB    . LYS A 1 45  ? -7.119  -3.592  13.298  1.00 11.59 ? 45   LYS A CB    1 
ATOM   297  C  CG    . LYS A 1 45  ? -6.163  -4.500  14.071  1.00 19.15 ? 45   LYS A CG    1 
ATOM   298  C  CD    . LYS A 1 45  ? -6.950  -5.276  15.142  1.00 26.80 ? 45   LYS A CD    1 
ATOM   299  C  CE    . LYS A 1 45  ? -6.434  -6.695  15.363  1.00 28.02 ? 45   LYS A CE    1 
ATOM   300  N  NZ    . LYS A 1 45  ? -6.786  -7.187  16.728  1.00 32.58 ? 45   LYS A NZ    1 
ATOM   301  N  N     . VAL A 1 46  ? -4.353  -3.327  11.428  1.00 9.90  ? 46   VAL A N     1 
ATOM   302  C  CA    . VAL A 1 46  ? -3.464  -4.173  10.648  1.00 6.74  ? 46   VAL A CA    1 
ATOM   303  C  C     . VAL A 1 46  ? -3.457  -5.580  11.266  1.00 6.42  ? 46   VAL A C     1 
ATOM   304  O  O     . VAL A 1 46  ? -3.033  -5.793  12.417  1.00 9.13  ? 46   VAL A O     1 
ATOM   305  C  CB    . VAL A 1 46  ? -2.010  -3.650  10.555  1.00 8.15  ? 46   VAL A CB    1 
ATOM   306  C  CG1   . VAL A 1 46  ? -1.160  -4.608  9.763   1.00 8.94  ? 46   VAL A CG1   1 
ATOM   307  C  CG2   . VAL A 1 46  ? -1.964  -2.301  9.891   1.00 11.90 ? 46   VAL A CG2   1 
ATOM   308  N  N     . VAL A 1 47  ? -3.961  -6.542  10.497  1.00 6.81  ? 47   VAL A N     1 
ATOM   309  C  CA    . VAL A 1 47  ? -4.097  -7.921  10.944  1.00 6.72  ? 47   VAL A CA    1 
ATOM   310  C  C     . VAL A 1 47  ? -3.027  -8.853  10.396  1.00 7.65  ? 47   VAL A C     1 
ATOM   311  O  O     . VAL A 1 47  ? -2.862  -9.954  10.891  1.00 8.87  ? 47   VAL A O     1 
ATOM   312  C  CB    . VAL A 1 47  ? -5.501  -8.487  10.604  1.00 7.82  ? 47   VAL A CB    1 
ATOM   313  C  CG1   . VAL A 1 47  ? -6.581  -7.657  11.329  1.00 11.13 ? 47   VAL A CG1   1 
ATOM   314  C  CG2   . VAL A 1 47  ? -5.726  -8.544  9.140   1.00 9.50  ? 47   VAL A CG2   1 
ATOM   315  N  N     . ALA A 1 48  ? -2.254  -8.365  9.428   1.00 7.04  ? 48   ALA A N     1 
ATOM   316  C  CA    . ALA A 1 48  ? -1.263  -9.195  8.752   1.00 5.97  ? 48   ALA A CA    1 
ATOM   317  C  C     . ALA A 1 48  ? -0.248  -8.363  8.034   1.00 7.98  ? 48   ALA A C     1 
ATOM   318  O  O     . ALA A 1 48  ? -0.581  -7.348  7.438   1.00 7.18  ? 48   ALA A O     1 
ATOM   319  C  CB    . ALA A 1 48  ? -1.963  -10.108 7.713   1.00 9.38  ? 48   ALA A CB    1 
ATOM   320  N  N     . THR A 1 49  ? 1.002   -8.806  8.123   1.00 8.32  ? 49   THR A N     1 
ATOM   321  C  CA    . THR A 1 49  ? 2.058   -8.301  7.260   1.00 7.54  ? 49   THR A CA    1 
ATOM   322  C  C     . THR A 1 49  ? 2.782   -9.447  6.585   1.00 8.22  ? 49   THR A C     1 
ATOM   323  O  O     . THR A 1 49  ? 2.789   -10.599 7.046   1.00 8.25  ? 49   THR A O     1 
ATOM   324  C  CB    . THR A 1 49  ? 3.057   -7.408  8.033   1.00 8.11  ? 49   THR A CB    1 
ATOM   325  O  OG1   . THR A 1 49  ? 3.788   -8.174  8.999   1.00 8.08  ? 49   THR A OG1   1 
ATOM   326  C  CG2   . THR A 1 49  ? 2.365   -6.320  8.850   1.00 8.93  ? 49   THR A CG2   1 
ATOM   327  N  N     . ALA A 1 50  ? 3.508   -9.091  5.543   1.00 7.71  ? 50   ALA A N     1 
ATOM   328  C  CA    . ALA A 1 50  ? 4.361   -10.014 4.842   1.00 8.67  ? 50   ALA A CA    1 
ATOM   329  C  C     . ALA A 1 50  ? 5.418   -9.249  4.067   1.00 8.25  ? 50   ALA A C     1 
ATOM   330  O  O     . ALA A 1 50  ? 5.270   -8.049  3.818   1.00 8.04  ? 50   ALA A O     1 
ATOM   331  C  CB    . ALA A 1 50  ? 3.544   -10.881 3.909   1.00 8.44  ? 50   ALA A CB    1 
ATOM   332  N  N     . VAL A 1 51  ? 6.469   -9.973  3.686   1.00 8.92  ? 51   VAL A N     1 
ATOM   333  C  CA    . VAL A 1 51  ? 7.571   -9.455  2.895   1.00 6.83  ? 51   VAL A CA    1 
ATOM   334  C  C     . VAL A 1 51  ? 7.721   -10.369 1.690   1.00 10.79 ? 51   VAL A C     1 
ATOM   335  O  O     . VAL A 1 51  ? 7.704   -11.576 1.824   1.00 10.80 ? 51   VAL A O     1 
ATOM   336  C  CB    . VAL A 1 51  ? 8.896   -9.399  3.662   1.00 10.25 ? 51   VAL A CB    1 
ATOM   337  C  CG1   . VAL A 1 51  ? 9.989   -8.848  2.779   1.00 13.21 ? 51   VAL A CG1   1 
ATOM   338  C  CG2   . VAL A 1 51  ? 8.760   -8.553  4.951   1.00 11.74 ? 51   VAL A CG2   1 
ATOM   339  N  N     . VAL A 1 52  ? 7.869   -9.775  0.509   1.00 9.17  ? 52   VAL A N     1 
ATOM   340  C  CA    . VAL A 1 52  ? 8.142   -10.487 -0.725  1.00 9.48  ? 52   VAL A CA    1 
ATOM   341  C  C     . VAL A 1 52  ? 9.302   -9.809  -1.412  1.00 9.77  ? 52   VAL A C     1 
ATOM   342  O  O     . VAL A 1 52  ? 9.530   -8.613  -1.193  1.00 8.42  ? 52   VAL A O     1 
ATOM   343  C  CB    . VAL A 1 52  ? 6.922   -10.518 -1.697  1.00 10.78 ? 52   VAL A CB    1 
ATOM   344  C  CG1   . VAL A 1 52  ? 5.839   -11.419 -1.139  1.00 11.32 ? 52   VAL A CG1   1 
ATOM   345  C  CG2   . VAL A 1 52  ? 6.375   -9.105  -2.007  1.00 11.00 ? 52   VAL A CG2   1 
ATOM   346  N  N     . PRO A 1 53  ? 10.021  -10.533 -2.266  1.00 7.98  ? 53   PRO A N     1 
ATOM   347  C  CA    . PRO A 1 53  ? 11.037  -9.901  -3.102  1.00 8.29  ? 53   PRO A CA    1 
ATOM   348  C  C     . PRO A 1 53  ? 10.408  -9.076  -4.228  1.00 8.57  ? 53   PRO A C     1 
ATOM   349  O  O     . PRO A 1 53  ? 9.200   -9.110  -4.447  1.00 9.90  ? 53   PRO A O     1 
ATOM   350  C  CB    . PRO A 1 53  ? 11.817  -11.087 -3.641  1.00 9.35  ? 53   PRO A CB    1 
ATOM   351  C  CG    . PRO A 1 53  ? 10.807  -12.170 -3.731  1.00 11.19 ? 53   PRO A CG    1 
ATOM   352  C  CD    . PRO A 1 53  ? 9.865   -11.968 -2.564  1.00 10.78 ? 53   PRO A CD    1 
ATOM   353  N  N     . ASP A 1 54  ? 11.271  -8.346  -4.930  1.00 8.87  ? 54   ASP A N     1 
ATOM   354  C  CA    . ASP A 1 54  ? 10.902  -7.562  -6.105  1.00 8.46  ? 54   ASP A CA    1 
ATOM   355  C  C     . ASP A 1 54  ? 10.714  -8.487  -7.305  1.00 8.09  ? 54   ASP A C     1 
ATOM   356  O  O     . ASP A 1 54  ? 11.517  -8.500  -8.242  1.00 10.74 ? 54   ASP A O     1 
ATOM   357  C  CB    . ASP A 1 54  ? 11.978  -6.531  -6.397  1.00 8.90  ? 54   ASP A CB    1 
ATOM   358  C  CG    . ASP A 1 54  ? 12.142  -5.522  -5.299  1.00 11.07 ? 54   ASP A CG    1 
ATOM   359  O  OD1   . ASP A 1 54  ? 11.248  -4.680  -5.133  1.00 12.62 ? 54   ASP A OD1   1 
ATOM   360  O  OD2   . ASP A 1 54  ? 13.170  -5.497  -4.585  1.00 11.94 ? 54   ASP A OD2   1 
ATOM   361  N  N     . GLU A 1 55  ? 9.633   -9.263  -7.251  1.00 9.63  ? 55   GLU A N     1 
ATOM   362  C  CA    . GLU A 1 55  ? 9.301   -10.287 -8.252  1.00 10.03 ? 55   GLU A CA    1 
ATOM   363  C  C     . GLU A 1 55  ? 7.816   -10.180 -8.514  1.00 9.98  ? 55   GLU A C     1 
ATOM   364  O  O     . GLU A 1 55  ? 7.003   -10.377 -7.597  1.00 10.37 ? 55   GLU A O     1 
ATOM   365  C  CB    . GLU A 1 55  ? 9.675   -11.681 -7.749  1.00 12.16 ? 55   GLU A CB    1 
ATOM   366  C  CG    . GLU A 1 55  ? 11.182  -11.912 -7.621  1.00 15.47 ? 55   GLU A CG    1 
ATOM   367  C  CD    . GLU A 1 55  ? 11.539  -13.255 -7.023  1.00 22.30 ? 55   GLU A CD    1 
ATOM   368  O  OE1   . GLU A 1 55  ? 10.670  -14.163 -7.019  1.00 22.29 ? 55   GLU A OE1   1 
ATOM   369  O  OE2   . GLU A 1 55  ? 12.698  -13.416 -6.551  1.00 22.68 ? 55   GLU A OE2   1 
ATOM   370  N  N     . VAL A 1 56  ? 7.456   -9.880  -9.763  1.00 9.78  ? 56   VAL A N     1 
ATOM   371  C  CA    . VAL A 1 56  ? 6.056   -9.643  -10.088 1.00 9.80  ? 56   VAL A CA    1 
ATOM   372  C  C     . VAL A 1 56  ? 5.176   -10.820 -9.679  1.00 9.93  ? 56   VAL A C     1 
ATOM   373  O  O     . VAL A 1 56  ? 4.087   -10.604 -9.130  1.00 12.01 ? 56   VAL A O     1 
ATOM   374  C  CB    . VAL A 1 56  ? 5.861   -9.325  -11.576 1.00 14.14 ? 56   VAL A CB    1 
ATOM   375  C  CG1   . VAL A 1 56  ? 4.387   -9.390  -11.989 1.00 21.62 ? 56   VAL A CG1   1 
ATOM   376  C  CG2   . VAL A 1 56  ? 6.387   -7.998  -11.864 1.00 18.38 ? 56   VAL A CG2   1 
ATOM   377  N  N     . GLU A 1 57  ? 5.589   -12.046 -9.957  1.00 11.50 ? 57   GLU A N     1 
ATOM   378  C  CA    . GLU A 1 57  ? 4.701   -13.182 -9.647  1.00 12.50 ? 57   GLU A CA    1 
ATOM   379  C  C     . GLU A 1 57  ? 4.459   -13.313 -8.144  1.00 12.45 ? 57   GLU A C     1 
ATOM   380  O  O     . GLU A 1 57  ? 3.360   -13.643 -7.739  1.00 13.87 ? 57   GLU A O     1 
ATOM   381  C  CB    A GLU A 1 57  ? 5.215   -14.492 -10.249 0.50 12.50 ? 57   GLU A CB    1 
ATOM   382  C  CB    B GLU A 1 57  ? 5.253   -14.508 -10.196 0.50 15.72 ? 57   GLU A CB    1 
ATOM   383  C  CG    A GLU A 1 57  ? 5.228   -14.507 -11.780 0.50 11.73 ? 57   GLU A CG    1 
ATOM   384  C  CG    B GLU A 1 57  ? 4.415   -15.725 -9.815  0.50 21.44 ? 57   GLU A CG    1 
ATOM   385  C  CD    A GLU A 1 57  ? 3.861   -14.325 -12.420 0.50 17.88 ? 57   GLU A CD    1 
ATOM   386  C  CD    B GLU A 1 57  ? 4.644   -16.934 -10.709 0.50 25.72 ? 57   GLU A CD    1 
ATOM   387  O  OE1   A GLU A 1 57  ? 2.880   -14.940 -11.947 0.50 19.24 ? 57   GLU A OE1   1 
ATOM   388  O  OE1   B GLU A 1 57  ? 3.640   -17.511 -11.187 0.50 27.09 ? 57   GLU A OE1   1 
ATOM   389  O  OE2   A GLU A 1 57  ? 3.779   -13.579 -13.419 0.50 18.46 ? 57   GLU A OE2   1 
ATOM   390  O  OE2   B GLU A 1 57  ? 5.817   -17.313 -10.930 0.50 28.05 ? 57   GLU A OE2   1 
ATOM   391  N  N     . ARG A 1 58  ? 5.475   -13.057 -7.327  1.00 10.63 ? 58   ARG A N     1 
ATOM   392  C  CA    . ARG A 1 58  ? 5.347   -13.192 -5.872  1.00 11.38 ? 58   ARG A CA    1 
ATOM   393  C  C     . ARG A 1 58  ? 4.388   -12.125 -5.339  1.00 11.56 ? 58   ARG A C     1 
ATOM   394  O  O     . ARG A 1 58  ? 3.533   -12.382 -4.481  1.00 11.45 ? 58   ARG A O     1 
ATOM   395  C  CB    . ARG A 1 58  ? 6.703   -13.075 -5.158  1.00 13.61 ? 58   ARG A CB    1 
ATOM   396  C  CG    A ARG A 1 58  ? 7.488   -14.395 -5.053  0.50 19.12 ? 58   ARG A CG    1 
ATOM   397  C  CG    B ARG A 1 58  ? 7.695   -14.229 -5.358  0.50 13.51 ? 58   ARG A CG    1 
ATOM   398  C  CD    A ARG A 1 58  ? 6.705   -15.568 -4.382  0.50 23.21 ? 58   ARG A CD    1 
ATOM   399  C  CD    B ARG A 1 58  ? 7.528   -15.433 -4.456  0.50 10.53 ? 58   ARG A CD    1 
ATOM   400  N  NE    A ARG A 1 58  ? 6.549   -15.494 -2.912  0.50 24.67 ? 58   ARG A NE    1 
ATOM   401  N  NE    B ARG A 1 58  ? 7.392   -15.124 -3.029  0.50 14.52 ? 58   ARG A NE    1 
ATOM   402  C  CZ    A ARG A 1 58  ? 5.452   -15.100 -2.231  0.50 21.48 ? 58   ARG A CZ    1 
ATOM   403  C  CZ    B ARG A 1 58  ? 8.373   -15.127 -2.123  0.50 12.65 ? 58   ARG A CZ    1 
ATOM   404  N  NH1   A ARG A 1 58  ? 4.347   -14.662 -2.849  0.50 11.56 ? 58   ARG A NH1   1 
ATOM   405  N  NH1   B ARG A 1 58  ? 9.627   -15.373 -2.467  0.50 13.02 ? 58   ARG A NH1   1 
ATOM   406  N  NH2   A ARG A 1 58  ? 5.472   -15.125 -0.893  0.50 22.83 ? 58   ARG A NH2   1 
ATOM   407  N  NH2   B ARG A 1 58  ? 8.087   -14.843 -0.855  0.50 15.26 ? 58   ARG A NH2   1 
ATOM   408  N  N     . ILE A 1 59  ? 4.516   -10.917 -5.867  1.00 10.38 ? 59   ILE A N     1 
ATOM   409  C  CA    . ILE A 1 59  ? 3.683   -9.805  -5.468  1.00 7.34  ? 59   ILE A CA    1 
ATOM   410  C  C     . ILE A 1 59  ? 2.238   -10.073 -5.872  1.00 9.26  ? 59   ILE A C     1 
ATOM   411  O  O     . ILE A 1 59  ? 1.331   -9.941  -5.026  1.00 11.24 ? 59   ILE A O     1 
ATOM   412  C  CB    . ILE A 1 59  ? 4.183   -8.462  -6.076  1.00 7.77  ? 59   ILE A CB    1 
ATOM   413  C  CG1   . ILE A 1 59  ? 5.623   -8.149  -5.636  1.00 8.04  ? 59   ILE A CG1   1 
ATOM   414  C  CG2   . ILE A 1 59  ? 3.244   -7.359  -5.702  1.00 9.15  ? 59   ILE A CG2   1 
ATOM   415  C  CD1   . ILE A 1 59  ? 6.360   -7.122  -6.497  1.00 10.74 ? 59   ILE A CD1   1 
ATOM   416  N  N     . LYS A 1 60  ? 2.022   -10.441 -7.130  1.00 10.68 ? 60   LYS A N     1 
ATOM   417  C  CA    . LYS A 1 60  ? 0.679   -10.774 -7.623  1.00 9.53  ? 60   LYS A CA    1 
ATOM   418  C  C     . LYS A 1 60  ? 0.037   -11.842 -6.769  1.00 11.04 ? 60   LYS A C     1 
ATOM   419  O  O     . LYS A 1 60  ? -1.127  -11.727 -6.386  1.00 11.94 ? 60   LYS A O     1 
ATOM   420  C  CB    . LYS A 1 60  ? 0.706   -11.237 -9.064  1.00 12.40 ? 60   LYS A CB    1 
ATOM   421  C  CG    . LYS A 1 60  ? 1.035   -10.163 -10.048 1.00 15.98 ? 60   LYS A CG    1 
ATOM   422  C  CD    . LYS A 1 60  ? 1.062   -10.737 -11.464 1.00 21.58 ? 60   LYS A CD    1 
ATOM   423  C  CE    . LYS A 1 60  ? -0.293  -11.362 -11.859 1.00 30.31 ? 60   LYS A CE    1 
ATOM   424  N  NZ    . LYS A 1 60  ? -0.399  -12.831 -11.558 1.00 39.03 ? 60   LYS A NZ    1 
ATOM   425  N  N     . ASP A 1 61  ? 0.792   -12.889 -6.442  1.00 10.91 ? 61   ASP A N     1 
ATOM   426  C  CA    . ASP A 1 61  ? 0.217   -14.015 -5.723  1.00 12.03 ? 61   ASP A CA    1 
ATOM   427  C  C     . ASP A 1 61  ? -0.280  -13.592 -4.345  1.00 10.48 ? 61   ASP A C     1 
ATOM   428  O  O     . ASP A 1 61  ? -1.356  -14.027 -3.926  1.00 12.13 ? 61   ASP A O     1 
ATOM   429  C  CB    . ASP A 1 61  ? 1.224   -15.160 -5.586  1.00 13.49 ? 61   ASP A CB    1 
ATOM   430  C  CG    . ASP A 1 61  ? 1.366   -15.988 -6.849  1.00 17.28 ? 61   ASP A CG    1 
ATOM   431  O  OD1   . ASP A 1 61  ? 0.581   -15.856 -7.818  1.00 21.50 ? 61   ASP A OD1   1 
ATOM   432  O  OD2   . ASP A 1 61  ? 2.281   -16.823 -6.946  1.00 21.35 ? 61   ASP A OD2   1 
ATOM   433  N  N     . ILE A 1 62  ? 0.475   -12.757 -3.628  1.00 10.21 ? 62   ILE A N     1 
ATOM   434  C  CA    . ILE A 1 62  ? 0.026   -12.356 -2.312  1.00 10.28 ? 62   ILE A CA    1 
ATOM   435  C  C     . ILE A 1 62  ? -1.149  -11.393 -2.397  1.00 10.22 ? 62   ILE A C     1 
ATOM   436  O  O     . ILE A 1 62  ? -2.079  -11.503 -1.620  1.00 10.15 ? 62   ILE A O     1 
ATOM   437  C  CB    . ILE A 1 62  ? 1.170   -11.814 -1.431  1.00 15.87 ? 62   ILE A CB    1 
ATOM   438  C  CG1   . ILE A 1 62  ? 0.671   -11.571 -0.004  1.00 21.83 ? 62   ILE A CG1   1 
ATOM   439  C  CG2   . ILE A 1 62  ? 1.759   -10.599 -2.010  1.00 22.05 ? 62   ILE A CG2   1 
ATOM   440  C  CD1   . ILE A 1 62  ? 1.673   -12.091 1.024   1.00 27.92 ? 62   ILE A CD1   1 
ATOM   441  N  N     . LEU A 1 63  ? -1.144  -10.488 -3.362  1.00 9.05  ? 63   LEU A N     1 
ATOM   442  C  CA    . LEU A 1 63  ? -2.256  -9.562  -3.528  1.00 7.95  ? 63   LEU A CA    1 
ATOM   443  C  C     . LEU A 1 63  ? -3.524  -10.323 -3.863  1.00 9.40  ? 63   LEU A C     1 
ATOM   444  O  O     . LEU A 1 63  ? -4.577  -10.019 -3.349  1.00 9.97  ? 63   LEU A O     1 
ATOM   445  C  CB    . LEU A 1 63  ? -1.970  -8.511  -4.616  1.00 8.36  ? 63   LEU A CB    1 
ATOM   446  C  CG    . LEU A 1 63  ? -0.842  -7.494  -4.305  1.00 8.91  ? 63   LEU A CG    1 
ATOM   447  C  CD1   . LEU A 1 63  ? -0.677  -6.539  -5.452  1.00 10.46 ? 63   LEU A CD1   1 
ATOM   448  C  CD2   . LEU A 1 63  ? -1.035  -6.744  -2.980  1.00 10.43 ? 63   LEU A CD2   1 
ATOM   449  N  N     . GLN A 1 64  ? -3.424  -11.336 -4.708  1.00 8.58  ? 64   GLN A N     1 
ATOM   450  C  CA    . GLN A 1 64  ? -4.588  -12.158 -5.054  1.00 8.47  ? 64   GLN A CA    1 
ATOM   451  C  C     . GLN A 1 64  ? -5.080  -12.952 -3.855  1.00 9.93  ? 64   GLN A C     1 
ATOM   452  O  O     . GLN A 1 64  ? -6.281  -13.011 -3.610  1.00 9.27  ? 64   GLN A O     1 
ATOM   453  C  CB    . GLN A 1 64  ? -4.240  -13.134 -6.206  1.00 9.97  ? 64   GLN A CB    1 
ATOM   454  C  CG    . GLN A 1 64  ? -4.083  -12.446 -7.521  1.00 11.86 ? 64   GLN A CG    1 
ATOM   455  C  CD    . GLN A 1 64  ? -3.389  -13.285 -8.593  1.00 18.04 ? 64   GLN A CD    1 
ATOM   456  O  OE1   . GLN A 1 64  ? -2.700  -14.256 -8.298  1.00 20.60 ? 64   GLN A OE1   1 
ATOM   457  N  NE2   . GLN A 1 64  ? -3.583  -12.892 -9.851  1.00 27.62 ? 64   GLN A NE2   1 
ATOM   458  N  N     . LYS A 1 65  ? -4.170  -13.573 -3.100  1.00 9.21  ? 65   LYS A N     1 
ATOM   459  C  CA    . LYS A 1 65  ? -4.548  -14.369 -1.930  1.00 8.60  ? 65   LYS A CA    1 
ATOM   460  C  C     . LYS A 1 65  ? -5.245  -13.506 -0.863  1.00 8.79  ? 65   LYS A C     1 
ATOM   461  O  O     . LYS A 1 65  ? -6.311  -13.848 -0.368  1.00 8.91  ? 65   LYS A O     1 
ATOM   462  C  CB    . LYS A 1 65  ? -3.311  -15.065 -1.325  1.00 12.38 ? 65   LYS A CB    1 
ATOM   463  C  CG    . LYS A 1 65  ? -3.612  -16.019 -0.171  1.00 18.97 ? 65   LYS A CG    1 
ATOM   464  C  CD    . LYS A 1 65  ? -2.293  -16.450 0.537   1.00 24.59 ? 65   LYS A CD    1 
ATOM   465  C  CE    . LYS A 1 65  ? -2.566  -17.090 1.908   1.00 28.98 ? 65   LYS A CE    1 
ATOM   466  N  NZ    . LYS A 1 65  ? -2.389  -16.141 3.064   1.00 27.39 ? 65   LYS A NZ    1 
ATOM   467  N  N     . TRP A 1 66  ? -4.661  -12.362 -0.571  1.00 8.53  ? 66   TRP A N     1 
ATOM   468  C  CA    . TRP A 1 66  ? -5.183  -11.499 0.470   1.00 7.78  ? 66   TRP A CA    1 
ATOM   469  C  C     . TRP A 1 66  ? -6.559  -10.954 0.063   1.00 6.98  ? 66   TRP A C     1 
ATOM   470  O  O     . TRP A 1 66  ? -7.435  -10.773 0.918   1.00 8.92  ? 66   TRP A O     1 
ATOM   471  C  CB    . TRP A 1 66  ? -4.219  -10.364 0.750   1.00 7.96  ? 66   TRP A CB    1 
ATOM   472  C  CG    . TRP A 1 66  ? -3.081  -10.742 1.697   1.00 8.65  ? 66   TRP A CG    1 
ATOM   473  C  CD1   . TRP A 1 66  ? -2.908  -11.935 2.329   1.00 12.66 ? 66   TRP A CD1   1 
ATOM   474  C  CD2   . TRP A 1 66  ? -1.996  -9.911  2.100   1.00 9.11  ? 66   TRP A CD2   1 
ATOM   475  N  NE1   . TRP A 1 66  ? -1.787  -11.890 3.136   1.00 13.46 ? 66   TRP A NE1   1 
ATOM   476  C  CE2   . TRP A 1 66  ? -1.210  -10.656 3.012   1.00 9.65  ? 66   TRP A CE2   1 
ATOM   477  C  CE3   . TRP A 1 66  ? -1.618  -8.613  1.812   1.00 10.67 ? 66   TRP A CE3   1 
ATOM   478  C  CZ2   . TRP A 1 66  ? -0.063  -10.133 3.601   1.00 9.92  ? 66   TRP A CZ2   1 
ATOM   479  C  CZ3   . TRP A 1 66  ? -0.493  -8.096  2.393   1.00 9.33  ? 66   TRP A CZ3   1 
ATOM   480  C  CH2   . TRP A 1 66  ? 0.273   -8.860  3.277   1.00 9.33  ? 66   TRP A CH2   1 
ATOM   481  N  N     . SER A 1 67  ? -6.759  -10.685 -1.218  1.00 6.30  ? 67   SER A N     1 
ATOM   482  C  CA    . SER A 1 67  ? -8.054  -10.180 -1.714  1.00 7.43  ? 67   SER A CA    1 
ATOM   483  C  C     . SER A 1 67  ? -9.114  -11.260 -1.855  1.00 7.60  ? 67   SER A C     1 
ATOM   484  O  O     . SER A 1 67  ? -10.278 -11.115 -1.424  1.00 9.26  ? 67   SER A O     1 
ATOM   485  C  CB    . SER A 1 67  ? -7.864  -9.553  -3.099  1.00 7.68  ? 67   SER A CB    1 
ATOM   486  O  OG    . SER A 1 67  ? -6.940  -8.474  -3.068  1.00 8.94  ? 67   SER A OG    1 
ATOM   487  N  N     . ASP A 1 68  ? -8.722  -12.376 -2.452  1.00 7.08  ? 68   ASP A N     1 
ATOM   488  C  CA    . ASP A 1 68  ? -9.670  -13.406 -2.847  1.00 6.59  ? 68   ASP A CA    1 
ATOM   489  C  C     . ASP A 1 68  ? -9.957  -14.432 -1.761  1.00 7.25  ? 68   ASP A C     1 
ATOM   490  O  O     . ASP A 1 68  ? -11.057 -14.991 -1.714  1.00 8.73  ? 68   ASP A O     1 
ATOM   491  C  CB    . ASP A 1 68  ? -9.134  -14.198 -4.036  1.00 8.38  ? 68   ASP A CB    1 
ATOM   492  C  CG    . ASP A 1 68  ? -8.955  -13.387 -5.283  1.00 10.06 ? 68   ASP A CG    1 
ATOM   493  O  OD1   . ASP A 1 68  ? -9.337  -12.199 -5.376  1.00 9.70  ? 68   ASP A OD1   1 
ATOM   494  O  OD2   . ASP A 1 68  ? -8.366  -13.904 -6.252  1.00 9.44  ? 68   ASP A OD2   1 
ATOM   495  N  N     . VAL A 1 69  ? -8.971  -14.749 -0.914  1.00 6.62  ? 69   VAL A N     1 
ATOM   496  C  CA    . VAL A 1 69  ? -9.104  -15.819 0.049   1.00 5.22  ? 69   VAL A CA    1 
ATOM   497  C  C     . VAL A 1 69  ? -9.206  -15.253 1.474   1.00 7.96  ? 69   VAL A C     1 
ATOM   498  O  O     . VAL A 1 69  ? -10.087 -15.612 2.240   1.00 9.39  ? 69   VAL A O     1 
ATOM   499  C  CB    . VAL A 1 69  ? -7.905  -16.803 -0.056  1.00 8.08  ? 69   VAL A CB    1 
ATOM   500  C  CG1   . VAL A 1 69  ? -7.921  -17.808 1.069   1.00 8.95  ? 69   VAL A CG1   1 
ATOM   501  C  CG2   . VAL A 1 69  ? -7.882  -17.474 -1.455  1.00 11.66 ? 69   VAL A CG2   1 
ATOM   502  N  N     . ASP A 1 70  ? -8.270  -14.391 1.834   1.00 7.12  ? 70   ASP A N     1 
ATOM   503  C  CA    . ASP A 1 70  ? -8.161  -13.945 3.214   1.00 8.78  ? 70   ASP A CA    1 
ATOM   504  C  C     . ASP A 1 70  ? -9.078  -12.782 3.575   1.00 11.23 ? 70   ASP A C     1 
ATOM   505  O  O     . ASP A 1 70  ? -9.151  -12.411 4.766   1.00 13.69 ? 70   ASP A O     1 
ATOM   506  C  CB    . ASP A 1 70  ? -6.717  -13.550 3.517   1.00 8.40  ? 70   ASP A CB    1 
ATOM   507  C  CG    . ASP A 1 70  ? -5.765  -14.724 3.461   1.00 11.75 ? 70   ASP A CG    1 
ATOM   508  O  OD1   . ASP A 1 70  ? -6.126  -15.844 3.927   1.00 14.62 ? 70   ASP A OD1   1 
ATOM   509  O  OD2   . ASP A 1 70  ? -4.637  -14.644 2.939   1.00 17.02 ? 70   ASP A OD2   1 
ATOM   510  N  N     . GLU A 1 71  ? -9.774  -12.217 2.590   1.00 10.31 ? 71   GLU A N     1 
ATOM   511  C  CA    . GLU A 1 71  ? -10.859 -11.236 2.849   1.00 13.18 ? 71   GLU A CA    1 
ATOM   512  C  C     . GLU A 1 71  ? -10.295 -9.924  3.471   1.00 10.25 ? 71   GLU A C     1 
ATOM   513  O  O     . GLU A 1 71  ? -10.952 -9.266  4.277   1.00 10.88 ? 71   GLU A O     1 
ATOM   514  C  CB    . GLU A 1 71  ? -11.997 -11.815 3.747   1.00 20.23 ? 71   GLU A CB    1 
ATOM   515  C  CG    . GLU A 1 71  ? -12.319 -13.332 3.620   1.00 21.68 ? 71   GLU A CG    1 
ATOM   516  C  CD    . GLU A 1 71  ? -13.555 -13.831 4.410   1.00 28.49 ? 71   GLU A CD    1 
ATOM   517  O  OE1   . GLU A 1 71  ? -14.392 -13.005 4.884   1.00 27.27 ? 71   GLU A OE1   1 
ATOM   518  O  OE2   . GLU A 1 71  ? -13.724 -15.089 4.533   1.00 19.55 ? 71   GLU A OE2   1 
ATOM   519  N  N     . MET A 1 72  ? -9.081  -9.541  3.110   1.00 7.08  ? 72   MET A N     1 
ATOM   520  C  CA    . MET A 1 72  ? -8.575  -8.223  3.508   1.00 8.29  ? 72   MET A CA    1 
ATOM   521  C  C     . MET A 1 72  ? -9.385  -7.117  2.860   1.00 10.65 ? 72   MET A C     1 
ATOM   522  O  O     . MET A 1 72  ? -9.932  -7.286  1.771   1.00 10.00 ? 72   MET A O     1 
ATOM   523  C  CB    . MET A 1 72  ? -7.110  -8.069  3.093   1.00 8.91  ? 72   MET A CB    1 
ATOM   524  C  CG    . MET A 1 72  ? -6.142  -9.073  3.731   1.00 9.86  ? 72   MET A CG    1 
ATOM   525  S  SD    . MET A 1 72  ? -6.177  -9.093  5.525   1.00 10.85 ? 72   MET A SD    1 
ATOM   526  C  CE    . MET A 1 72  ? -5.242  -10.568 5.797   1.00 18.21 ? 72   MET A CE    1 
ATOM   527  N  N     . ASP A 1 73  ? -9.493  -5.985  3.555   1.00 8.71  ? 73   ASP A N     1 
ATOM   528  C  CA    . ASP A 1 73  ? -10.234 -4.823  3.054   1.00 8.51  ? 73   ASP A CA    1 
ATOM   529  C  C     . ASP A 1 73  ? -9.337  -3.761  2.451   1.00 8.22  ? 73   ASP A C     1 
ATOM   530  O  O     . ASP A 1 73  ? -9.723  -3.113  1.494   1.00 7.58  ? 73   ASP A O     1 
ATOM   531  C  CB    . ASP A 1 73  ? -11.081 -4.254  4.173   1.00 6.92  ? 73   ASP A CB    1 
ATOM   532  C  CG    . ASP A 1 73  ? -11.994 -5.285  4.747   1.00 10.15 ? 73   ASP A CG    1 
ATOM   533  O  OD1   . ASP A 1 73  ? -12.672 -5.995  3.945   1.00 13.09 ? 73   ASP A OD1   1 
ATOM   534  O  OD2   . ASP A 1 73  ? -12.067 -5.495  5.953   1.00 10.33 ? 73   ASP A OD2   1 
ATOM   535  N  N     . LEU A 1 74  ? -8.151  -3.596  3.023   1.00 7.46  ? 74   LEU A N     1 
ATOM   536  C  CA    . LEU A 1 74  ? -7.166  -2.637  2.558   1.00 8.14  ? 74   LEU A CA    1 
ATOM   537  C  C     . LEU A 1 74  ? -5.817  -3.326  2.546   1.00 7.95  ? 74   LEU A C     1 
ATOM   538  O  O     . LEU A 1 74  ? -5.413  -3.883  3.562   1.00 8.45  ? 74   LEU A O     1 
ATOM   539  C  CB    . LEU A 1 74  ? -7.117  -1.448  3.503   1.00 8.58  ? 74   LEU A CB    1 
ATOM   540  C  CG    . LEU A 1 74  ? -6.092  -0.343  3.172   1.00 8.59  ? 74   LEU A CG    1 
ATOM   541  C  CD1   . LEU A 1 74  ? -6.325  0.302   1.804   1.00 9.90  ? 74   LEU A CD1   1 
ATOM   542  C  CD2   . LEU A 1 74  ? -6.056  0.722   4.215   1.00 8.01  ? 74   LEU A CD2   1 
ATOM   543  N  N     . ILE A 1 75  ? -5.130  -3.266  1.417   1.00 6.66  ? 75   ILE A N     1 
ATOM   544  C  CA    . ILE A 1 75  ? -3.748  -3.697  1.298   1.00 8.43  ? 75   ILE A CA    1 
ATOM   545  C  C     . ILE A 1 75  ? -2.886  -2.507  0.947   1.00 8.45  ? 75   ILE A C     1 
ATOM   546  O  O     . ILE A 1 75  ? -3.111  -1.863  -0.082  1.00 8.52  ? 75   ILE A O     1 
ATOM   547  C  CB    . ILE A 1 75  ? -3.562  -4.769  0.238   1.00 8.75  ? 75   ILE A CB    1 
ATOM   548  C  CG1   . ILE A 1 75  ? -4.433  -5.997  0.511   1.00 8.18  ? 75   ILE A CG1   1 
ATOM   549  C  CG2   . ILE A 1 75  ? -2.113  -5.211  0.195   1.00 10.89 ? 75   ILE A CG2   1 
ATOM   550  C  CD1   . ILE A 1 75  ? -4.515  -6.998  -0.629  1.00 11.16 ? 75   ILE A CD1   1 
ATOM   551  N  N     . LEU A 1 76  ? -1.899  -2.209  1.795   1.00 7.70  ? 76   LEU A N     1 
ATOM   552  C  CA    . LEU A 1 76  ? -0.882  -1.224  1.469   1.00 6.78  ? 76   LEU A CA    1 
ATOM   553  C  C     . LEU A 1 76  ? 0.366   -2.013  1.102   1.00 9.65  ? 76   LEU A C     1 
ATOM   554  O  O     . LEU A 1 76  ? 0.782   -2.895  1.837   1.00 10.08 ? 76   LEU A O     1 
ATOM   555  C  CB    . LEU A 1 76  ? -0.566  -0.286  2.629   1.00 7.32  ? 76   LEU A CB    1 
ATOM   556  C  CG    . LEU A 1 76  ? -1.738  0.441   3.258   1.00 8.54  ? 76   LEU A CG    1 
ATOM   557  C  CD1   . LEU A 1 76  ? -1.255  1.338   4.425   1.00 10.14 ? 76   LEU A CD1   1 
ATOM   558  C  CD2   . LEU A 1 76  ? -2.535  1.249   2.244   1.00 9.89  ? 76   LEU A CD2   1 
ATOM   559  N  N     . THR A 1 77  ? 0.946   -1.707  -0.058  1.00 8.70  ? 77   THR A N     1 
ATOM   560  C  CA    . THR A 1 77  ? 2.274   -2.232  -0.402  1.00 8.37  ? 77   THR A CA    1 
ATOM   561  C  C     . THR A 1 77  ? 3.299   -1.133  -0.171  1.00 9.51  ? 77   THR A C     1 
ATOM   562  O  O     . THR A 1 77  ? 2.985   0.036   -0.348  1.00 9.91  ? 77   THR A O     1 
ATOM   563  C  CB    . THR A 1 77  ? 2.382   -2.766  -1.853  1.00 9.72  ? 77   THR A CB    1 
ATOM   564  O  OG1   . THR A 1 77  ? 2.298   -1.689  -2.813  1.00 9.16  ? 77   THR A OG1   1 
ATOM   565  C  CG2   . THR A 1 77  ? 1.234   -3.684  -2.183  1.00 11.11 ? 77   THR A CG2   1 
ATOM   566  N  N     . LEU A 1 78  ? 4.517   -1.501  0.189   1.00 8.75  ? 78   LEU A N     1 
ATOM   567  C  CA    . LEU A 1 78  ? 5.570   -0.537  0.486   1.00 7.22  ? 78   LEU A CA    1 
ATOM   568  C  C     . LEU A 1 78  ? 6.778   -0.915  -0.370  1.00 9.70  ? 78   LEU A C     1 
ATOM   569  O  O     . LEU A 1 78  ? 7.294   -2.015  -0.254  1.00 10.23 ? 78   LEU A O     1 
ATOM   570  C  CB    . LEU A 1 78  ? 5.970   -0.592  1.958   1.00 8.15  ? 78   LEU A CB    1 
ATOM   571  C  CG    . LEU A 1 78  ? 4.823   -0.647  2.972   1.00 9.18  ? 78   LEU A CG    1 
ATOM   572  C  CD1   . LEU A 1 78  ? 5.356   -0.799  4.369   1.00 10.58 ? 78   LEU A CD1   1 
ATOM   573  C  CD2   . LEU A 1 78  ? 3.897   0.557   2.903   1.00 13.98 ? 78   LEU A CD2   1 
ATOM   574  N  N     . GLY A 1 79  ? 7.234   0.009   -1.201  1.00 8.98  ? 79   GLY A N     1 
ATOM   575  C  CA    . GLY A 1 79  ? 8.441   -0.187  -1.965  1.00 8.85  ? 79   GLY A CA    1 
ATOM   576  C  C     . GLY A 1 79  ? 8.242   -0.746  -3.350  1.00 8.12  ? 79   GLY A C     1 
ATOM   577  O  O     . GLY A 1 79  ? 7.151   -1.195  -3.705  1.00 8.95  ? 79   GLY A O     1 
ATOM   578  N  N     . GLY A 1 80  ? 9.321   -0.680  -4.130  1.00 9.07  ? 80   GLY A N     1 
ATOM   579  C  CA    . GLY A 1 80  ? 9.309   -1.189  -5.489  1.00 10.38 ? 80   GLY A CA    1 
ATOM   580  C  C     . GLY A 1 80  ? 8.541   -0.331  -6.463  1.00 8.78  ? 80   GLY A C     1 
ATOM   581  O  O     . GLY A 1 80  ? 8.128   -0.834  -7.510  1.00 9.39  ? 80   GLY A O     1 
ATOM   582  N  N     . THR A 1 81  ? 8.351   0.960   -6.154  1.00 8.52  ? 81   THR A N     1 
ATOM   583  C  CA    . THR A 1 81  ? 7.635   1.846   -7.059  1.00 8.85  ? 81   THR A CA    1 
ATOM   584  C  C     . THR A 1 81  ? 8.514   2.789   -7.880  1.00 8.28  ? 81   THR A C     1 
ATOM   585  O  O     . THR A 1 81  ? 7.976   3.541   -8.660  1.00 10.08 ? 81   THR A O     1 
ATOM   586  C  CB    . THR A 1 81  ? 6.559   2.679   -6.341  1.00 11.47 ? 81   THR A CB    1 
ATOM   587  O  OG1   . THR A 1 81  ? 7.159   3.698   -5.566  1.00 12.34 ? 81   THR A OG1   1 
ATOM   588  C  CG2   . THR A 1 81  ? 5.700   1.831   -5.368  1.00 12.60 ? 81   THR A CG2   1 
ATOM   589  N  N     . GLY A 1 82  ? 9.820   2.775   -7.670  1.00 7.65  ? 82   GLY A N     1 
ATOM   590  C  CA    . GLY A 1 82  ? 10.712  3.683   -8.346  1.00 7.39  ? 82   GLY A CA    1 
ATOM   591  C  C     . GLY A 1 82  ? 11.118  3.249   -9.735  1.00 6.05  ? 82   GLY A C     1 
ATOM   592  O  O     . GLY A 1 82  ? 10.452  2.461   -10.392 1.00 8.07  ? 82   GLY A O     1 
ATOM   593  N  N     . PHE A 1 83  ? 12.238  3.805   -10.149 1.00 6.96  ? 83   PHE A N     1 
ATOM   594  C  CA    . PHE A 1 83  ? 12.647  3.788   -11.561 1.00 6.23  ? 83   PHE A CA    1 
ATOM   595  C  C     . PHE A 1 83  ? 13.699  2.714   -11.823 1.00 9.50  ? 83   PHE A C     1 
ATOM   596  O  O     . PHE A 1 83  ? 14.114  2.548   -12.966 1.00 10.62 ? 83   PHE A O     1 
ATOM   597  C  CB    . PHE A 1 83  ? 13.215  5.129   -11.978 1.00 7.13  ? 83   PHE A CB    1 
ATOM   598  C  CG    . PHE A 1 83  ? 12.182  6.156   -12.398 1.00 7.71  ? 83   PHE A CG    1 
ATOM   599  C  CD1   . PHE A 1 83  ? 10.995  6.333   -11.716 1.00 7.59  ? 83   PHE A CD1   1 
ATOM   600  C  CD2   . PHE A 1 83  ? 12.439  6.964   -13.471 1.00 6.92  ? 83   PHE A CD2   1 
ATOM   601  C  CE1   . PHE A 1 83  ? 10.059  7.299   -12.120 1.00 8.18  ? 83   PHE A CE1   1 
ATOM   602  C  CE2   . PHE A 1 83  ? 11.520  7.949   -13.870 1.00 6.59  ? 83   PHE A CE2   1 
ATOM   603  C  CZ    . PHE A 1 83  ? 10.328  8.108   -13.192 1.00 8.09  ? 83   PHE A CZ    1 
ATOM   604  N  N     . THR A 1 84  ? 14.150  1.985   -10.809 1.00 7.28  ? 84   THR A N     1 
ATOM   605  C  CA    . THR A 1 84  ? 15.165  0.957   -11.074 1.00 6.84  ? 84   THR A CA    1 
ATOM   606  C  C     . THR A 1 84  ? 14.534  -0.264  -11.737 1.00 6.90  ? 84   THR A C     1 
ATOM   607  O  O     . THR A 1 84  ? 13.349  -0.472  -11.632 1.00 7.48  ? 84   THR A O     1 
ATOM   608  C  CB    . THR A 1 84  ? 15.909  0.503   -9.784  1.00 8.24  ? 84   THR A CB    1 
ATOM   609  O  OG1   . THR A 1 84  ? 15.060  -0.277  -8.943  1.00 11.57 ? 84   THR A OG1   1 
ATOM   610  C  CG2   . THR A 1 84  ? 16.356  1.693   -8.926  1.00 10.81 ? 84   THR A CG2   1 
ATOM   611  N  N     . PRO A 1 85  ? 15.348  -1.061  -12.429 1.00 7.89  ? 85   PRO A N     1 
ATOM   612  C  CA    . PRO A 1 85  ? 14.813  -2.234  -13.127 1.00 11.03 ? 85   PRO A CA    1 
ATOM   613  C  C     . PRO A 1 85  ? 14.066  -3.205  -12.258 1.00 9.82  ? 85   PRO A C     1 
ATOM   614  O  O     . PRO A 1 85  ? 13.152  -3.871  -12.752 1.00 12.74 ? 85   PRO A O     1 
ATOM   615  C  CB    . PRO A 1 85  ? 16.065  -2.901  -13.704 1.00 11.57 ? 85   PRO A CB    1 
ATOM   616  C  CG    . PRO A 1 85  ? 17.031  -1.866  -13.806 1.00 10.97 ? 85   PRO A CG    1 
ATOM   617  C  CD    . PRO A 1 85  ? 16.762  -0.839  -12.739 1.00 10.57 ? 85   PRO A CD    1 
ATOM   618  N  N     . ARG A 1 86  ? 14.442  -3.278  -10.990 1.00 9.77  ? 86   ARG A N     1 
ATOM   619  C  CA    . ARG A 1 86  ? 13.815  -4.207  -10.058 1.00 13.42 ? 86   ARG A CA    1 
ATOM   620  C  C     . ARG A 1 86  ? 12.555  -3.644  -9.418  1.00 14.56 ? 86   ARG A C     1 
ATOM   621  O  O     . ARG A 1 86  ? 11.898  -4.357  -8.676  1.00 20.10 ? 86   ARG A O     1 
ATOM   622  C  CB    . ARG A 1 86  ? 14.799  -4.623  -8.968  1.00 17.87 ? 86   ARG A CB    1 
ATOM   623  C  CG    . ARG A 1 86  ? 16.003  -5.396  -9.535  1.00 30.56 ? 86   ARG A CG    1 
ATOM   624  C  CD    . ARG A 1 86  ? 16.154  -6.817  -9.028  1.00 40.66 ? 86   ARG A CD    1 
ATOM   625  N  NE    . ARG A 1 86  ? 15.350  -7.769  -9.806  1.00 49.32 ? 86   ARG A NE    1 
ATOM   626  C  CZ    . ARG A 1 86  ? 15.809  -8.902  -10.359 1.00 54.60 ? 86   ARG A CZ    1 
ATOM   627  N  NH1   . ARG A 1 86  ? 17.091  -9.269  -10.247 1.00 58.04 ? 86   ARG A NH1   1 
ATOM   628  N  NH2   . ARG A 1 86  ? 14.966  -9.683  -11.033 1.00 55.87 ? 86   ARG A NH2   1 
ATOM   629  N  N     . ASP A 1 87  ? 12.190  -2.392  -9.697  1.00 8.90  ? 87   ASP A N     1 
ATOM   630  C  CA    . ASP A 1 87  ? 10.969  -1.817  -9.133  1.00 7.46  ? 87   ASP A CA    1 
ATOM   631  C  C     . ASP A 1 87  ? 9.762   -2.224  -9.987  1.00 8.85  ? 87   ASP A C     1 
ATOM   632  O  O     . ASP A 1 87  ? 9.527   -1.636  -11.050 1.00 8.76  ? 87   ASP A O     1 
ATOM   633  C  CB    . ASP A 1 87  ? 11.054  -0.287  -9.088  1.00 8.84  ? 87   ASP A CB    1 
ATOM   634  C  CG    . ASP A 1 87  ? 12.033  0.245   -8.074  1.00 11.95 ? 87   ASP A CG    1 
ATOM   635  O  OD1   . ASP A 1 87  ? 12.044  -0.270  -6.952  1.00 14.74 ? 87   ASP A OD1   1 
ATOM   636  O  OD2   . ASP A 1 87  ? 12.842  1.183   -8.290  1.00 11.86 ? 87   ASP A OD2   1 
ATOM   637  N  N     . VAL A 1 88  ? 9.055   -3.267  -9.568  1.00 8.82  ? 88   VAL A N     1 
ATOM   638  C  CA    . VAL A 1 88  ? 7.970   -3.828  -10.347 1.00 8.96  ? 88   VAL A CA    1 
ATOM   639  C  C     . VAL A 1 88  ? 6.632   -3.896  -9.633  1.00 8.93  ? 88   VAL A C     1 
ATOM   640  O  O     . VAL A 1 88  ? 5.687   -4.492  -10.138 1.00 9.48  ? 88   VAL A O     1 
ATOM   641  C  CB    . VAL A 1 88  ? 8.354   -5.212  -10.905 1.00 11.03 ? 88   VAL A CB    1 
ATOM   642  C  CG1   . VAL A 1 88  ? 9.538   -5.046  -11.867 1.00 14.39 ? 88   VAL A CG1   1 
ATOM   643  C  CG2   . VAL A 1 88  ? 8.648   -6.200  -9.798  1.00 10.75 ? 88   VAL A CG2   1 
ATOM   644  N  N     . THR A 1 89  ? 6.542   -3.260  -8.470  1.00 9.52  ? 89   THR A N     1 
ATOM   645  C  CA    . THR A 1 89  ? 5.297   -3.295  -7.711  1.00 10.08 ? 89   THR A CA    1 
ATOM   646  C  C     . THR A 1 89  ? 4.122   -2.753  -8.468  1.00 8.83  ? 89   THR A C     1 
ATOM   647  O  O     . THR A 1 89  ? 3.082   -3.384  -8.459  1.00 9.21  ? 89   THR A O     1 
ATOM   648  C  CB    . THR A 1 89  ? 5.457   -2.619  -6.350  1.00 8.77  ? 89   THR A CB    1 
ATOM   649  O  OG1   . THR A 1 89  ? 6.548   -3.249  -5.660  1.00 9.58  ? 89   THR A OG1   1 
ATOM   650  C  CG2   . THR A 1 89  ? 4.237   -2.809  -5.496  1.00 10.91 ? 89   THR A CG2   1 
ATOM   651  N  N     . PRO A 1 90  ? 4.245   -1.612  -9.150  1.00 7.92  ? 90   PRO A N     1 
ATOM   652  C  CA    . PRO A 1 90  ? 3.074   -1.124  -9.884  1.00 8.20  ? 90   PRO A CA    1 
ATOM   653  C  C     . PRO A 1 90  ? 2.593   -2.056  -10.964 1.00 7.62  ? 90   PRO A C     1 
ATOM   654  O  O     . PRO A 1 90  ? 1.396   -2.170  -11.155 1.00 9.40  ? 90   PRO A O     1 
ATOM   655  C  CB    . PRO A 1 90  ? 3.533   0.231   -10.444 1.00 9.98  ? 90   PRO A CB    1 
ATOM   656  C  CG    . PRO A 1 90  ? 4.661   0.624   -9.509  1.00 9.09  ? 90   PRO A CG    1 
ATOM   657  C  CD    . PRO A 1 90  ? 5.381   -0.662  -9.240  1.00 8.02  ? 90   PRO A CD    1 
ATOM   658  N  N     . GLU A 1 91  ? 3.513   -2.700  -11.649 1.00 8.30  ? 91   GLU A N     1 
ATOM   659  C  CA    . GLU A 1 91  ? 3.165   -3.611  -12.751 1.00 9.13  ? 91   GLU A CA    1 
ATOM   660  C  C     . GLU A 1 91  ? 2.415   -4.833  -12.202 1.00 9.88  ? 91   GLU A C     1 
ATOM   661  O  O     . GLU A 1 91  ? 1.427   -5.248  -12.783 1.00 10.85 ? 91   GLU A O     1 
ATOM   662  C  CB    . GLU A 1 91  ? 4.402   -4.023  -13.522 1.00 7.85  ? 91   GLU A CB    1 
ATOM   663  C  CG    . GLU A 1 91  ? 4.956   -2.940  -14.439 1.00 10.22 ? 91   GLU A CG    1 
ATOM   664  C  CD    . GLU A 1 91  ? 5.512   -1.741  -13.694 1.00 13.88 ? 91   GLU A CD    1 
ATOM   665  O  OE1   . GLU A 1 91  ? 5.187   -0.610  -14.104 1.00 12.18 ? 91   GLU A OE1   1 
ATOM   666  O  OE2   . GLU A 1 91  ? 6.240   -1.928  -12.691 1.00 11.77 ? 91   GLU A OE2   1 
ATOM   667  N  N     . ALA A 1 92  ? 2.855   -5.385  -11.080 1.00 10.65 ? 92   ALA A N     1 
ATOM   668  C  CA    . ALA A 1 92  ? 2.142   -6.479  -10.433 1.00 9.31  ? 92   ALA A CA    1 
ATOM   669  C  C     . ALA A 1 92  ? 0.756   -6.017  -10.009 1.00 11.04 ? 92   ALA A C     1 
ATOM   670  O  O     . ALA A 1 92  ? -0.222  -6.732  -10.172 1.00 9.86  ? 92   ALA A O     1 
ATOM   671  C  CB    . ALA A 1 92  ? 2.926   -6.962  -9.216  1.00 10.57 ? 92   ALA A CB    1 
ATOM   672  N  N     . THR A 1 93  ? 0.674   -4.827  -9.441  1.00 10.30 ? 93   THR A N     1 
ATOM   673  C  CA    . THR A 1 93  ? -0.570  -4.275  -8.935  1.00 11.07 ? 93   THR A CA    1 
ATOM   674  C  C     . THR A 1 93  ? -1.588  -4.053  -10.042 1.00 10.29 ? 93   THR A C     1 
ATOM   675  O  O     . THR A 1 93  ? -2.746  -4.427  -9.906  1.00 9.85  ? 93   THR A O     1 
ATOM   676  C  CB    . THR A 1 93  ? -0.266  -2.996  -8.167  1.00 10.53 ? 93   THR A CB    1 
ATOM   677  O  OG1   . THR A 1 93  ? 0.595   -3.319  -7.071  1.00 9.92  ? 93   THR A OG1   1 
ATOM   678  C  CG2   . THR A 1 93  ? -1.531  -2.384  -7.562  1.00 13.09 ? 93   THR A CG2   1 
ATOM   679  N  N     . LYS A 1 94  ? -1.141  -3.500  -11.163 1.00 11.08 ? 94   LYS A N     1 
ATOM   680  C  CA    . LYS A 1 94  ? -2.028  -3.243  -12.283 1.00 9.89  ? 94   LYS A CA    1 
ATOM   681  C  C     . LYS A 1 94  ? -2.622  -4.538  -12.849 1.00 9.89  ? 94   LYS A C     1 
ATOM   682  O  O     . LYS A 1 94  ? -3.779  -4.548  -13.349 1.00 12.70 ? 94   LYS A O     1 
ATOM   683  C  CB    . LYS A 1 94  ? -1.262  -2.495  -13.365 1.00 11.68 ? 94   LYS A CB    1 
ATOM   684  C  CG    . LYS A 1 94  ? -0.969  -1.106  -12.992 1.00 13.60 ? 94   LYS A CG    1 
ATOM   685  C  CD    . LYS A 1 94  ? -0.040  -0.459  -14.059 1.00 17.40 ? 94   LYS A CD    1 
ATOM   686  C  CE    . LYS A 1 94  ? 0.546   0.812   -13.497 1.00 21.53 ? 94   LYS A CE    1 
ATOM   687  N  NZ    . LYS A 1 94  ? 1.472   1.495   -14.447 1.00 18.98 ? 94   LYS A NZ    1 
ATOM   688  N  N     . LYS A 1 95  ? -1.877  -5.636  -12.765 1.00 10.35 ? 95   LYS A N     1 
ATOM   689  C  CA    . LYS A 1 95  ? -2.389  -6.933  -13.184 1.00 11.65 ? 95   LYS A CA    1 
ATOM   690  C  C     . LYS A 1 95  ? -3.502  -7.471  -12.305 1.00 13.77 ? 95   LYS A C     1 
ATOM   691  O  O     . LYS A 1 95  ? -4.356  -8.191  -12.798 1.00 18.44 ? 95   LYS A O     1 
ATOM   692  C  CB    . LYS A 1 95  ? -1.272  -7.983  -13.282 1.00 14.49 ? 95   LYS A CB    1 
ATOM   693  C  CG    . LYS A 1 95  ? -0.365  -7.780  -14.465 1.00 24.16 ? 95   LYS A CG    1 
ATOM   694  C  CD    . LYS A 1 95  ? 0.885   -8.616  -14.291 1.00 32.47 ? 95   LYS A CD    1 
ATOM   695  C  CE    . LYS A 1 95  ? 1.838   -8.502  -15.464 1.00 37.18 ? 95   LYS A CE    1 
ATOM   696  N  NZ    . LYS A 1 95  ? 2.960   -9.455  -15.253 1.00 40.03 ? 95   LYS A NZ    1 
ATOM   697  N  N     . VAL A 1 96  ? -3.495  -7.148  -11.024 1.00 8.59  ? 96   VAL A N     1 
ATOM   698  C  CA    . VAL A 1 96  ? -4.470  -7.737  -10.096 1.00 11.07 ? 96   VAL A CA    1 
ATOM   699  C  C     . VAL A 1 96  ? -5.696  -6.864  -9.855  1.00 11.13 ? 96   VAL A C     1 
ATOM   700  O  O     . VAL A 1 96  ? -6.765  -7.391  -9.590  1.00 10.57 ? 96   VAL A O     1 
ATOM   701  C  CB    . VAL A 1 96  ? -3.835  -8.145  -8.777  1.00 16.41 ? 96   VAL A CB    1 
ATOM   702  C  CG1   . VAL A 1 96  ? -2.646  -9.105  -9.026  1.00 14.97 ? 96   VAL A CG1   1 
ATOM   703  C  CG2   . VAL A 1 96  ? -3.443  -7.020  -7.990  1.00 19.55 ? 96   VAL A CG2   1 
ATOM   704  N  N     . ILE A 1 97  ? -5.559  -5.550  -9.932  1.00 9.62  ? 97   ILE A N     1 
ATOM   705  C  CA    . ILE A 1 97  ? -6.709  -4.687  -9.717  1.00 10.69 ? 97   ILE A CA    1 
ATOM   706  C  C     . ILE A 1 97  ? -7.685  -4.804  -10.872 1.00 10.38 ? 97   ILE A C     1 
ATOM   707  O  O     . ILE A 1 97  ? -7.323  -5.081  -12.016 1.00 11.17 ? 97   ILE A O     1 
ATOM   708  C  CB    . ILE A 1 97  ? -6.307  -3.225  -9.464  1.00 10.96 ? 97   ILE A CB    1 
ATOM   709  C  CG1   . ILE A 1 97  ? -5.632  -2.625  -10.693 1.00 11.89 ? 97   ILE A CG1   1 
ATOM   710  C  CG2   . ILE A 1 97  ? -5.456  -3.115  -8.183  1.00 12.14 ? 97   ILE A CG2   1 
ATOM   711  C  CD1   . ILE A 1 97  ? -5.274  -1.168  -10.565 1.00 18.86 ? 97   ILE A CD1   1 
ATOM   712  N  N     . GLU A 1 98  ? -8.952  -4.614  -10.532 1.00 7.67  ? 98   GLU A N     1 
ATOM   713  C  CA    . GLU A 1 98  ? -10.048 -4.638  -11.473 1.00 6.53  ? 98   GLU A CA    1 
ATOM   714  C  C     . GLU A 1 98  ? -10.492 -3.245  -11.877 1.00 9.28  ? 98   GLU A C     1 
ATOM   715  O  O     . GLU A 1 98  ? -10.904 -3.029  -13.029 1.00 11.63 ? 98   GLU A O     1 
ATOM   716  C  CB    . GLU A 1 98  ? -11.227 -5.409  -10.857 1.00 9.70  ? 98   GLU A CB    1 
ATOM   717  C  CG    . GLU A 1 98  ? -10.916 -6.890  -10.595 1.00 7.33  ? 98   GLU A CG    1 
ATOM   718  C  CD    . GLU A 1 98  ? -11.863 -7.586  -9.629  1.00 10.86 ? 98   GLU A CD    1 
ATOM   719  O  OE1   . GLU A 1 98  ? -12.711 -6.914  -8.977  1.00 12.99 ? 98   GLU A OE1   1 
ATOM   720  O  OE2   . GLU A 1 98  ? -11.764 -8.830  -9.554  1.00 14.10 ? 98   GLU A OE2   1 
ATOM   721  N  N     . ARG A 1 99  ? -10.473 -2.318  -10.936 1.00 9.70  ? 99   ARG A N     1 
ATOM   722  C  CA    . ARG A 1 99  ? -10.946 -0.951  -11.158 1.00 10.43 ? 99   ARG A CA    1 
ATOM   723  C  C     . ARG A 1 99  ? -9.926  0.019   -10.595 1.00 9.85  ? 99   ARG A C     1 
ATOM   724  O  O     . ARG A 1 99  ? -9.619  -0.039  -9.409  1.00 12.19 ? 99   ARG A O     1 
ATOM   725  C  CB    . ARG A 1 99  ? -12.282 -0.747  -10.476 1.00 11.81 ? 99   ARG A CB    1 
ATOM   726  C  CG    . ARG A 1 99  ? -13.418 -1.539  -11.165 1.00 12.51 ? 99   ARG A CG    1 
ATOM   727  C  CD    . ARG A 1 99  ? -14.832 -1.228  -10.621 1.00 16.57 ? 99   ARG A CD    1 
ATOM   728  N  NE    . ARG A 1 99  ? -14.944 -1.618  -9.212  1.00 15.72 ? 99   ARG A NE    1 
ATOM   729  C  CZ    . ARG A 1 99  ? -15.581 -0.927  -8.270  1.00 19.48 ? 99   ARG A CZ    1 
ATOM   730  N  NH1   . ARG A 1 99  ? -16.187 0.240   -8.555  1.00 16.09 ? 99   ARG A NH1   1 
ATOM   731  N  NH2   . ARG A 1 99  ? -15.614 -1.400  -7.012  1.00 17.25 ? 99   ARG A NH2   1 
ATOM   732  N  N     . GLU A 1 100 ? -9.415  0.921   -11.418 1.00 7.82  ? 100  GLU A N     1 
ATOM   733  C  CA    . GLU A 1 100 ? -8.382  1.861   -11.011 1.00 9.07  ? 100  GLU A CA    1 
ATOM   734  C  C     . GLU A 1 100 ? -8.958  2.974   -10.132 1.00 8.68  ? 100  GLU A C     1 
ATOM   735  O  O     . GLU A 1 100 ? -10.103 3.373   -10.300 1.00 9.09  ? 100  GLU A O     1 
ATOM   736  C  CB    . GLU A 1 100 ? -7.746  2.503   -12.267 1.00 10.11 ? 100  GLU A CB    1 
ATOM   737  C  CG    . GLU A 1 100 ? -7.016  1.522   -13.169 1.00 16.02 ? 100  GLU A CG    1 
ATOM   738  C  CD    . GLU A 1 100 ? -6.574  2.090   -14.516 1.00 26.19 ? 100  GLU A CD    1 
ATOM   739  O  OE1   . GLU A 1 100 ? -7.208  3.026   -15.094 1.00 26.09 ? 100  GLU A OE1   1 
ATOM   740  O  OE2   . GLU A 1 100 ? -5.600  1.530   -15.043 1.00 34.84 ? 100  GLU A OE2   1 
ATOM   741  N  N     . THR A 1 101 ? -8.139  3.481   -9.224  1.00 8.35  ? 101  THR A N     1 
ATOM   742  C  CA    . THR A 1 101 ? -8.544  4.566   -8.309  1.00 6.80  ? 101  THR A CA    1 
ATOM   743  C  C     . THR A 1 101 ? -7.554  5.732   -8.422  1.00 6.81  ? 101  THR A C     1 
ATOM   744  O  O     . THR A 1 101 ? -6.755  5.973   -7.509  1.00 7.40  ? 101  THR A O     1 
ATOM   745  C  CB    . THR A 1 101 ? -8.620  4.061   -6.856  1.00 8.46  ? 101  THR A CB    1 
ATOM   746  O  OG1   . THR A 1 101 ? -7.350  3.462   -6.439  1.00 9.10  ? 101  THR A OG1   1 
ATOM   747  C  CG2   . THR A 1 101 ? -9.709  3.008   -6.679  1.00 8.76  ? 101  THR A CG2   1 
ATOM   748  N  N     . PRO A 1 102 ? -7.554  6.450   -9.534  1.00 7.27  ? 102  PRO A N     1 
ATOM   749  C  CA    . PRO A 1 102 ? -6.520  7.455   -9.782  1.00 7.96  ? 102  PRO A CA    1 
ATOM   750  C  C     . PRO A 1 102 ? -6.515  8.637   -8.823  1.00 9.08  ? 102  PRO A C     1 
ATOM   751  O  O     . PRO A 1 102 ? -5.468  9.278   -8.662  1.00 9.35  ? 102  PRO A O     1 
ATOM   752  C  CB    . PRO A 1 102 ? -6.826  7.921   -11.210 1.00 11.52 ? 102  PRO A CB    1 
ATOM   753  C  CG    . PRO A 1 102 ? -8.325  7.625   -11.358 1.00 10.85 ? 102  PRO A CG    1 
ATOM   754  C  CD    . PRO A 1 102 ? -8.502  6.343   -10.660 1.00 8.41  ? 102  PRO A CD    1 
ATOM   755  N  N     . GLY A 1 103 ? -7.654  8.974   -8.216  1.00 6.78  ? 103  GLY A N     1 
ATOM   756  C  CA    . GLY A 1 103 ? -7.678  10.095  -7.298  1.00 8.39  ? 103  GLY A CA    1 
ATOM   757  C  C     . GLY A 1 103 ? -6.798  9.861   -6.075  1.00 9.62  ? 103  GLY A C     1 
ATOM   758  O  O     . GLY A 1 103 ? -6.271  10.823  -5.504  1.00 8.09  ? 103  GLY A O     1 
ATOM   759  N  N     . LEU A 1 104 ? -6.660  8.617   -5.643  1.00 7.67  ? 104  LEU A N     1 
ATOM   760  C  CA    . LEU A 1 104 ? -5.796  8.320   -4.506  1.00 7.71  ? 104  LEU A CA    1 
ATOM   761  C  C     . LEU A 1 104 ? -4.346  8.597   -4.908  1.00 7.93  ? 104  LEU A C     1 
ATOM   762  O  O     . LEU A 1 104 ? -3.580  9.133   -4.133  1.00 8.84  ? 104  LEU A O     1 
ATOM   763  C  CB    . LEU A 1 104 ? -5.931  6.861   -4.078  1.00 8.51  ? 104  LEU A CB    1 
ATOM   764  C  CG    . LEU A 1 104 ? -7.350  6.419   -3.715  1.00 7.87  ? 104  LEU A CG    1 
ATOM   765  C  CD1   . LEU A 1 104 ? -7.319  4.981   -3.172  1.00 9.75  ? 104  LEU A CD1   1 
ATOM   766  C  CD2   . LEU A 1 104 ? -8.050  7.325   -2.755  1.00 9.54  ? 104  LEU A CD2   1 
ATOM   767  N  N     . LEU A 1 105 ? -3.980  8.188   -6.114  1.00 8.31  ? 105  LEU A N     1 
ATOM   768  C  CA    . LEU A 1 105 ? -2.635  8.458   -6.642  1.00 8.04  ? 105  LEU A CA    1 
ATOM   769  C  C     . LEU A 1 105 ? -2.376  9.942   -6.758  1.00 8.26  ? 105  LEU A C     1 
ATOM   770  O  O     . LEU A 1 105 ? -1.276  10.432  -6.485  1.00 8.67  ? 105  LEU A O     1 
ATOM   771  C  CB    . LEU A 1 105 ? -2.441  7.755   -7.990  1.00 7.68  ? 105  LEU A CB    1 
ATOM   772  C  CG    . LEU A 1 105 ? -2.632  6.241   -7.934  1.00 10.25 ? 105  LEU A CG    1 
ATOM   773  C  CD1   . LEU A 1 105 ? -2.467  5.682   -9.332  1.00 12.10 ? 105  LEU A CD1   1 
ATOM   774  C  CD2   . LEU A 1 105 ? -1.651  5.614   -6.947  1.00 9.26  ? 105  LEU A CD2   1 
ATOM   775  N  N     . PHE A 1 106 ? -3.410  10.686  -7.185  1.00 7.74  ? 106  PHE A N     1 
ATOM   776  C  CA    . PHE A 1 106 ? -3.306  12.121  -7.361  1.00 6.39  ? 106  PHE A CA    1 
ATOM   777  C  C     . PHE A 1 106 ? -2.976  12.785  -6.044  1.00 8.55  ? 106  PHE A C     1 
ATOM   778  O  O     . PHE A 1 106 ? -2.046  13.583  -5.958  1.00 7.32  ? 106  PHE A O     1 
ATOM   779  C  CB    . PHE A 1 106 ? -4.594  12.704  -7.966  1.00 7.50  ? 106  PHE A CB    1 
ATOM   780  C  CG    . PHE A 1 106 ? -4.497  14.157  -8.294  1.00 6.97  ? 106  PHE A CG    1 
ATOM   781  C  CD1   . PHE A 1 106 ? -4.372  14.596  -9.615  1.00 7.99  ? 106  PHE A CD1   1 
ATOM   782  C  CD2   . PHE A 1 106 ? -4.513  15.128  -7.281  1.00 6.86  ? 106  PHE A CD2   1 
ATOM   783  C  CE1   . PHE A 1 106 ? -4.259  15.946  -9.902  1.00 7.74  ? 106  PHE A CE1   1 
ATOM   784  C  CE2   . PHE A 1 106 ? -4.429  16.481  -7.591  1.00 7.27  ? 106  PHE A CE2   1 
ATOM   785  C  CZ    . PHE A 1 106 ? -4.278  16.874  -8.899  1.00 6.23  ? 106  PHE A CZ    1 
ATOM   786  N  N     . VAL A 1 107 ? -3.747  12.470  -5.012  1.00 6.57  ? 107  VAL A N     1 
ATOM   787  C  CA    A VAL A 1 107 ? -3.559  13.098  -3.711  0.50 8.18  ? 107  VAL A CA    1 
ATOM   788  C  CA    B VAL A 1 107 ? -3.527  13.150  -3.729  0.50 8.53  ? 107  VAL A CA    1 
ATOM   789  C  C     . VAL A 1 107 ? -2.186  12.748  -3.123  1.00 7.06  ? 107  VAL A C     1 
ATOM   790  O  O     . VAL A 1 107 ? -1.507  13.610  -2.570  1.00 7.84  ? 107  VAL A O     1 
ATOM   791  C  CB    A VAL A 1 107 ? -4.692  12.677  -2.772  0.50 8.46  ? 107  VAL A CB    1 
ATOM   792  C  CB    B VAL A 1 107 ? -4.692  13.007  -2.700  0.50 10.61 ? 107  VAL A CB    1 
ATOM   793  C  CG1   A VAL A 1 107 ? -4.347  12.971  -1.321  0.50 8.17  ? 107  VAL A CG1   1 
ATOM   794  C  CG1   B VAL A 1 107 ? -5.981  13.443  -3.311  0.50 12.21 ? 107  VAL A CG1   1 
ATOM   795  C  CG2   A VAL A 1 107 ? -5.941  13.393  -3.155  0.50 9.98  ? 107  VAL A CG2   1 
ATOM   796  C  CG2   B VAL A 1 107 ? -4.788  11.609  -2.087  0.50 7.39  ? 107  VAL A CG2   1 
ATOM   797  N  N     . MET A 1 108 ? -1.789  11.493  -3.233  1.00 8.12  ? 108  MET A N     1 
ATOM   798  C  CA    . MET A 1 108 ? -0.487  11.071  -2.696  1.00 6.86  ? 108  MET A CA    1 
ATOM   799  C  C     . MET A 1 108 ? 0.631   11.849  -3.390  1.00 7.51  ? 108  MET A C     1 
ATOM   800  O  O     . MET A 1 108 ? 1.577   12.324  -2.754  1.00 8.08  ? 108  MET A O     1 
ATOM   801  C  CB    . MET A 1 108 ? -0.265  9.558   -2.810  1.00 9.08  ? 108  MET A CB    1 
ATOM   802  C  CG    . MET A 1 108 ? -1.165  8.776   -1.874  1.00 8.84  ? 108  MET A CG    1 
ATOM   803  S  SD    . MET A 1 108 ? -0.706  7.028   -1.812  1.00 12.82 ? 108  MET A SD    1 
ATOM   804  C  CE    . MET A 1 108 ? -1.086  6.554   -3.420  1.00 10.43 ? 108  MET A CE    1 
ATOM   805  N  N     . MET A 1 109 ? 0.539   11.955  -4.703  1.00 8.88  ? 109  MET A N     1 
ATOM   806  C  CA    . MET A 1 109 ? 1.575   12.666  -5.469  1.00 8.87  ? 109  MET A CA    1 
ATOM   807  C  C     . MET A 1 109 ? 1.591   14.160  -5.126  1.00 6.63  ? 109  MET A C     1 
ATOM   808  O  O     . MET A 1 109 ? 2.639   14.770  -4.876  1.00 7.61  ? 109  MET A O     1 
ATOM   809  C  CB    . MET A 1 109 ? 1.362   12.446  -6.971  1.00 9.51  ? 109  MET A CB    1 
ATOM   810  C  CG    . MET A 1 109 ? 2.439   13.010  -7.892  1.00 9.39  ? 109  MET A CG    1 
ATOM   811  S  SD    . MET A 1 109 ? 4.108   12.364  -7.571  1.00 9.59  ? 109  MET A SD    1 
ATOM   812  C  CE    . MET A 1 109 ? 3.928   10.703  -8.016  1.00 9.65  ? 109  MET A CE    1 
ATOM   813  N  N     . GLN A 1 110 ? 0.409   14.767  -5.146  1.00 6.43  ? 110  GLN A N     1 
ATOM   814  C  CA    . GLN A 1 110 ? 0.255   16.175  -4.855  1.00 6.40  ? 110  GLN A CA    1 
ATOM   815  C  C     . GLN A 1 110 ? 0.848   16.534  -3.501  1.00 6.97  ? 110  GLN A C     1 
ATOM   816  O  O     . GLN A 1 110 ? 1.599   17.474  -3.376  1.00 6.96  ? 110  GLN A O     1 
ATOM   817  C  CB    . GLN A 1 110 ? -1.222  16.566  -4.875  1.00 8.84  ? 110  GLN A CB    1 
ATOM   818  C  CG    . GLN A 1 110 ? -1.484  18.006  -4.693  1.00 11.29 ? 110  GLN A CG    1 
ATOM   819  C  CD    . GLN A 1 110 ? -2.978  18.330  -4.651  1.00 10.46 ? 110  GLN A CD    1 
ATOM   820  O  OE1   . GLN A 1 110 ? -3.701  17.791  -3.828  1.00 21.20 ? 110  GLN A OE1   1 
ATOM   821  N  NE2   . GLN A 1 110 ? -3.411  19.208  -5.514  1.00 12.46 ? 110  GLN A NE2   1 
ATOM   822  N  N     . GLU A 1 111 ? 0.520   15.733  -2.499  1.00 8.03  ? 111  GLU A N     1 
ATOM   823  C  CA    . GLU A 1 111 ? 0.990   16.030  -1.155  1.00 8.70  ? 111  GLU A CA    1 
ATOM   824  C  C     . GLU A 1 111 ? 2.465   15.685  -0.989  1.00 9.09  ? 111  GLU A C     1 
ATOM   825  O  O     . GLU A 1 111 ? 3.201   16.431  -0.332  1.00 11.01 ? 111  GLU A O     1 
ATOM   826  C  CB    . GLU A 1 111 ? 0.111   15.326  -0.120  1.00 9.26  ? 111  GLU A CB    1 
ATOM   827  C  CG    . GLU A 1 111 ? -1.327  15.862  -0.082  1.00 11.08 ? 111  GLU A CG    1 
ATOM   828  C  CD    . GLU A 1 111 ? -1.471  17.357  0.167   1.00 18.31 ? 111  GLU A CD    1 
ATOM   829  O  OE1   . GLU A 1 111 ? -0.813  17.898  1.080   1.00 16.86 ? 111  GLU A OE1   1 
ATOM   830  O  OE2   . GLU A 1 111 ? -2.257  17.997  -0.558  1.00 22.92 ? 111  GLU A OE2   1 
ATOM   831  N  N     . SER A 1 112 ? 2.906   14.602  -1.603  1.00 8.47  ? 112  SER A N     1 
ATOM   832  C  CA    . SER A 1 112 ? 4.310   14.177  -1.515  1.00 10.48 ? 112  SER A CA    1 
ATOM   833  C  C     . SER A 1 112 ? 5.246   15.189  -2.183  1.00 7.81  ? 112  SER A C     1 
ATOM   834  O  O     . SER A 1 112 ? 6.345   15.439  -1.687  1.00 7.94  ? 112  SER A O     1 
ATOM   835  C  CB    . SER A 1 112 ? 4.488   12.776  -2.091  1.00 11.25 ? 112  SER A CB    1 
ATOM   836  O  OG    . SER A 1 112 ? 3.810   11.812  -1.285  1.00 12.02 ? 112  SER A OG    1 
ATOM   837  N  N     . LEU A 1 113 ? 4.811   15.815  -3.272  1.00 6.66  ? 113  LEU A N     1 
ATOM   838  C  CA    . LEU A 1 113 ? 5.636   16.789  -3.979  1.00 8.10  ? 113  LEU A CA    1 
ATOM   839  C  C     . LEU A 1 113 ? 5.912   18.023  -3.134  1.00 8.78  ? 113  LEU A C     1 
ATOM   840  O  O     . LEU A 1 113 ? 6.916   18.737  -3.346  1.00 9.10  ? 113  LEU A O     1 
ATOM   841  C  CB    . LEU A 1 113 ? 4.983   17.164  -5.293  1.00 7.23  ? 113  LEU A CB    1 
ATOM   842  C  CG    . LEU A 1 113 ? 5.138   16.169  -6.431  1.00 7.19  ? 113  LEU A CG    1 
ATOM   843  C  CD1   . LEU A 1 113 ? 4.228   16.514  -7.577  1.00 11.23 ? 113  LEU A CD1   1 
ATOM   844  C  CD2   . LEU A 1 113 ? 6.598   16.126  -6.922  1.00 9.18  ? 113  LEU A CD2   1 
ATOM   845  N  N     . LYS A 1 114 ? 5.025   18.301  -2.176  1.00 9.44  ? 114  LYS A N     1 
ATOM   846  C  CA    . LYS A 1 114 ? 5.213   19.428  -1.261  1.00 8.92  ? 114  LYS A CA    1 
ATOM   847  C  C     . LYS A 1 114 ? 6.387   19.191  -0.338  1.00 10.67 ? 114  LYS A C     1 
ATOM   848  O  O     . LYS A 1 114 ? 7.016   20.138  0.122   1.00 15.74 ? 114  LYS A O     1 
ATOM   849  C  CB    . LYS A 1 114 ? 3.932   19.711  -0.460  1.00 10.41 ? 114  LYS A CB    1 
ATOM   850  C  CG    . LYS A 1 114 ? 2.776   20.213  -1.305  1.00 13.13 ? 114  LYS A CG    1 
ATOM   851  C  CD    . LYS A 1 114 ? 1.498   20.355  -0.478  1.00 16.34 ? 114  LYS A CD    1 
ATOM   852  C  CE    . LYS A 1 114 ? 0.276   20.511  -1.349  1.00 19.11 ? 114  LYS A CE    1 
ATOM   853  N  NZ    . LYS A 1 114 ? -0.924  20.818  -0.538  1.00 22.46 ? 114  LYS A NZ    1 
ATOM   854  N  N     . ILE A 1 115 ? 6.667   17.932  -0.071  1.00 9.86  ? 115  ILE A N     1 
ATOM   855  C  CA    . ILE A 1 115 ? 7.768   17.508  0.777   1.00 13.16 ? 115  ILE A CA    1 
ATOM   856  C  C     . ILE A 1 115 ? 9.083   17.390  0.018   1.00 16.83 ? 115  ILE A C     1 
ATOM   857  O  O     . ILE A 1 115 ? 10.093  17.940  0.446   1.00 14.47 ? 115  ILE A O     1 
ATOM   858  C  CB    . ILE A 1 115 ? 7.416   16.184  1.439   1.00 16.86 ? 115  ILE A CB    1 
ATOM   859  C  CG1   . ILE A 1 115 ? 6.129   16.365  2.257   1.00 18.37 ? 115  ILE A CG1   1 
ATOM   860  C  CG2   . ILE A 1 115 ? 8.546   15.705  2.347   1.00 21.15 ? 115  ILE A CG2   1 
ATOM   861  C  CD1   . ILE A 1 115 ? 5.493   15.097  2.676   1.00 23.12 ? 115  ILE A CD1   1 
ATOM   862  N  N     . THR A 1 116 ? 9.064   16.693  -1.115  1.00 14.19 ? 116  THR A N     1 
ATOM   863  C  CA    . THR A 1 116 ? 10.280  16.447  -1.888  1.00 13.79 ? 116  THR A CA    1 
ATOM   864  C  C     . THR A 1 116 ? 9.968   16.321  -3.381  1.00 12.52 ? 116  THR A C     1 
ATOM   865  O  O     . THR A 1 116 ? 9.008   15.693  -3.737  1.00 9.22  ? 116  THR A O     1 
ATOM   866  C  CB    . THR A 1 116 ? 10.980  15.159  -1.384  1.00 16.85 ? 116  THR A CB    1 
ATOM   867  O  OG1   . THR A 1 116 ? 12.043  14.796  -2.272  1.00 21.41 ? 116  THR A OG1   1 
ATOM   868  C  CG2   . THR A 1 116 ? 10.060  13.952  -1.335  1.00 18.21 ? 116  THR A CG2   1 
ATOM   869  N  N     . PRO A 1 117 ? 10.775  16.912  -4.254  1.00 12.57 ? 117  PRO A N     1 
ATOM   870  C  CA    . PRO A 1 117 ? 10.586  16.690  -5.695  1.00 11.51 ? 117  PRO A CA    1 
ATOM   871  C  C     . PRO A 1 117 ? 10.784  15.244  -6.089  1.00 10.13 ? 117  PRO A C     1 
ATOM   872  O  O     . PRO A 1 117 ? 10.252  14.832  -7.104  1.00 10.59 ? 117  PRO A O     1 
ATOM   873  C  CB    . PRO A 1 117 ? 11.690  17.521  -6.328  1.00 13.55 ? 117  PRO A CB    1 
ATOM   874  C  CG    . PRO A 1 117 ? 12.690  17.645  -5.273  1.00 14.64 ? 117  PRO A CG    1 
ATOM   875  C  CD    . PRO A 1 117 ? 11.928  17.776  -3.984  1.00 15.39 ? 117  PRO A CD    1 
ATOM   876  N  N     . PHE A 1 118 ? 11.490  14.454  -5.295  1.00 11.54 ? 118  PHE A N     1 
ATOM   877  C  CA    . PHE A 1 118 ? 11.695  13.040  -5.606  1.00 13.25 ? 118  PHE A CA    1 
ATOM   878  C  C     . PHE A 1 118 ? 10.407  12.213  -5.553  1.00 11.52 ? 118  PHE A C     1 
ATOM   879  O  O     . PHE A 1 118 ? 10.356  11.061  -6.005  1.00 12.09 ? 118  PHE A O     1 
ATOM   880  C  CB    . PHE A 1 118 ? 12.791  12.449  -4.703  1.00 17.95 ? 118  PHE A CB    1 
ATOM   881  C  CG    A PHE A 1 118 ? 14.177  13.005  -4.905  0.50 20.76 ? 118  PHE A CG    1 
ATOM   882  C  CG    B PHE A 1 118 ? 14.118  13.149  -4.902  0.50 18.44 ? 118  PHE A CG    1 
ATOM   883  C  CD1   A PHE A 1 118 ? 14.428  14.165  -5.634  0.50 19.59 ? 118  PHE A CD1   1 
ATOM   884  C  CD1   B PHE A 1 118 ? 14.716  13.878  -3.874  0.50 19.81 ? 118  PHE A CD1   1 
ATOM   885  C  CD2   A PHE A 1 118 ? 15.251  12.344  -4.313  0.50 25.51 ? 118  PHE A CD2   1 
ATOM   886  C  CD2   B PHE A 1 118 ? 14.708  13.173  -6.159  0.50 16.59 ? 118  PHE A CD2   1 
ATOM   887  C  CE1   A PHE A 1 118 ? 15.730  14.642  -5.781  0.50 24.56 ? 118  PHE A CE1   1 
ATOM   888  C  CE1   B PHE A 1 118 ? 15.907  14.557  -4.088  0.50 21.03 ? 118  PHE A CE1   1 
ATOM   889  C  CE2   A PHE A 1 118 ? 16.542  12.810  -4.457  0.50 24.44 ? 118  PHE A CE2   1 
ATOM   890  C  CE2   B PHE A 1 118 ? 15.895  13.847  -6.381  0.50 17.68 ? 118  PHE A CE2   1 
ATOM   891  C  CZ    A PHE A 1 118 ? 16.782  13.965  -5.189  0.50 26.07 ? 118  PHE A CZ    1 
ATOM   892  C  CZ    B PHE A 1 118 ? 16.497  14.546  -5.349  0.50 19.80 ? 118  PHE A CZ    1 
ATOM   893  N  N     . ALA A 1 119 ? 9.323   12.803  -5.032  1.00 9.17  ? 119  ALA A N     1 
ATOM   894  C  CA    . ALA A 1 119 ? 8.007   12.201  -5.151  1.00 10.85 ? 119  ALA A CA    1 
ATOM   895  C  C     . ALA A 1 119 ? 7.628   11.838  -6.592  1.00 7.60  ? 119  ALA A C     1 
ATOM   896  O  O     . ALA A 1 119 ? 6.940   10.844  -6.824  1.00 10.16 ? 119  ALA A O     1 
ATOM   897  C  CB    . ALA A 1 119 ? 6.947   13.120  -4.542  1.00 10.68 ? 119  ALA A CB    1 
ATOM   898  N  N     . MET A 1 120 ? 8.107   12.622  -7.554  1.00 7.29  ? 120  MET A N     1 
ATOM   899  C  CA    . MET A 1 120 ? 7.800   12.351  -8.958  1.00 6.97  ? 120  MET A CA    1 
ATOM   900  C  C     . MET A 1 120 ? 8.362   11.022  -9.476  1.00 9.27  ? 120  MET A C     1 
ATOM   901  O  O     . MET A 1 120 ? 7.982   10.566  -10.561 1.00 9.38  ? 120  MET A O     1 
ATOM   902  C  CB    . MET A 1 120 ? 8.245   13.493  -9.856  1.00 8.89  ? 120  MET A CB    1 
ATOM   903  C  CG    . MET A 1 120 ? 9.724   13.569  -10.196 1.00 8.62  ? 120  MET A CG    1 
ATOM   904  S  SD    . MET A 1 120 ? 10.114  14.893  -11.341 1.00 9.29  ? 120  MET A SD    1 
ATOM   905  C  CE    . MET A 1 120 ? 10.174  16.322  -10.205 1.00 11.32 ? 120  MET A CE    1 
ATOM   906  N  N     . LEU A 1 121 ? 9.290   10.445  -8.732  1.00 8.72  ? 121  LEU A N     1 
ATOM   907  C  CA    . LEU A 1 121 ? 9.878   9.161   -9.095  1.00 10.39 ? 121  LEU A CA    1 
ATOM   908  C  C     . LEU A 1 121 ? 9.068   7.968   -8.610  1.00 12.92 ? 121  LEU A C     1 
ATOM   909  O  O     . LEU A 1 121 ? 9.363   6.851   -8.957  1.00 12.07 ? 121  LEU A O     1 
ATOM   910  C  CB    . LEU A 1 121 ? 11.325  9.078   -8.618  1.00 10.84 ? 121  LEU A CB    1 
ATOM   911  C  CG    . LEU A 1 121 ? 12.239  10.216  -9.079  1.00 11.93 ? 121  LEU A CG    1 
ATOM   912  C  CD1   . LEU A 1 121 ? 13.628  10.043  -8.447  1.00 15.04 ? 121  LEU A CD1   1 
ATOM   913  C  CD2   . LEU A 1 121 ? 12.337  10.301  -10.599 1.00 13.31 ? 121  LEU A CD2   1 
ATOM   914  N  N     . SER A 1 122 ? 8.017   8.197   -7.840  1.00 7.89  ? 122  SER A N     1 
ATOM   915  C  CA    . SER A 1 122 ? 7.106   7.108   -7.508  1.00 9.21  ? 122  SER A CA    1 
ATOM   916  C  C     . SER A 1 122 ? 6.132   6.815   -8.637  1.00 10.05 ? 122  SER A C     1 
ATOM   917  O  O     . SER A 1 122 ? 5.408   7.693   -9.119  1.00 12.36 ? 122  SER A O     1 
ATOM   918  C  CB    . SER A 1 122 ? 6.298   7.424   -6.258  1.00 10.83 ? 122  SER A CB    1 
ATOM   919  O  OG    . SER A 1 122 ? 5.400   6.378   -5.991  1.00 17.55 ? 122  SER A OG    1 
ATOM   920  N  N     . ARG A 1 123 ? 6.102   5.551   -9.035  1.00 9.26  ? 123  ARG A N     1 
ATOM   921  C  CA    . ARG A 1 123 ? 5.212   5.059   -10.084 1.00 7.60  ? 123  ARG A CA    1 
ATOM   922  C  C     . ARG A 1 123 ? 4.035   4.258   -9.514  1.00 9.09  ? 123  ARG A C     1 
ATOM   923  O  O     . ARG A 1 123 ? 3.423   3.438   -10.189 1.00 9.78  ? 123  ARG A O     1 
ATOM   924  C  CB    . ARG A 1 123 ? 6.001   4.198   -11.105 1.00 7.31  ? 123  ARG A CB    1 
ATOM   925  C  CG    . ARG A 1 123 ? 7.282   4.818   -11.577 1.00 8.60  ? 123  ARG A CG    1 
ATOM   926  C  CD    . ARG A 1 123 ? 8.103   3.953   -12.534 1.00 6.94  ? 123  ARG A CD    1 
ATOM   927  N  NE    . ARG A 1 123 ? 8.238   2.576   -12.055 1.00 8.15  ? 123  ARG A NE    1 
ATOM   928  C  CZ    . ARG A 1 123 ? 7.468   1.561   -12.403 1.00 9.19  ? 123  ARG A CZ    1 
ATOM   929  N  NH1   . ARG A 1 123 ? 6.442   1.721   -13.214 1.00 8.92  ? 123  ARG A NH1   1 
ATOM   930  N  NH2   . ARG A 1 123 ? 7.703   0.369   -11.878 1.00 7.82  ? 123  ARG A NH2   1 
ATOM   931  N  N     . SER A 1 124 ? 3.710   4.542   -8.257  1.00 8.69  ? 124  SER A N     1 
ATOM   932  C  CA    . SER A 1 124 ? 2.644   3.825   -7.557  1.00 7.50  ? 124  SER A CA    1 
ATOM   933  C  C     . SER A 1 124 ? 1.361   3.712   -8.355  1.00 8.72  ? 124  SER A C     1 
ATOM   934  O  O     . SER A 1 124 ? 0.929   4.665   -9.004  1.00 10.89 ? 124  SER A O     1 
ATOM   935  C  CB    . SER A 1 124 ? 2.309   4.550   -6.279  1.00 8.69  ? 124  SER A CB    1 
ATOM   936  O  OG    . SER A 1 124 ? 3.408   4.537   -5.376  1.00 12.28 ? 124  SER A OG    1 
ATOM   937  N  N     . ALA A 1 125 ? 0.760   2.537   -8.249  1.00 9.29  ? 125  ALA A N     1 
ATOM   938  C  CA    . ALA A 1 125 ? -0.587  2.242   -8.719  1.00 8.88  ? 125  ALA A CA    1 
ATOM   939  C  C     . ALA A 1 125 ? -1.529  1.996   -7.554  1.00 8.15  ? 125  ALA A C     1 
ATOM   940  O  O     . ALA A 1 125 ? -1.101  1.804   -6.413  1.00 9.56  ? 125  ALA A O     1 
ATOM   941  C  CB    . ALA A 1 125 ? -0.581  1.033   -9.640  1.00 11.75 ? 125  ALA A CB    1 
ATOM   942  N  N     . ALA A 1 126 ? -2.820  1.980   -7.866  1.00 9.61  ? 126  ALA A N     1 
ATOM   943  C  CA    . ALA A 1 126 ? -3.863  1.733   -6.886  1.00 9.78  ? 126  ALA A CA    1 
ATOM   944  C  C     . ALA A 1 126 ? -5.150  1.318   -7.544  1.00 11.63 ? 126  ALA A C     1 
ATOM   945  O  O     . ALA A 1 126 ? -5.486  1.784   -8.644  1.00 11.83 ? 126  ALA A O     1 
ATOM   946  C  CB    . ALA A 1 126 ? -4.078  2.945   -6.038  1.00 9.04  ? 126  ALA A CB    1 
ATOM   947  N  N     . GLY A 1 127 ? -5.901  0.453   -6.880  1.00 9.24  ? 127  GLY A N     1 
ATOM   948  C  CA    . GLY A 1 127 ? -7.226  0.118   -7.369  1.00 7.47  ? 127  GLY A CA    1 
ATOM   949  C  C     . GLY A 1 127 ? -7.937  -0.901  -6.508  1.00 8.01  ? 127  GLY A C     1 
ATOM   950  O  O     . GLY A 1 127 ? -7.460  -1.267  -5.442  1.00 9.71  ? 127  GLY A O     1 
ATOM   951  N  N     . ILE A 1 128 ? -9.092  -1.347  -6.994  1.00 8.11  ? 128  ILE A N     1 
ATOM   952  C  CA    . ILE A 1 128 ? -9.973  -2.211  -6.231  1.00 7.40  ? 128  ILE A CA    1 
ATOM   953  C  C     . ILE A 1 128 ? -9.998  -3.571  -6.908  1.00 9.20  ? 128  ILE A C     1 
ATOM   954  O  O     . ILE A 1 128 ? -10.120 -3.661  -8.102  1.00 9.19  ? 128  ILE A O     1 
ATOM   955  C  CB    . ILE A 1 128 ? -11.373 -1.623  -6.206  1.00 6.50  ? 128  ILE A CB    1 
ATOM   956  C  CG1   . ILE A 1 128 ? -11.368 -0.239  -5.545  1.00 8.51  ? 128  ILE A CG1   1 
ATOM   957  C  CG2   . ILE A 1 128 ? -12.331 -2.569  -5.446  1.00 9.08  ? 128  ILE A CG2   1 
ATOM   958  C  CD1   . ILE A 1 128 ? -12.569 0.596   -5.870  1.00 9.72  ? 128  ILE A CD1   1 
ATOM   959  N  N     . ARG A 1 129 ? -9.906  -4.626  -6.120  1.00 7.73  ? 129  ARG A N     1 
ATOM   960  C  CA    . ARG A 1 129 ? -10.168 -5.988  -6.574  1.00 7.16  ? 129  ARG A CA    1 
ATOM   961  C  C     . ARG A 1 129 ? -11.218 -6.542  -5.637  1.00 6.55  ? 129  ARG A C     1 
ATOM   962  O  O     . ARG A 1 129 ? -10.976 -6.661  -4.451  1.00 7.49  ? 129  ARG A O     1 
ATOM   963  C  CB    . ARG A 1 129 ? -8.878  -6.804  -6.483  1.00 7.61  ? 129  ARG A CB    1 
ATOM   964  C  CG    . ARG A 1 129 ? -8.996  -8.239  -6.893  1.00 7.18  ? 129  ARG A CG    1 
ATOM   965  C  CD    . ARG A 1 129 ? -7.730  -9.013  -6.720  1.00 7.65  ? 129  ARG A CD    1 
ATOM   966  N  NE    . ARG A 1 129 ? -7.848  -10.417 -7.049  1.00 9.06  ? 129  ARG A NE    1 
ATOM   967  C  CZ    . ARG A 1 129 ? -7.554  -10.936 -8.249  1.00 10.15 ? 129  ARG A CZ    1 
ATOM   968  N  NH1   . ARG A 1 129 ? -7.088  -10.195 -9.239  1.00 10.77 ? 129  ARG A NH1   1 
ATOM   969  N  NH2   . ARG A 1 129 ? -7.647  -12.235 -8.421  1.00 12.40 ? 129  ARG A NH2   1 
ATOM   970  N  N     . GLY A 1 130 ? -12.372 -6.929  -6.165  1.00 7.90  ? 130  GLY A N     1 
ATOM   971  C  CA    . GLY A 1 130 ? -13.438 -7.452  -5.323  1.00 7.64  ? 130  GLY A CA    1 
ATOM   972  C  C     . GLY A 1 130 ? -13.887 -6.368  -4.348  1.00 9.09  ? 130  GLY A C     1 
ATOM   973  O  O     . GLY A 1 130 ? -14.324 -5.291  -4.790  1.00 10.55 ? 130  GLY A O     1 
ATOM   974  N  N     . SER A 1 131 ? -13.761 -6.658  -3.053  1.00 7.15  ? 131  SER A N     1 
ATOM   975  C  CA    . SER A 1 131 ? -13.986 -5.650  -2.009  1.00 8.11  ? 131  SER A CA    1 
ATOM   976  C  C     . SER A 1 131 ? -12.711 -5.325  -1.240  1.00 7.76  ? 131  SER A C     1 
ATOM   977  O  O     . SER A 1 131 ? -12.744 -5.124  -0.029  1.00 8.21  ? 131  SER A O     1 
ATOM   978  C  CB    . SER A 1 131 ? -15.116 -6.106  -1.094  1.00 8.67  ? 131  SER A CB    1 
ATOM   979  O  OG    . SER A 1 131 ? -14.809 -7.342  -0.446  1.00 8.37  ? 131  SER A OG    1 
ATOM   980  N  N     . THR A 1 132 ? -11.590 -5.309  -1.953  1.00 7.53  ? 132  THR A N     1 
ATOM   981  C  CA    . THR A 1 132 ? -10.271 -5.006  -1.405  1.00 6.77  ? 132  THR A CA    1 
ATOM   982  C  C     . THR A 1 132 ? -9.674  -3.814  -2.118  1.00 10.04 ? 132  THR A C     1 
ATOM   983  O  O     . THR A 1 132 ? -9.541  -3.818  -3.337  1.00 8.68  ? 132  THR A O     1 
ATOM   984  C  CB    . THR A 1 132 ? -9.327  -6.217  -1.537  1.00 8.25  ? 132  THR A CB    1 
ATOM   985  O  OG1   . THR A 1 132 ? -9.943  -7.352  -0.915  1.00 7.71  ? 132  THR A OG1   1 
ATOM   986  C  CG2   . THR A 1 132 ? -7.986  -5.916  -0.861  1.00 9.07  ? 132  THR A CG2   1 
ATOM   987  N  N     . LEU A 1 133 ? -9.320  -2.778  -1.363  1.00 7.80  ? 133  LEU A N     1 
ATOM   988  C  CA    . LEU A 1 133 ? -8.622  -1.624  -1.918  1.00 8.47  ? 133  LEU A CA    1 
ATOM   989  C  C     . LEU A 1 133 ? -7.115  -1.863  -1.798  1.00 7.79  ? 133  LEU A C     1 
ATOM   990  O  O     . LEU A 1 133 ? -6.642  -2.197  -0.712  1.00 8.43  ? 133  LEU A O     1 
ATOM   991  C  CB    . LEU A 1 133 ? -8.998  -0.356  -1.159  1.00 7.17  ? 133  LEU A CB    1 
ATOM   992  C  CG    . LEU A 1 133 ? -8.346  0.955   -1.615  1.00 7.44  ? 133  LEU A CG    1 
ATOM   993  C  CD1   . LEU A 1 133 ? -8.597  1.222   -3.072  1.00 9.10  ? 133  LEU A CD1   1 
ATOM   994  C  CD2   . LEU A 1 133 ? -8.870  2.099   -0.766  1.00 8.87  ? 133  LEU A CD2   1 
ATOM   995  N  N     . ILE A 1 134 ? -6.368  -1.688  -2.889  1.00 7.65  ? 134  ILE A N     1 
ATOM   996  C  CA    . ILE A 1 134 ? -4.928  -1.931  -2.932  1.00 7.15  ? 134  ILE A CA    1 
ATOM   997  C  C     . ILE A 1 134 ? -4.240  -0.618  -3.292  1.00 8.36  ? 134  ILE A C     1 
ATOM   998  O  O     . ILE A 1 134 ? -4.553  -0.028  -4.335  1.00 9.52  ? 134  ILE A O     1 
ATOM   999  C  CB    . ILE A 1 134 ? -4.560  -3.035  -3.933  1.00 8.48  ? 134  ILE A CB    1 
ATOM   1000 C  CG1   . ILE A 1 134 ? -5.304  -4.311  -3.599  1.00 9.54  ? 134  ILE A CG1   1 
ATOM   1001 C  CG2   . ILE A 1 134 ? -3.036  -3.270  -3.905  1.00 10.22 ? 134  ILE A CG2   1 
ATOM   1002 C  CD1   . ILE A 1 134 ? -5.120  -5.414  -4.623  1.00 9.47  ? 134  ILE A CD1   1 
ATOM   1003 N  N     . ILE A 1 135 ? -3.291  -0.190  -2.464  1.00 7.76  ? 135  ILE A N     1 
ATOM   1004 C  CA    . ILE A 1 135 ? -2.587  1.091   -2.681  1.00 7.26  ? 135  ILE A CA    1 
ATOM   1005 C  C     . ILE A 1 135 ? -1.095  0.889   -2.557  1.00 8.52  ? 135  ILE A C     1 
ATOM   1006 O  O     . ILE A 1 135 ? -0.617  0.470   -1.520  1.00 8.70  ? 135  ILE A O     1 
ATOM   1007 C  CB    . ILE A 1 135 ? -3.036  2.178   -1.691  1.00 7.63  ? 135  ILE A CB    1 
ATOM   1008 C  CG1   . ILE A 1 135 ? -4.550  2.308   -1.637  1.00 8.50  ? 135  ILE A CG1   1 
ATOM   1009 C  CG2   . ILE A 1 135 ? -2.407  3.522   -2.063  1.00 9.90  ? 135  ILE A CG2   1 
ATOM   1010 C  CD1   . ILE A 1 135 ? -5.044  3.236   -0.503  1.00 8.93  ? 135  ILE A CD1   1 
ATOM   1011 N  N     . ASN A 1 136 ? -0.358  1.242   -3.606  1.00 9.15  ? 136  ASN A N     1 
ATOM   1012 C  CA    . ASN A 1 136 ? 1.096   1.219   -3.545  1.00 7.72  ? 136  ASN A CA    1 
ATOM   1013 C  C     . ASN A 1 136 ? 1.621   2.503   -2.896  1.00 9.95  ? 136  ASN A C     1 
ATOM   1014 O  O     . ASN A 1 136 ? 1.177   3.608   -3.233  1.00 10.99 ? 136  ASN A O     1 
ATOM   1015 C  CB    . ASN A 1 136 ? 1.723   1.199   -4.929  1.00 8.47  ? 136  ASN A CB    1 
ATOM   1016 C  CG    . ASN A 1 136 ? 1.391   -0.030  -5.753  1.00 9.68  ? 136  ASN A CG    1 
ATOM   1017 O  OD1   . ASN A 1 136 ? 1.010   -1.135  -5.245  1.00 12.13 ? 136  ASN A OD1   1 
ATOM   1018 N  ND2   . ASN A 1 136 ? 1.567   0.114   -7.009  1.00 6.19  ? 136  ASN A ND2   1 
ATOM   1019 N  N     . MET A 1 137 ? 2.533   2.341   -1.941  1.00 8.67  ? 137  MET A N     1 
ATOM   1020 C  CA    . MET A 1 137 ? 3.271   3.454   -1.345  1.00 9.24  ? 137  MET A CA    1 
ATOM   1021 C  C     . MET A 1 137 ? 4.782   3.257   -1.530  1.00 8.83  ? 137  MET A C     1 
ATOM   1022 O  O     . MET A 1 137 ? 5.269   2.137   -1.715  1.00 9.97  ? 137  MET A O     1 
ATOM   1023 C  CB    . MET A 1 137 ? 2.892   3.584   0.138   1.00 10.67 ? 137  MET A CB    1 
ATOM   1024 C  CG    . MET A 1 137 ? 1.480   4.224   0.285   1.00 16.36 ? 137  MET A CG    1 
ATOM   1025 S  SD    . MET A 1 137 ? 0.982   4.227   1.940   1.00 19.69 ? 137  MET A SD    1 
ATOM   1026 C  CE    . MET A 1 137 ? -0.724  4.651   1.679   1.00 17.42 ? 137  MET A CE    1 
ATOM   1027 N  N     . PRO A 1 138 ? 5.549   4.338   -1.483  1.00 10.48 ? 138  PRO A N     1 
ATOM   1028 C  CA    . PRO A 1 138 ? 6.996   4.237   -1.612  1.00 10.71 ? 138  PRO A CA    1 
ATOM   1029 C  C     . PRO A 1 138 ? 7.607   3.530   -0.418  1.00 11.45 ? 138  PRO A C     1 
ATOM   1030 O  O     . PRO A 1 138 ? 6.987   3.466   0.656   1.00 12.54 ? 138  PRO A O     1 
ATOM   1031 C  CB    . PRO A 1 138 ? 7.442   5.704   -1.691  1.00 11.77 ? 138  PRO A CB    1 
ATOM   1032 C  CG    . PRO A 1 138 ? 6.246   6.433   -2.056  1.00 13.86 ? 138  PRO A CG    1 
ATOM   1033 C  CD    . PRO A 1 138 ? 5.135   5.744   -1.313  1.00 12.88 ? 138  PRO A CD    1 
ATOM   1034 N  N     . GLY A 1 139 ? 8.822   3.036   -0.608  1.00 12.80 ? 139  GLY A N     1 
ATOM   1035 C  CA    . GLY A 1 139 ? 9.531   2.283   0.410   1.00 14.15 ? 139  GLY A CA    1 
ATOM   1036 C  C     . GLY A 1 139 ? 10.243  3.099   1.472   1.00 16.78 ? 139  GLY A C     1 
ATOM   1037 O  O     . GLY A 1 139 ? 10.726  2.532   2.429   1.00 25.61 ? 139  GLY A O     1 
ATOM   1038 N  N     . ASN A 1 140 ? 10.361  4.410   1.282   1.00 21.05 ? 140  ASN A N     1 
ATOM   1039 C  CA    . ASN A 1 140 ? 10.956  5.310   2.289   1.00 19.68 ? 140  ASN A CA    1 
ATOM   1040 C  C     . ASN A 1 140 ? 10.024  5.334   3.511   1.00 20.50 ? 140  ASN A C     1 
ATOM   1041 O  O     . ASN A 1 140 ? 8.856   5.599   3.355   1.00 18.52 ? 140  ASN A O     1 
ATOM   1042 C  CB    . ASN A 1 140 ? 11.055  6.710   1.658   1.00 21.52 ? 140  ASN A CB    1 
ATOM   1043 C  CG    . ASN A 1 140 ? 11.742  7.719   2.534   1.00 29.78 ? 140  ASN A CG    1 
ATOM   1044 O  OD1   . ASN A 1 140 ? 11.328  7.984   3.661   1.00 33.83 ? 140  ASN A OD1   1 
ATOM   1045 N  ND2   . ASN A 1 140 ? 12.801  8.322   1.996   1.00 38.68 ? 140  ASN A ND2   1 
ATOM   1046 N  N     . PRO A 1 141 ? 10.495  5.043   4.724   1.00 23.86 ? 141  PRO A N     1 
ATOM   1047 C  CA    . PRO A 1 141 ? 9.603   5.065   5.901   1.00 21.60 ? 141  PRO A CA    1 
ATOM   1048 C  C     . PRO A 1 141 ? 8.783   6.357   6.089   1.00 24.35 ? 141  PRO A C     1 
ATOM   1049 O  O     . PRO A 1 141 ? 7.605   6.319   6.424   1.00 29.35 ? 141  PRO A O     1 
ATOM   1050 C  CB    . PRO A 1 141 ? 10.570  4.841   7.072   1.00 26.45 ? 141  PRO A CB    1 
ATOM   1051 C  CG    . PRO A 1 141 ? 11.706  4.112   6.476   1.00 25.42 ? 141  PRO A CG    1 
ATOM   1052 C  CD    . PRO A 1 141 ? 11.866  4.633   5.073   1.00 24.78 ? 141  PRO A CD    1 
ATOM   1053 N  N     . ASN A 1 142 ? 9.404   7.506   5.858   1.00 19.37 ? 142  ASN A N     1 
ATOM   1054 C  CA    . ASN A 1 142 ? 8.714   8.790   5.920   1.00 22.28 ? 142  ASN A CA    1 
ATOM   1055 C  C     . ASN A 1 142 ? 7.614   8.933   4.880   1.00 23.76 ? 142  ASN A C     1 
ATOM   1056 O  O     . ASN A 1 142 ? 6.632   9.632   5.123   1.00 24.35 ? 142  ASN A O     1 
ATOM   1057 C  CB    . ASN A 1 142 ? 9.713   9.941   5.746   1.00 24.00 ? 142  ASN A CB    1 
ATOM   1058 C  CG    . ASN A 1 142 ? 10.643  10.088  6.939   1.00 29.63 ? 142  ASN A CG    1 
ATOM   1059 O  OD1   . ASN A 1 142 ? 10.200  10.108  8.086   1.00 32.74 ? 142  ASN A OD1   1 
ATOM   1060 N  ND2   . ASN A 1 142 ? 11.937  10.174  6.673   1.00 34.95 ? 142  ASN A ND2   1 
ATOM   1061 N  N     . ALA A 1 143 ? 7.785   8.279   3.726   1.00 22.65 ? 143  ALA A N     1 
ATOM   1062 C  CA    . ALA A 1 143 ? 6.778   8.307   2.662   1.00 21.97 ? 143  ALA A CA    1 
ATOM   1063 C  C     . ALA A 1 143 ? 5.436   7.746   3.086   1.00 19.25 ? 143  ALA A C     1 
ATOM   1064 O  O     . ALA A 1 143 ? 4.428   8.349   2.759   1.00 19.31 ? 143  ALA A O     1 
ATOM   1065 C  CB    . ALA A 1 143 ? 7.266   7.571   1.396   1.00 22.74 ? 143  ALA A CB    1 
ATOM   1066 N  N     . VAL A 1 144 ? 5.378   6.583   3.752   1.00 18.88 ? 144  VAL A N     1 
ATOM   1067 C  CA    . VAL A 1 144 ? 4.081   6.019   4.132   1.00 18.25 ? 144  VAL A CA    1 
ATOM   1068 C  C     . VAL A 1 144 ? 3.251   6.950   4.995   1.00 17.55 ? 144  VAL A C     1 
ATOM   1069 O  O     . VAL A 1 144 ? 2.051   7.087   4.776   1.00 15.71 ? 144  VAL A O     1 
ATOM   1070 C  CB    . VAL A 1 144 ? 4.131   4.576   4.807   1.00 25.57 ? 144  VAL A CB    1 
ATOM   1071 C  CG1   . VAL A 1 144 ? 4.992   4.538   6.042   1.00 31.60 ? 144  VAL A CG1   1 
ATOM   1072 C  CG2   . VAL A 1 144 ? 2.744   4.092   5.159   1.00 27.08 ? 144  VAL A CG2   1 
ATOM   1073 N  N     . ALA A 1 145 ? 3.871   7.570   5.999   1.00 16.22 ? 145  ALA A N     1 
ATOM   1074 C  CA    . ALA A 1 145 ? 3.149   8.475   6.886   1.00 16.77 ? 145  ALA A CA    1 
ATOM   1075 C  C     . ALA A 1 145 ? 2.576   9.645   6.088   1.00 11.92 ? 145  ALA A C     1 
ATOM   1076 O  O     . ALA A 1 145 ? 1.450   10.071  6.316   1.00 15.14 ? 145  ALA A O     1 
ATOM   1077 C  CB    . ALA A 1 145 ? 4.065   9.002   7.982   1.00 17.55 ? 145  ALA A CB    1 
ATOM   1078 N  N     . GLU A 1 146 ? 3.376   10.172  5.168   1.00 12.98 ? 146  GLU A N     1 
ATOM   1079 C  CA    . GLU A 1 146 ? 2.972   11.326  4.368   1.00 12.42 ? 146  GLU A CA    1 
ATOM   1080 C  C     . GLU A 1 146 ? 1.839   10.967  3.408   1.00 10.93 ? 146  GLU A C     1 
ATOM   1081 O  O     . GLU A 1 146 ? 0.891   11.722  3.232   1.00 13.13 ? 146  GLU A O     1 
ATOM   1082 C  CB    . GLU A 1 146 ? 4.186   11.873  3.629   1.00 16.07 ? 146  GLU A CB    1 
ATOM   1083 C  CG    . GLU A 1 146 ? 5.248   12.381  4.618   1.00 22.37 ? 146  GLU A CG    1 
ATOM   1084 C  CD    . GLU A 1 146 ? 6.686   12.318  4.107   1.00 27.20 ? 146  GLU A CD    1 
ATOM   1085 O  OE1   . GLU A 1 146 ? 6.890   11.906  2.941   1.00 29.16 ? 146  GLU A OE1   1 
ATOM   1086 O  OE2   . GLU A 1 146 ? 7.609   12.685  4.888   1.00 26.08 ? 146  GLU A OE2   1 
ATOM   1087 N  N     . CYS A 1 147 ? 1.922   9.790   2.825   1.00 12.02 ? 147  CYS A N     1 
ATOM   1088 C  CA    . CYS A 1 147 ? 0.898   9.308   1.894   1.00 12.22 ? 147  CYS A CA    1 
ATOM   1089 C  C     . CYS A 1 147 ? -0.401  9.014   2.632   1.00 13.70 ? 147  CYS A C     1 
ATOM   1090 O  O     . CYS A 1 147 ? -1.476  9.377   2.190   1.00 12.61 ? 147  CYS A O     1 
ATOM   1091 C  CB    . CYS A 1 147 ? 1.384   8.065   1.157   1.00 13.06 ? 147  CYS A CB    1 
ATOM   1092 S  SG    . CYS A 1 147 ? 2.570   8.500   -0.119  1.00 15.86 ? 147  CYS A SG    1 
ATOM   1093 N  N     . MET A 1 148 ? -0.300  8.399   3.804   1.00 13.67 ? 148  MET A N     1 
ATOM   1094 C  CA    . MET A 1 148 ? -1.499  8.154   4.590   1.00 15.93 ? 148  MET A CA    1 
ATOM   1095 C  C     . MET A 1 148 ? -2.155  9.409   5.048   1.00 12.66 ? 148  MET A C     1 
ATOM   1096 O  O     . MET A 1 148 ? -3.380  9.507   5.019   1.00 15.24 ? 148  MET A O     1 
ATOM   1097 C  CB    . MET A 1 148 ? -1.191  7.243   5.787   1.00 17.14 ? 148  MET A CB    1 
ATOM   1098 C  CG    . MET A 1 148 ? -1.126  5.776   5.405   1.00 25.38 ? 148  MET A CG    1 
ATOM   1099 S  SD    . MET A 1 148 ? -2.721  5.076   4.843   1.00 30.42 ? 148  MET A SD    1 
ATOM   1100 C  CE    . MET A 1 148 ? -3.904  6.093   5.871   1.00 15.74 ? 148  MET A CE    1 
ATOM   1101 N  N     . GLU A 1 149 ? -1.391  10.413  5.479   1.00 13.42 ? 149  GLU A N     1 
ATOM   1102 C  CA    . GLU A 1 149 ? -1.988  11.675  5.862   1.00 16.39 ? 149  GLU A CA    1 
ATOM   1103 C  C     . GLU A 1 149 ? -2.776  12.280  4.697   1.00 13.27 ? 149  GLU A C     1 
ATOM   1104 O  O     . GLU A 1 149 ? -3.824  12.886  4.911   1.00 15.83 ? 149  GLU A O     1 
ATOM   1105 C  CB    . GLU A 1 149 ? -0.928  12.676  6.371   1.00 19.34 ? 149  GLU A CB    1 
ATOM   1106 C  CG    . GLU A 1 149 ? -1.500  14.020  6.814   1.00 23.15 ? 149  GLU A CG    1 
ATOM   1107 C  CD    . GLU A 1 149 ? -0.455  14.979  7.377   1.00 29.69 ? 149  GLU A CD    1 
ATOM   1108 O  OE1   . GLU A 1 149 ? -0.707  16.207  7.357   1.00 30.93 ? 149  GLU A OE1   1 
ATOM   1109 O  OE2   . GLU A 1 149 ? 0.612   14.518  7.843   1.00 29.92 ? 149  GLU A OE2   1 
ATOM   1110 N  N     . ALA A 1 150 ? -2.251  12.128  3.476   1.00 11.96 ? 150  ALA A N     1 
ATOM   1111 C  CA    . ALA A 1 150 ? -2.904  12.658  2.295   1.00 14.82 ? 150  ALA A CA    1 
ATOM   1112 C  C     . ALA A 1 150 ? -4.252  11.971  2.044   1.00 15.00 ? 150  ALA A C     1 
ATOM   1113 O  O     . ALA A 1 150 ? -5.202  12.634  1.603   1.00 14.91 ? 150  ALA A O     1 
ATOM   1114 C  CB    . ALA A 1 150 ? -2.004  12.514  1.088   1.00 13.84 ? 150  ALA A CB    1 
ATOM   1115 N  N     . LEU A 1 151 ? -4.324  10.671  2.335   1.00 11.49 ? 151  LEU A N     1 
ATOM   1116 C  CA    . LEU A 1 151 ? -5.516  9.830   2.088   1.00 10.39 ? 151  LEU A CA    1 
ATOM   1117 C  C     . LEU A 1 151 ? -6.554  9.917   3.199   1.00 14.33 ? 151  LEU A C     1 
ATOM   1118 O  O     . LEU A 1 151 ? -7.740  9.746   2.961   1.00 11.49 ? 151  LEU A O     1 
ATOM   1119 C  CB    . LEU A 1 151 ? -5.135  8.370   1.932   1.00 12.28 ? 151  LEU A CB    1 
ATOM   1120 C  CG    . LEU A 1 151 ? -4.204  8.047   0.768   1.00 14.18 ? 151  LEU A CG    1 
ATOM   1121 C  CD1   . LEU A 1 151 ? -3.775  6.614   0.873   1.00 18.48 ? 151  LEU A CD1   1 
ATOM   1122 C  CD2   . LEU A 1 151 ? -4.906  8.347   -0.542  1.00 19.11 ? 151  LEU A CD2   1 
ATOM   1123 N  N     . LEU A 1 152 ? -6.095  10.158  4.416   1.00 14.88 ? 152  LEU A N     1 
ATOM   1124 C  CA    . LEU A 1 152 ? -6.924  9.989   5.604   1.00 16.23 ? 152  LEU A CA    1 
ATOM   1125 C  C     . LEU A 1 152 ? -8.228  10.738  5.602   1.00 15.35 ? 152  LEU A C     1 
ATOM   1126 O  O     . LEU A 1 152 ? -9.201  10.229  6.180   1.00 19.77 ? 152  LEU A O     1 
ATOM   1127 C  CB    . LEU A 1 152 ? -6.140  10.347  6.866   1.00 14.65 ? 152  LEU A CB    1 
ATOM   1128 C  CG    . LEU A 1 152 ? -5.393  9.174   7.503   1.00 19.92 ? 152  LEU A CG    1 
ATOM   1129 C  CD1   . LEU A 1 152 ? -4.521  9.667   8.648   1.00 23.38 ? 152  LEU A CD1   1 
ATOM   1130 C  CD2   . LEU A 1 152 ? -6.346  8.104   7.984   1.00 20.35 ? 152  LEU A CD2   1 
ATOM   1131 N  N     . PRO A 1 153 ? -8.298  11.946  5.025   1.00 14.45 ? 153  PRO A N     1 
ATOM   1132 C  CA    . PRO A 1 153 ? -9.575  12.649  4.978   1.00 15.74 ? 153  PRO A CA    1 
ATOM   1133 C  C     . PRO A 1 153 ? -10.738 11.904  4.294   1.00 16.99 ? 153  PRO A C     1 
ATOM   1134 O  O     . PRO A 1 153 ? -11.888 12.229  4.587   1.00 21.01 ? 153  PRO A O     1 
ATOM   1135 C  CB    . PRO A 1 153 ? -9.239  13.937  4.208   1.00 16.69 ? 153  PRO A CB    1 
ATOM   1136 C  CG    . PRO A 1 153 ? -7.743  14.127  4.416   1.00 17.25 ? 153  PRO A CG    1 
ATOM   1137 C  CD    . PRO A 1 153 ? -7.197  12.766  4.491   1.00 13.84 ? 153  PRO A CD    1 
ATOM   1138 N  N     . ALA A 1 154 ? -10.452 10.982  3.390   1.00 11.85 ? 154  ALA A N     1 
ATOM   1139 C  CA    . ALA A 1 154 ? -11.490 10.267  2.636   1.00 12.43 ? 154  ALA A CA    1 
ATOM   1140 C  C     . ALA A 1 154 ? -11.385 8.752   2.663   1.00 12.42 ? 154  ALA A C     1 
ATOM   1141 O  O     . ALA A 1 154 ? -12.276 8.068   2.165   1.00 12.16 ? 154  ALA A O     1 
ATOM   1142 C  CB    . ALA A 1 154 ? -11.453 10.726  1.164   1.00 16.21 ? 154  ALA A CB    1 
ATOM   1143 N  N     . LEU A 1 155 ? -10.302 8.203   3.214   1.00 11.35 ? 155  LEU A N     1 
ATOM   1144 C  CA    . LEU A 1 155 ? -10.074 6.780   3.108   1.00 11.07 ? 155  LEU A CA    1 
ATOM   1145 C  C     . LEU A 1 155 ? -11.138 5.939   3.828   1.00 10.87 ? 155  LEU A C     1 
ATOM   1146 O  O     . LEU A 1 155 ? -11.500 4.870   3.351   1.00 13.46 ? 155  LEU A O     1 
ATOM   1147 C  CB    . LEU A 1 155 ? -8.632  6.433   3.547   1.00 11.55 ? 155  LEU A CB    1 
ATOM   1148 C  CG    . LEU A 1 155 ? -8.084  5.051   3.222   1.00 19.12 ? 155  LEU A CG    1 
ATOM   1149 C  CD1   . LEU A 1 155 ? -8.137  4.829   1.724   1.00 20.99 ? 155  LEU A CD1   1 
ATOM   1150 C  CD2   . LEU A 1 155 ? -6.653  4.906   3.778   1.00 18.76 ? 155  LEU A CD2   1 
ATOM   1151 N  N     . LYS A 1 156 ? -11.697 6.445   4.929   1.00 10.61 ? 156  LYS A N     1 
ATOM   1152 C  CA    . LYS A 1 156 ? -12.757 5.731   5.650   1.00 12.74 ? 156  LYS A CA    1 
ATOM   1153 C  C     . LYS A 1 156 ? -13.947 5.532   4.709   1.00 11.81 ? 156  LYS A C     1 
ATOM   1154 O  O     . LYS A 1 156 ? -14.517 4.458   4.635   1.00 12.56 ? 156  LYS A O     1 
ATOM   1155 C  CB    . LYS A 1 156 ? -13.188 6.491   6.919   1.00 16.67 ? 156  LYS A CB    1 
ATOM   1156 C  CG    . LYS A 1 156 ? -14.501 6.021   7.529   1.00 21.45 ? 156  LYS A CG    1 
ATOM   1157 C  CD    . LYS A 1 156 ? -14.813 6.707   8.864   1.00 22.09 ? 156  LYS A CD    1 
ATOM   1158 C  CE    . LYS A 1 156 ? -15.055 8.187   8.691   1.00 25.81 ? 156  LYS A CE    1 
ATOM   1159 N  NZ    . LYS A 1 156 ? -15.782 8.772   9.867   1.00 26.01 ? 156  LYS A NZ    1 
ATOM   1160 N  N     . HIS A 1 157 ? -14.279 6.571   3.961   1.00 11.95 ? 157  HIS A N     1 
ATOM   1161 C  CA    . HIS A 1 157 ? -15.424 6.511   3.057   1.00 10.59 ? 157  HIS A CA    1 
ATOM   1162 C  C     . HIS A 1 157 ? -15.117 5.605   1.867   1.00 10.26 ? 157  HIS A C     1 
ATOM   1163 O  O     . HIS A 1 157 ? -16.009 4.923   1.400   1.00 12.44 ? 157  HIS A O     1 
ATOM   1164 C  CB    . HIS A 1 157 ? -15.850 7.911   2.666   1.00 9.99  ? 157  HIS A CB    1 
ATOM   1165 C  CG    . HIS A 1 157 ? -16.498 8.633   3.810   1.00 19.93 ? 157  HIS A CG    1 
ATOM   1166 N  ND1   . HIS A 1 157 ? -15.909 9.700   4.455   1.00 30.02 ? 157  HIS A ND1   1 
ATOM   1167 C  CD2   . HIS A 1 157 ? -17.638 8.367   4.492   1.00 30.27 ? 157  HIS A CD2   1 
ATOM   1168 C  CE1   . HIS A 1 157 ? -16.686 10.096  5.448   1.00 25.29 ? 157  HIS A CE1   1 
ATOM   1169 N  NE2   . HIS A 1 157 ? -17.741 9.305   5.492   1.00 28.78 ? 157  HIS A NE2   1 
ATOM   1170 N  N     . ALA A 1 158 ? -13.865 5.554   1.423   1.00 10.40 ? 158  ALA A N     1 
ATOM   1171 C  CA    . ALA A 1 158 ? -13.474 4.617   0.368   1.00 9.33  ? 158  ALA A CA    1 
ATOM   1172 C  C     . ALA A 1 158 ? -13.765 3.197   0.839   1.00 11.54 ? 158  ALA A C     1 
ATOM   1173 O  O     . ALA A 1 158 ? -14.321 2.387   0.116   1.00 11.69 ? 158  ALA A O     1 
ATOM   1174 C  CB    . ALA A 1 158 ? -12.034 4.746   0.045   1.00 10.30 ? 158  ALA A CB    1 
ATOM   1175 N  N     . LEU A 1 159 ? -13.378 2.906   2.074   1.00 10.64 ? 159  LEU A N     1 
ATOM   1176 C  CA    . LEU A 1 159 ? -13.560 1.570   2.623   1.00 10.69 ? 159  LEU A CA    1 
ATOM   1177 C  C     . LEU A 1 159 ? -15.023 1.217   2.838   1.00 11.05 ? 159  LEU A C     1 
ATOM   1178 O  O     . LEU A 1 159 ? -15.430 0.086   2.554   1.00 14.94 ? 159  LEU A O     1 
ATOM   1179 C  CB    . LEU A 1 159 ? -12.773 1.409   3.924   1.00 12.04 ? 159  LEU A CB    1 
ATOM   1180 C  CG    . LEU A 1 159 ? -11.257 1.480   3.711   1.00 12.27 ? 159  LEU A CG    1 
ATOM   1181 C  CD1   . LEU A 1 159 ? -10.560 1.378   5.061   1.00 16.24 ? 159  LEU A CD1   1 
ATOM   1182 C  CD2   . LEU A 1 159 ? -10.681 0.457   2.704   1.00 14.88 ? 159  LEU A CD2   1 
ATOM   1183 N  N     . LYS A 1 160 ? -15.817 2.179   3.309   1.00 11.05 ? 160  LYS A N     1 
ATOM   1184 C  CA    . LYS A 1 160 ? -17.261 1.984   3.400   1.00 12.81 ? 160  LYS A CA    1 
ATOM   1185 C  C     . LYS A 1 160 ? -17.844 1.635   2.016   1.00 13.37 ? 160  LYS A C     1 
ATOM   1186 O  O     . LYS A 1 160 ? -18.659 0.723   1.887   1.00 13.29 ? 160  LYS A O     1 
ATOM   1187 C  CB    . LYS A 1 160 ? -17.947 3.234   3.949   1.00 14.77 ? 160  LYS A CB    1 
ATOM   1188 C  CG    . LYS A 1 160 ? -17.763 3.445   5.440   1.00 26.04 ? 160  LYS A CG    1 
ATOM   1189 C  CD    . LYS A 1 160 ? -18.625 4.598   5.985   1.00 31.51 ? 160  LYS A CD    1 
ATOM   1190 C  CE    . LYS A 1 160 ? -18.283 4.886   7.461   1.00 32.31 ? 160  LYS A CE    1 
ATOM   1191 N  NZ    . LYS A 1 160 ? -18.861 6.176   7.953   1.00 36.79 ? 160  LYS A NZ    1 
ATOM   1192 N  N     . GLN A 1 161 ? -17.425 2.356   0.985   1.00 10.57 ? 161  GLN A N     1 
ATOM   1193 C  CA    . GLN A 1 161 ? -18.044 2.217   -0.344  1.00 10.18 ? 161  GLN A CA    1 
ATOM   1194 C  C     . GLN A 1 161 ? -17.736 0.863   -1.000  1.00 9.78  ? 161  GLN A C     1 
ATOM   1195 O  O     . GLN A 1 161 ? -18.620 0.242   -1.601  1.00 10.70 ? 161  GLN A O     1 
ATOM   1196 C  CB    . GLN A 1 161 ? -17.570 3.351   -1.260  1.00 12.84 ? 161  GLN A CB    1 
ATOM   1197 C  CG    . GLN A 1 161 ? -18.169 4.697   -0.926  1.00 13.49 ? 161  GLN A CG    1 
ATOM   1198 C  CD    . GLN A 1 161 ? -17.838 5.778   -1.952  1.00 22.57 ? 161  GLN A CD    1 
ATOM   1199 O  OE1   . GLN A 1 161 ? -17.623 5.497   -3.139  1.00 22.45 ? 161  GLN A OE1   1 
ATOM   1200 N  NE2   . GLN A 1 161 ? -17.830 7.027   -1.497  1.00 30.20 ? 161  GLN A NE2   1 
ATOM   1201 N  N     . ILE A 1 162 ? -16.513 0.387   -0.835  1.00 11.91 ? 162  ILE A N     1 
ATOM   1202 C  CA    . ILE A 1 162 ? -16.083 -0.843  -1.486  1.00 13.69 ? 162  ILE A CA    1 
ATOM   1203 C  C     . ILE A 1 162 ? -16.835 -2.068  -0.945  1.00 21.38 ? 162  ILE A C     1 
ATOM   1204 O  O     . ILE A 1 162 ? -16.980 -3.059  -1.656  1.00 21.55 ? 162  ILE A O     1 
ATOM   1205 C  CB    . ILE A 1 162 ? -14.546 -0.986  -1.362  1.00 13.86 ? 162  ILE A CB    1 
ATOM   1206 C  CG1   A ILE A 1 162 ? -14.031 -1.115  0.074   0.50 15.72 ? 162  ILE A CG1   1 
ATOM   1207 C  CG1   B ILE A 1 162 ? -13.717 -0.442  -2.511  0.50 18.47 ? 162  ILE A CG1   1 
ATOM   1208 C  CG2   A ILE A 1 162 ? -13.865 0.155   -2.125  0.50 6.00  ? 162  ILE A CG2   1 
ATOM   1209 C  CG2   B ILE A 1 162 ? -14.083 -1.751  -0.044  0.50 18.25 ? 162  ILE A CG2   1 
ATOM   1210 C  CD1   A ILE A 1 162 ? -12.565 -1.665  0.157   0.50 16.74 ? 162  ILE A CD1   1 
ATOM   1211 C  CD1   B ILE A 1 162 ? -12.519 0.240   -1.988  0.50 14.48 ? 162  ILE A CD1   1 
ATOM   1212 N  N     . ALA A 1 163 ? -17.309 -1.973  0.295   1.00 21.29 ? 163  ALA A N     1 
ATOM   1213 C  CA    . ALA A 1 163 ? -18.159 -3.027  0.858   1.00 27.75 ? 163  ALA A CA    1 
ATOM   1214 C  C     . ALA A 1 163 ? -19.568 -2.907  0.258   1.00 29.11 ? 163  ALA A C     1 
ATOM   1215 O  O     . ALA A 1 163 ? -20.109 -3.866  -0.300  1.00 34.52 ? 163  ALA A O     1 
ATOM   1216 C  CB    . ALA A 1 163 ? -18.191 -2.923  2.377   1.00 26.58 ? 163  ALA A CB    1 
HETATM 1217 N  N1    . MTE B 2 .   ? 6.925   10.198  -1.297  0.70 11.28 ? 1164 MTE A N1    1 
HETATM 1218 C  C2    . MTE B 2 .   ? 6.865   10.743  -0.026  0.70 14.54 ? 1164 MTE A C2    1 
HETATM 1219 N  N2    . MTE B 2 .   ? 5.694   11.174  0.447   0.70 11.10 ? 1164 MTE A N2    1 
HETATM 1220 N  N3    . MTE B 2 .   ? 7.954   10.878  0.736   0.70 14.93 ? 1164 MTE A N3    1 
HETATM 1221 C  C4    . MTE B 2 .   ? 9.180   10.434  0.334   0.70 15.22 ? 1164 MTE A C4    1 
HETATM 1222 O  O4    . MTE B 2 .   ? 10.245  10.553  1.081   0.70 13.04 ? 1164 MTE A O4    1 
HETATM 1223 N  N5    . MTE B 2 .   ? 10.618  9.301   -1.531  0.70 12.60 ? 1164 MTE A N5    1 
HETATM 1224 C  C6    . MTE B 2 .   ? 10.726  9.265   -3.082  0.70 14.58 ? 1164 MTE A C6    1 
HETATM 1225 C  C7    . MTE B 2 .   ? 9.298   8.876   -3.781  0.70 10.22 ? 1164 MTE A C7    1 
HETATM 1226 N  N8    . MTE B 2 .   ? 8.127   9.172   -3.060  0.70 7.77  ? 1164 MTE A N8    1 
HETATM 1227 C  C9    . MTE B 2 .   ? 9.366   9.837   -0.967  0.70 11.29 ? 1164 MTE A C9    1 
HETATM 1228 C  C10   . MTE B 2 .   ? 8.063   9.735   -1.851  0.70 9.63  ? 1164 MTE A C10   1 
HETATM 1229 C  "C1'" . MTE B 2 .   ? 11.792  8.620   -3.693  0.70 13.40 ? 1164 MTE A "C1'" 1 
HETATM 1230 S  "S1'" . MTE B 2 .   ? 13.253  9.217   -2.969  0.70 13.19 ? 1164 MTE A "S1'" 1 
HETATM 1231 C  "C2'" . MTE B 2 .   ? 11.563  7.670   -4.770  0.70 14.86 ? 1164 MTE A "C2'" 1 
HETATM 1232 S  "S2'" . MTE B 2 .   ? 13.048  7.048   -5.435  0.70 10.72 ? 1164 MTE A "S2'" 1 
HETATM 1233 C  "C3'" . MTE B 2 .   ? 10.153  7.015   -5.037  0.70 11.76 ? 1164 MTE A "C3'" 1 
HETATM 1234 O  "O3'" . MTE B 2 .   ? 9.257   7.470   -4.024  0.70 10.05 ? 1164 MTE A "O3'" 1 
HETATM 1235 C  "C4'" . MTE B 2 .   ? 10.115  5.585   -5.136  0.70 12.88 ? 1164 MTE A "C4'" 1 
HETATM 1236 O  "O4'" . MTE B 2 .   ? 10.435  4.752   -3.983  0.70 15.89 ? 1164 MTE A "O4'" 1 
HETATM 1237 P  P     . MTE B 2 .   ? 10.396  3.262   -3.984  0.70 13.22 ? 1164 MTE A P     1 
HETATM 1238 O  O1P   . MTE B 2 .   ? 10.973  2.931   -2.665  0.70 13.13 ? 1164 MTE A O1P   1 
HETATM 1239 O  O2P   . MTE B 2 .   ? 9.022   2.736   -3.838  0.70 14.59 ? 1164 MTE A O2P   1 
HETATM 1240 O  O3P   . MTE B 2 .   ? 11.072  2.670   -5.018  0.70 12.24 ? 1164 MTE A O3P   1 
HETATM 1241 C  C1    . PPI C 3 .   ? 0.645   -14.999 3.199   1.00 38.15 ? 1165 PPI A C1    1 
HETATM 1242 C  C2    . PPI C 3 .   ? 2.056   -14.464 3.300   1.00 43.29 ? 1165 PPI A C2    1 
HETATM 1243 C  C3    . PPI C 3 .   ? 3.036   -15.177 2.377   1.00 44.38 ? 1165 PPI A C3    1 
HETATM 1244 O  O1    . PPI C 3 .   ? -0.348  -14.354 3.550   1.00 28.98 ? 1165 PPI A O1    1 
HETATM 1245 O  O2    . PPI C 3 .   ? 0.462   -16.227 2.756   1.00 42.78 ? 1165 PPI A O2    1 
HETATM 1246 N  N1    . IMD D 4 .   ? -2.149  10.711  -10.593 1.00 26.94 ? 1166 IMD A N1    1 
HETATM 1247 C  C2    . IMD D 4 .   ? -2.351  9.593   -11.354 1.00 32.74 ? 1166 IMD A C2    1 
HETATM 1248 N  N3    . IMD D 4 .   ? -1.206  8.830   -11.296 1.00 30.48 ? 1166 IMD A N3    1 
HETATM 1249 C  C4    . IMD D 4 .   ? -0.312  9.475   -10.498 1.00 29.36 ? 1166 IMD A C4    1 
HETATM 1250 C  C5    . IMD D 4 .   ? -0.909  10.647  -10.078 1.00 25.27 ? 1166 IMD A C5    1 
HETATM 1251 C  C     . FMT E 5 .   ? -2.391  6.783   -13.184 1.00 40.87 ? 1167 FMT A C     1 
HETATM 1252 O  O1    . FMT E 5 .   ? -1.322  6.615   -12.600 1.00 29.02 ? 1167 FMT A O1    1 
HETATM 1253 O  O2    . FMT E 5 .   ? -3.400  7.180   -12.605 1.00 38.40 ? 1167 FMT A O2    1 
HETATM 1254 CU CU    . CU1 F 6 .   ? 14.711  8.083   -4.276  0.70 17.34 ? 1168 CU1 A CU    1 
HETATM 1255 O  O     . HOH G 7 .   ? -9.367  -10.065 12.265  1.00 45.36 ? 2001 HOH A O     1 
HETATM 1256 O  O     . HOH G 7 .   ? -13.077 -1.990  14.632  1.00 52.98 ? 2002 HOH A O     1 
HETATM 1257 O  O     . HOH G 7 .   ? -15.411 -4.327  5.656   1.00 35.75 ? 2003 HOH A O     1 
HETATM 1258 O  O     . HOH G 7 .   ? -10.811 -1.400  15.527  1.00 47.67 ? 2004 HOH A O     1 
HETATM 1259 O  O     . HOH G 7 .   ? 5.056   -5.424  5.878   1.00 19.52 ? 2005 HOH A O     1 
HETATM 1260 O  O     . HOH G 7 .   ? 10.253  -1.556  0.838   1.00 33.11 ? 2006 HOH A O     1 
HETATM 1261 O  O     . HOH G 7 .   ? 14.594  -2.388  0.386   1.00 44.40 ? 2007 HOH A O     1 
HETATM 1262 O  O     . HOH G 7 .   ? 18.052  -6.970  -6.010  1.00 38.81 ? 2008 HOH A O     1 
HETATM 1263 O  O     . HOH G 7 .   ? 15.574  -11.608 -2.379  1.00 31.77 ? 2009 HOH A O     1 
HETATM 1264 O  O     . HOH G 7 .   ? 15.890  -4.370  -2.134  1.00 34.08 ? 2010 HOH A O     1 
HETATM 1265 O  O     . HOH G 7 .   ? -4.529  4.000   21.946  1.00 53.59 ? 2011 HOH A O     1 
HETATM 1266 O  O     . HOH G 7 .   ? 10.117  -13.187 1.665   1.00 35.72 ? 2012 HOH A O     1 
HETATM 1267 O  O     . HOH G 7 .   ? 13.935  -13.552 -1.292  1.00 33.54 ? 2013 HOH A O     1 
HETATM 1268 O  O     . HOH G 7 .   ? 5.150   15.803  6.709   1.00 47.37 ? 2014 HOH A O     1 
HETATM 1269 O  O     . HOH G 7 .   ? 21.530  -12.282 6.201   1.00 42.58 ? 2015 HOH A O     1 
HETATM 1270 O  O     . HOH G 7 .   ? 14.869  -9.268  6.746   1.00 31.73 ? 2016 HOH A O     1 
HETATM 1271 O  O     . HOH G 7 .   ? 6.985   -6.400  7.615   1.00 15.77 ? 2017 HOH A O     1 
HETATM 1272 O  O     . HOH G 7 .   ? 8.948   -8.380  -14.143 1.00 37.62 ? 2018 HOH A O     1 
HETATM 1273 O  O     . HOH G 7 .   ? 11.804  2.784   10.524  1.00 28.18 ? 2019 HOH A O     1 
HETATM 1274 O  O     . HOH G 7 .   ? 18.249  -0.652  7.337   1.00 49.32 ? 2020 HOH A O     1 
HETATM 1275 O  O     . HOH G 7 .   ? -1.509  -18.848 -7.115  1.00 49.79 ? 2021 HOH A O     1 
HETATM 1276 O  O     . HOH G 7 .   ? -4.358  -19.006 -6.638  1.00 38.25 ? 2022 HOH A O     1 
HETATM 1277 O  O     . HOH G 7 .   ? 6.357   7.372   10.571  1.00 39.66 ? 2023 HOH A O     1 
HETATM 1278 O  O     . HOH G 7 .   ? 3.023   7.188   12.798  1.00 53.43 ? 2024 HOH A O     1 
HETATM 1279 O  O     . HOH G 7 .   ? 15.283  -5.667  -15.843 1.00 34.61 ? 2025 HOH A O     1 
HETATM 1280 O  O     . HOH G 7 .   ? 15.598  -7.046  -13.609 1.00 40.87 ? 2026 HOH A O     1 
HETATM 1281 O  O     . HOH G 7 .   ? -2.941  -0.276  19.619  1.00 39.71 ? 2027 HOH A O     1 
HETATM 1282 O  O     . HOH G 7 .   ? -5.737  1.108   17.421  1.00 38.67 ? 2028 HOH A O     1 
HETATM 1283 O  O     . HOH G 7 .   ? -3.923  3.342   18.817  1.00 37.25 ? 2029 HOH A O     1 
HETATM 1284 O  O     . HOH G 7 .   ? -1.171  9.116   13.443  1.00 48.05 ? 2030 HOH A O     1 
HETATM 1285 O  O     . HOH G 7 .   ? 3.549   -5.062  -17.168 1.00 37.24 ? 2031 HOH A O     1 
HETATM 1286 O  O     . HOH G 7 .   ? -6.061  -3.961  -16.943 1.00 52.70 ? 2032 HOH A O     1 
HETATM 1287 O  O     . HOH G 7 .   ? -7.512  -8.316  -16.339 1.00 48.93 ? 2033 HOH A O     1 
HETATM 1288 O  O     . HOH G 7 .   ? -10.195 2.104   16.546  1.00 38.12 ? 2034 HOH A O     1 
HETATM 1289 O  O     . HOH G 7 .   ? -5.756  3.644   17.432  1.00 26.14 ? 2035 HOH A O     1 
HETATM 1290 O  O     . HOH G 7 .   ? -7.814  -0.316  -17.393 1.00 48.40 ? 2036 HOH A O     1 
HETATM 1291 O  O     . HOH G 7 .   ? -7.549  6.403   16.218  1.00 36.52 ? 2037 HOH A O     1 
HETATM 1292 O  O     . HOH G 7 .   ? -7.727  7.850   14.686  1.00 33.16 ? 2038 HOH A O     1 
HETATM 1293 O  O     . HOH G 7 .   ? -0.036  21.605  -4.704  1.00 37.28 ? 2039 HOH A O     1 
HETATM 1294 O  O     . HOH G 7 .   ? 4.197   21.112  -5.236  1.00 34.58 ? 2040 HOH A O     1 
HETATM 1295 O  O     . HOH G 7 .   ? 2.876   15.161  4.292   1.00 44.97 ? 2041 HOH A O     1 
HETATM 1296 O  O     . HOH G 7 .   ? 7.771   19.365  -8.022  1.00 42.38 ? 2042 HOH A O     1 
HETATM 1297 O  O     . HOH G 7 .   ? -3.080  -1.424  13.528  1.00 36.53 ? 2043 HOH A O     1 
HETATM 1298 O  O     . HOH G 7 .   ? 6.143   -8.984  8.024   1.00 25.33 ? 2044 HOH A O     1 
HETATM 1299 O  O     . HOH G 7 .   ? 5.060   -6.709  11.208  1.00 21.42 ? 2045 HOH A O     1 
HETATM 1300 O  O     . HOH G 7 .   ? 5.965   -13.766 2.466   1.00 36.29 ? 2046 HOH A O     1 
HETATM 1301 O  O     . HOH G 7 .   ? 6.920   -12.323 5.526   1.00 24.50 ? 2047 HOH A O     1 
HETATM 1302 O  O     . HOH G 7 .   ? -9.854  -14.767 -13.194 1.00 41.14 ? 2048 HOH A O     1 
HETATM 1303 O  O     . HOH G 7 .   ? -9.166  -14.753 -10.902 1.00 31.58 ? 2049 HOH A O     1 
HETATM 1304 O  O     . HOH G 7 .   ? 15.847  -4.545  -5.664  1.00 39.99 ? 2050 HOH A O     1 
HETATM 1305 O  O     . HOH G 7 .   ? 14.422  -3.468  -3.851  1.00 32.38 ? 2051 HOH A O     1 
HETATM 1306 O  O     . HOH G 7 .   ? 11.841  -8.041  -10.963 1.00 33.33 ? 2052 HOH A O     1 
HETATM 1307 O  O     . HOH G 7 .   ? 9.164   -4.444  -6.941  1.00 14.33 ? 2053 HOH A O     1 
HETATM 1308 O  O     . HOH G 7 .   ? 11.740  -2.823  -3.400  1.00 21.31 ? 2054 HOH A O     1 
HETATM 1309 O  O     . HOH G 7 .   ? 10.849  -15.910 -5.171  1.00 34.91 ? 2055 HOH A O     1 
HETATM 1310 O  O     . HOH G 7 .   ? 8.895   -14.871 -8.849  1.00 39.89 ? 2056 HOH A O     1 
HETATM 1311 O  O     . HOH G 7 .   ? 14.480  -11.399 -6.332  1.00 37.25 ? 2057 HOH A O     1 
HETATM 1312 O  O     . HOH G 7 .   ? 9.612   -9.541  -11.795 1.00 21.76 ? 2058 HOH A O     1 
HETATM 1313 O  O     . HOH G 7 .   ? 8.189   -12.984 -10.890 1.00 26.31 ? 2059 HOH A O     1 
HETATM 1314 O  O     . HOH G 7 .   ? 7.196   -16.709 -8.008  1.00 36.18 ? 2060 HOH A O     1 
HETATM 1315 O  O     . HOH G 7 .   ? -7.358  13.757  8.183   1.00 43.97 ? 2061 HOH A O     1 
HETATM 1316 O  O     . HOH G 7 .   ? 3.816   -17.092 -3.843  1.00 40.27 ? 2062 HOH A O     1 
HETATM 1317 O  O     . HOH G 7 .   ? -20.025 11.382  0.414   1.00 46.31 ? 2063 HOH A O     1 
HETATM 1318 O  O     . HOH G 7 .   ? -2.372  -16.401 -4.977  1.00 21.55 ? 2064 HOH A O     1 
HETATM 1319 O  O     . HOH G 7 .   ? 0.634   -16.221 -2.123  1.00 48.96 ? 2065 HOH A O     1 
HETATM 1320 O  O     . HOH G 7 .   ? -3.059  -14.959 -12.280 1.00 48.60 ? 2066 HOH A O     1 
HETATM 1321 O  O     . HOH G 7 .   ? -2.353  -16.478 -7.618  1.00 33.78 ? 2067 HOH A O     1 
HETATM 1322 O  O     . HOH G 7 .   ? -5.052  -16.584 -7.871  1.00 35.34 ? 2068 HOH A O     1 
HETATM 1323 O  O     . HOH G 7 .   ? -1.732  -18.727 4.775   1.00 45.58 ? 2069 HOH A O     1 
HETATM 1324 O  O     . HOH G 7 .   ? -4.822  -16.922 -4.153  1.00 25.41 ? 2070 HOH A O     1 
HETATM 1325 O  O     . HOH G 7 .   ? -13.245 -11.101 0.644   1.00 16.50 ? 2071 HOH A O     1 
HETATM 1326 O  O     . HOH G 7 .   ? -12.530 -10.959 -2.342  1.00 15.47 ? 2072 HOH A O     1 
HETATM 1327 O  O     . HOH G 7 .   ? -11.480 -10.640 -4.623  1.00 15.01 ? 2073 HOH A O     1 
HETATM 1328 O  O     . HOH G 7 .   ? -6.826  -16.117 -5.896  1.00 20.94 ? 2074 HOH A O     1 
HETATM 1329 O  O     . HOH G 7 .   ? -10.767 -12.311 -7.882  1.00 33.30 ? 2075 HOH A O     1 
HETATM 1330 O  O     . HOH G 7 .   ? -12.646 -14.526 -0.416  1.00 16.97 ? 2076 HOH A O     1 
HETATM 1331 O  O     . HOH G 7 .   ? -10.568 -16.821 4.654   1.00 36.60 ? 2077 HOH A O     1 
HETATM 1332 O  O     . HOH G 7 .   ? -5.347  -18.371 3.822   1.00 39.55 ? 2078 HOH A O     1 
HETATM 1333 O  O     . HOH G 7 .   ? -7.940  -16.831 5.613   1.00 45.84 ? 2079 HOH A O     1 
HETATM 1334 O  O     . HOH G 7 .   ? -11.127 -12.924 0.383   1.00 27.51 ? 2080 HOH A O     1 
HETATM 1335 O  O     . HOH G 7 .   ? -13.116 -8.387  4.293   1.00 14.23 ? 2081 HOH A O     1 
HETATM 1336 O  O     . HOH G 7 .   ? -12.568 -8.504  1.609   1.00 18.06 ? 2082 HOH A O     1 
HETATM 1337 O  O     . HOH G 7 .   ? -14.868 -4.804  2.443   1.00 38.87 ? 2083 HOH A O     1 
HETATM 1338 O  O     . HOH G 7 .   ? -13.438 -7.702  6.519   1.00 35.49 ? 2084 HOH A O     1 
HETATM 1339 O  O     . HOH G 7 .   ? 4.544   -0.231  -3.042  1.00 11.65 ? 2085 HOH A O     1 
HETATM 1340 O  O     . HOH G 7 .   ? 16.118  -1.740  -7.006  1.00 41.41 ? 2086 HOH A O     1 
HETATM 1341 O  O     . HOH G 7 .   ? 13.526  -3.795  -16.156 1.00 33.70 ? 2087 HOH A O     1 
HETATM 1342 O  O     . HOH G 7 .   ? 11.606  -4.134  -14.715 1.00 48.57 ? 2088 HOH A O     1 
HETATM 1343 O  O     . HOH G 7 .   ? 12.927  -6.752  -12.898 1.00 32.31 ? 2089 HOH A O     1 
HETATM 1344 O  O     . HOH G 7 .   ? 15.254  -9.829  -14.423 1.00 39.79 ? 2090 HOH A O     1 
HETATM 1345 O  O     . HOH G 7 .   ? 17.484  -2.750  -9.969  1.00 37.33 ? 2091 HOH A O     1 
HETATM 1346 O  O     . HOH G 7 .   ? 14.868  -11.879 -9.075  1.00 48.47 ? 2092 HOH A O     1 
HETATM 1347 O  O     . HOH G 7 .   ? 17.461  -9.835  -7.392  1.00 47.06 ? 2093 HOH A O     1 
HETATM 1348 O  O     . HOH G 7 .   ? 14.307  -8.977  -8.215  1.00 30.32 ? 2094 HOH A O     1 
HETATM 1349 O  O     . HOH G 7 .   ? 13.367  -2.438  -5.979  1.00 37.31 ? 2095 HOH A O     1 
HETATM 1350 O  O     . HOH G 7 .   ? 12.877  1.043   -5.171  1.00 30.35 ? 2096 HOH A O     1 
HETATM 1351 O  O     . HOH G 7 .   ? 1.195   -4.554  -15.525 1.00 30.81 ? 2097 HOH A O     1 
HETATM 1352 O  O     . HOH G 7 .   ? 3.489   0.321   -15.818 1.00 19.83 ? 2098 HOH A O     1 
HETATM 1353 O  O     . HOH G 7 .   ? -5.863  -5.728  -14.030 1.00 26.55 ? 2099 HOH A O     1 
HETATM 1354 O  O     . HOH G 7 .   ? -5.126  -2.386  -14.360 1.00 35.28 ? 2100 HOH A O     1 
HETATM 1355 O  O     . HOH G 7 .   ? -2.014  -4.798  -16.480 1.00 43.55 ? 2101 HOH A O     1 
HETATM 1356 O  O     . HOH G 7 .   ? -6.160  -9.874  -13.258 1.00 42.67 ? 2102 HOH A O     1 
HETATM 1357 O  O     . HOH G 7 .   ? -5.783  -8.491  -14.686 1.00 28.23 ? 2103 HOH A O     1 
HETATM 1358 O  O     . HOH G 7 .   ? 5.611   -9.909  -16.014 1.00 49.41 ? 2104 HOH A O     1 
HETATM 1359 O  O     . HOH G 7 .   ? -7.920  -8.503  -12.270 1.00 27.10 ? 2105 HOH A O     1 
HETATM 1360 O  O     . HOH G 7 .   ? -7.868  -3.487  -14.517 1.00 41.23 ? 2106 HOH A O     1 
HETATM 1361 O  O     . HOH G 7 .   ? -13.413 -10.889 -10.349 1.00 28.48 ? 2107 HOH A O     1 
HETATM 1362 O  O     . HOH G 7 .   ? -9.663  -1.115  -15.534 1.00 38.62 ? 2108 HOH A O     1 
HETATM 1363 O  O     . HOH G 7 .   ? -13.989 -4.487  -9.191  1.00 37.61 ? 2109 HOH A O     1 
HETATM 1364 O  O     . HOH G 7 .   ? -15.262 -7.704  -8.535  1.00 25.19 ? 2110 HOH A O     1 
HETATM 1365 O  O     . HOH G 7 .   ? -10.222 -10.301 -11.141 1.00 29.28 ? 2111 HOH A O     1 
HETATM 1366 O  O     . HOH G 7 .   ? -12.366 -10.222 -7.274  1.00 18.30 ? 2112 HOH A O     1 
HETATM 1367 O  O     . HOH G 7 .   ? -13.558 -4.075  -13.931 1.00 41.57 ? 2113 HOH A O     1 
HETATM 1368 O  O     . HOH G 7 .   ? -4.504  0.326   -18.264 1.00 66.92 ? 2114 HOH A O     1 
HETATM 1369 O  O     . HOH G 7 .   ? -6.103  5.008   -14.105 1.00 48.74 ? 2115 HOH A O     1 
HETATM 1370 O  O     . HOH G 7 .   ? -3.892  4.259   -15.646 1.00 39.98 ? 2116 HOH A O     1 
HETATM 1371 O  O     . HOH G 7 .   ? 0.977   8.600   -6.498  1.00 15.09 ? 2117 HOH A O     1 
HETATM 1372 O  O     . HOH G 7 .   ? 2.019   19.659  -5.098  1.00 19.11 ? 2118 HOH A O     1 
HETATM 1373 O  O     . HOH G 7 .   ? -4.396  16.663  -1.635  1.00 46.96 ? 2119 HOH A O     1 
HETATM 1374 O  O     . HOH G 7 .   ? -1.738  20.888  -7.457  0.33 26.49 ? 2120 HOH A O     1 
HETATM 1375 O  O     . HOH G 7 .   ? 2.517   17.333  2.183   1.00 30.22 ? 2121 HOH A O     1 
HETATM 1376 O  O     . HOH G 7 .   ? -1.323  16.152  3.612   1.00 29.78 ? 2122 HOH A O     1 
HETATM 1377 O  O     . HOH G 7 .   ? 9.240   20.143  -2.517  1.00 44.78 ? 2123 HOH A O     1 
HETATM 1378 O  O     . HOH G 7 .   ? 8.401   19.282  -5.459  1.00 27.91 ? 2124 HOH A O     1 
HETATM 1379 O  O     . HOH G 7 .   ? -2.681  21.630  -2.609  1.00 44.54 ? 2125 HOH A O     1 
HETATM 1380 O  O     . HOH G 7 .   ? 6.973   22.698  -1.070  1.00 50.10 ? 2126 HOH A O     1 
HETATM 1381 O  O     . HOH G 7 .   ? 10.921  18.651  3.026   1.00 50.87 ? 2127 HOH A O     1 
HETATM 1382 O  O     . HOH G 7 .   ? 6.596   8.430   -11.625 1.00 14.36 ? 2128 HOH A O     1 
HETATM 1383 O  O     . HOH G 7 .   ? 3.100   8.279   -4.837  1.00 19.03 ? 2129 HOH A O     1 
HETATM 1384 O  O     . HOH G 7 .   ? 2.493   3.425   -12.745 1.00 19.19 ? 2130 HOH A O     1 
HETATM 1385 O  O     . HOH G 7 .   ? 1.897   7.403   -8.828  1.00 20.07 ? 2131 HOH A O     1 
HETATM 1386 O  O     . HOH G 7 .   ? -3.785  2.551   -10.736 1.00 26.02 ? 2132 HOH A O     1 
HETATM 1387 O  O     . HOH G 7 .   ? -7.011  -13.693 -10.957 1.00 30.92 ? 2133 HOH A O     1 
HETATM 1388 O  O     . HOH G 7 .   ? -5.905  -11.698 -11.630 1.00 35.44 ? 2134 HOH A O     1 
HETATM 1389 O  O     . HOH G 7 .   ? -10.019 -12.512 -10.363 1.00 46.94 ? 2135 HOH A O     1 
HETATM 1390 O  O     . HOH G 7 .   ? -16.111 -3.418  -4.259  1.00 28.00 ? 2136 HOH A O     1 
HETATM 1391 O  O     . HOH G 7 .   ? -15.395 -4.563  -7.097  1.00 41.39 ? 2137 HOH A O     1 
HETATM 1392 O  O     . HOH G 7 .   ? -13.748 -6.673  1.732   1.00 16.64 ? 2138 HOH A O     1 
HETATM 1393 O  O     . HOH G 7 .   ? -12.111 -8.652  -1.922  1.00 16.72 ? 2139 HOH A O     1 
HETATM 1394 O  O     . HOH G 7 .   ? 2.359   6.334   -3.216  1.00 20.59 ? 2140 HOH A O     1 
HETATM 1395 O  O     . HOH G 7 .   ? 6.725   4.001   3.315   1.00 33.41 ? 2141 HOH A O     1 
HETATM 1396 O  O     . HOH G 7 .   ? 0.123   10.241  8.673   1.00 46.36 ? 2142 HOH A O     1 
HETATM 1397 O  O     . HOH G 7 .   ? 0.542   14.420  3.439   1.00 35.48 ? 2143 HOH A O     1 
HETATM 1398 O  O     . HOH G 7 .   ? -1.100  17.699  5.426   1.00 40.27 ? 2144 HOH A O     1 
HETATM 1399 O  O     . HOH G 7 .   ? -4.888  14.140  7.040   1.00 42.09 ? 2145 HOH A O     1 
HETATM 1400 O  O     . HOH G 7 .   ? -5.595  15.144  1.393   1.00 36.82 ? 2146 HOH A O     1 
HETATM 1401 O  O     . HOH G 7 .   ? -10.425 8.150   6.832   1.00 30.72 ? 2147 HOH A O     1 
HETATM 1402 O  O     . HOH G 7 .   ? -13.368 9.325   5.277   1.00 38.85 ? 2148 HOH A O     1 
HETATM 1403 O  O     . HOH G 7 .   ? -14.350 -2.297  3.064   1.00 35.48 ? 2149 HOH A O     1 
HETATM 1404 O  O     . HOH G 7 .   ? -20.971 8.604   -1.766  1.00 48.95 ? 2150 HOH A O     1 
HETATM 1405 O  O     . HOH G 7 .   ? -22.090 -1.738  1.087   1.00 45.79 ? 2151 HOH A O     1 
HETATM 1406 O  O     . HOH G 7 .   ? 5.283   9.921   -4.094  1.00 24.90 ? 2152 HOH A O     1 
HETATM 1407 O  O     . HOH G 7 .   ? 10.951  5.851   -1.357  1.00 33.78 ? 2153 HOH A O     1 
HETATM 1408 O  O     . HOH G 7 .   ? -0.059  4.387   -11.636 1.00 16.31 ? 2154 HOH A O     1 
HETATM 1409 O  O     . HOH G 7 .   ? -4.683  4.947   -12.011 1.00 23.23 ? 2155 HOH A O     1 
# 
loop_
_pdbx_poly_seq_scheme.asym_id 
_pdbx_poly_seq_scheme.entity_id 
_pdbx_poly_seq_scheme.seq_id 
_pdbx_poly_seq_scheme.mon_id 
_pdbx_poly_seq_scheme.ndb_seq_num 
_pdbx_poly_seq_scheme.pdb_seq_num 
_pdbx_poly_seq_scheme.auth_seq_num 
_pdbx_poly_seq_scheme.pdb_mon_id 
_pdbx_poly_seq_scheme.auth_mon_id 
_pdbx_poly_seq_scheme.pdb_strand_id 
_pdbx_poly_seq_scheme.pdb_ins_code 
_pdbx_poly_seq_scheme.hetero 
A 1 1   VAL 1   1   ?   ?   ?   A . n 
A 1 2   PRO 2   2   ?   ?   ?   A . n 
A 1 3   GLY 3   3   3   GLY GLY A . n 
A 1 4   PRO 4   4   4   PRO PRO A . n 
A 1 5   GLU 5   5   5   GLU GLU A . n 
A 1 6   TYR 6   6   6   TYR TYR A . n 
A 1 7   LYS 7   7   7   LYS LYS A . n 
A 1 8   VAL 8   8   8   VAL VAL A . n 
A 1 9   ALA 9   9   9   ALA ALA A . n 
A 1 10  ILE 10  10  10  ILE ILE A . n 
A 1 11  LEU 11  11  11  LEU LEU A . n 
A 1 12  THR 12  12  12  THR THR A . n 
A 1 13  VAL 13  13  13  VAL VAL A . n 
A 1 14  SER 14  14  14  SER SER A . n 
A 1 15  ASP 15  15  15  ASP ASP A . n 
A 1 16  THR 16  16  16  THR THR A . n 
A 1 17  VAL 17  17  17  VAL VAL A . n 
A 1 18  SER 18  18  18  SER SER A . n 
A 1 19  ALA 19  19  19  ALA ALA A . n 
A 1 20  GLY 20  20  20  GLY GLY A . n 
A 1 21  ALA 21  21  21  ALA ALA A . n 
A 1 22  GLY 22  22  22  GLY GLY A . n 
A 1 23  PRO 23  23  23  PRO PRO A . n 
A 1 24  ASP 24  24  24  ASP ASP A . n 
A 1 25  ARG 25  25  25  ARG ARG A . n 
A 1 26  SER 26  26  26  SER SER A . n 
A 1 27  GLY 27  27  27  GLY GLY A . n 
A 1 28  PRO 28  28  28  PRO PRO A . n 
A 1 29  ARG 29  29  29  ARG ARG A . n 
A 1 30  ALA 30  30  30  ALA ALA A . n 
A 1 31  VAL 31  31  31  VAL VAL A . n 
A 1 32  SER 32  32  32  SER SER A . n 
A 1 33  VAL 33  33  33  VAL VAL A . n 
A 1 34  VAL 34  34  34  VAL VAL A . n 
A 1 35  ASP 35  35  35  ASP ASP A . n 
A 1 36  SER 36  36  36  SER SER A . n 
A 1 37  SER 37  37  37  SER SER A . n 
A 1 38  SER 38  38  38  SER SER A . n 
A 1 39  GLU 39  39  39  GLU GLU A . n 
A 1 40  LYS 40  40  40  LYS LYS A . n 
A 1 41  LEU 41  41  41  LEU LEU A . n 
A 1 42  GLY 42  42  42  GLY GLY A . n 
A 1 43  GLY 43  43  43  GLY GLY A . n 
A 1 44  ALA 44  44  44  ALA ALA A . n 
A 1 45  LYS 45  45  45  LYS LYS A . n 
A 1 46  VAL 46  46  46  VAL VAL A . n 
A 1 47  VAL 47  47  47  VAL VAL A . n 
A 1 48  ALA 48  48  48  ALA ALA A . n 
A 1 49  THR 49  49  49  THR THR A . n 
A 1 50  ALA 50  50  50  ALA ALA A . n 
A 1 51  VAL 51  51  51  VAL VAL A . n 
A 1 52  VAL 52  52  52  VAL VAL A . n 
A 1 53  PRO 53  53  53  PRO PRO A . n 
A 1 54  ASP 54  54  54  ASP ASP A . n 
A 1 55  GLU 55  55  55  GLU GLU A . n 
A 1 56  VAL 56  56  56  VAL VAL A . n 
A 1 57  GLU 57  57  57  GLU GLU A . n 
A 1 58  ARG 58  58  58  ARG ARG A . n 
A 1 59  ILE 59  59  59  ILE ILE A . n 
A 1 60  LYS 60  60  60  LYS LYS A . n 
A 1 61  ASP 61  61  61  ASP ASP A . n 
A 1 62  ILE 62  62  62  ILE ILE A . n 
A 1 63  LEU 63  63  63  LEU LEU A . n 
A 1 64  GLN 64  64  64  GLN GLN A . n 
A 1 65  LYS 65  65  65  LYS LYS A . n 
A 1 66  TRP 66  66  66  TRP TRP A . n 
A 1 67  SER 67  67  67  SER SER A . n 
A 1 68  ASP 68  68  68  ASP ASP A . n 
A 1 69  VAL 69  69  69  VAL VAL A . n 
A 1 70  ASP 70  70  70  ASP ASP A . n 
A 1 71  GLU 71  71  71  GLU GLU A . n 
A 1 72  MET 72  72  72  MET MET A . n 
A 1 73  ASP 73  73  73  ASP ASP A . n 
A 1 74  LEU 74  74  74  LEU LEU A . n 
A 1 75  ILE 75  75  75  ILE ILE A . n 
A 1 76  LEU 76  76  76  LEU LEU A . n 
A 1 77  THR 77  77  77  THR THR A . n 
A 1 78  LEU 78  78  78  LEU LEU A . n 
A 1 79  GLY 79  79  79  GLY GLY A . n 
A 1 80  GLY 80  80  80  GLY GLY A . n 
A 1 81  THR 81  81  81  THR THR A . n 
A 1 82  GLY 82  82  82  GLY GLY A . n 
A 1 83  PHE 83  83  83  PHE PHE A . n 
A 1 84  THR 84  84  84  THR THR A . n 
A 1 85  PRO 85  85  85  PRO PRO A . n 
A 1 86  ARG 86  86  86  ARG ARG A . n 
A 1 87  ASP 87  87  87  ASP ASP A . n 
A 1 88  VAL 88  88  88  VAL VAL A . n 
A 1 89  THR 89  89  89  THR THR A . n 
A 1 90  PRO 90  90  90  PRO PRO A . n 
A 1 91  GLU 91  91  91  GLU GLU A . n 
A 1 92  ALA 92  92  92  ALA ALA A . n 
A 1 93  THR 93  93  93  THR THR A . n 
A 1 94  LYS 94  94  94  LYS LYS A . n 
A 1 95  LYS 95  95  95  LYS LYS A . n 
A 1 96  VAL 96  96  96  VAL VAL A . n 
A 1 97  ILE 97  97  97  ILE ILE A . n 
A 1 98  GLU 98  98  98  GLU GLU A . n 
A 1 99  ARG 99  99  99  ARG ARG A . n 
A 1 100 GLU 100 100 100 GLU GLU A . n 
A 1 101 THR 101 101 101 THR THR A . n 
A 1 102 PRO 102 102 102 PRO PRO A . n 
A 1 103 GLY 103 103 103 GLY GLY A . n 
A 1 104 LEU 104 104 104 LEU LEU A . n 
A 1 105 LEU 105 105 105 LEU LEU A . n 
A 1 106 PHE 106 106 106 PHE PHE A . n 
A 1 107 VAL 107 107 107 VAL VAL A . n 
A 1 108 MET 108 108 108 MET MET A . n 
A 1 109 MET 109 109 109 MET MET A . n 
A 1 110 GLN 110 110 110 GLN GLN A . n 
A 1 111 GLU 111 111 111 GLU GLU A . n 
A 1 112 SER 112 112 112 SER SER A . n 
A 1 113 LEU 113 113 113 LEU LEU A . n 
A 1 114 LYS 114 114 114 LYS LYS A . n 
A 1 115 ILE 115 115 115 ILE ILE A . n 
A 1 116 THR 116 116 116 THR THR A . n 
A 1 117 PRO 117 117 117 PRO PRO A . n 
A 1 118 PHE 118 118 118 PHE PHE A . n 
A 1 119 ALA 119 119 119 ALA ALA A . n 
A 1 120 MET 120 120 120 MET MET A . n 
A 1 121 LEU 121 121 121 LEU LEU A . n 
A 1 122 SER 122 122 122 SER SER A . n 
A 1 123 ARG 123 123 123 ARG ARG A . n 
A 1 124 SER 124 124 124 SER SER A . n 
A 1 125 ALA 125 125 125 ALA ALA A . n 
A 1 126 ALA 126 126 126 ALA ALA A . n 
A 1 127 GLY 127 127 127 GLY GLY A . n 
A 1 128 ILE 128 128 128 ILE ILE A . n 
A 1 129 ARG 129 129 129 ARG ARG A . n 
A 1 130 GLY 130 130 130 GLY GLY A . n 
A 1 131 SER 131 131 131 SER SER A . n 
A 1 132 THR 132 132 132 THR THR A . n 
A 1 133 LEU 133 133 133 LEU LEU A . n 
A 1 134 ILE 134 134 134 ILE ILE A . n 
A 1 135 ILE 135 135 135 ILE ILE A . n 
A 1 136 ASN 136 136 136 ASN ASN A . n 
A 1 137 MET 137 137 137 MET MET A . n 
A 1 138 PRO 138 138 138 PRO PRO A . n 
A 1 139 GLY 139 139 139 GLY GLY A . n 
A 1 140 ASN 140 140 140 ASN ASN A . n 
A 1 141 PRO 141 141 141 PRO PRO A . n 
A 1 142 ASN 142 142 142 ASN ASN A . n 
A 1 143 ALA 143 143 143 ALA ALA A . n 
A 1 144 VAL 144 144 144 VAL VAL A . n 
A 1 145 ALA 145 145 145 ALA ALA A . n 
A 1 146 GLU 146 146 146 GLU GLU A . n 
A 1 147 CYS 147 147 147 CYS CYS A . n 
A 1 148 MET 148 148 148 MET MET A . n 
A 1 149 GLU 149 149 149 GLU GLU A . n 
A 1 150 ALA 150 150 150 ALA ALA A . n 
A 1 151 LEU 151 151 151 LEU LEU A . n 
A 1 152 LEU 152 152 152 LEU LEU A . n 
A 1 153 PRO 153 153 153 PRO PRO A . n 
A 1 154 ALA 154 154 154 ALA ALA A . n 
A 1 155 LEU 155 155 155 LEU LEU A . n 
A 1 156 LYS 156 156 156 LYS LYS A . n 
A 1 157 HIS 157 157 157 HIS HIS A . n 
A 1 158 ALA 158 158 158 ALA ALA A . n 
A 1 159 LEU 159 159 159 LEU LEU A . n 
A 1 160 LYS 160 160 160 LYS LYS A . n 
A 1 161 GLN 161 161 161 GLN GLN A . n 
A 1 162 ILE 162 162 162 ILE ILE A . n 
A 1 163 ALA 163 163 163 ALA ALA A . n 
# 
loop_
_pdbx_nonpoly_scheme.asym_id 
_pdbx_nonpoly_scheme.entity_id 
_pdbx_nonpoly_scheme.mon_id 
_pdbx_nonpoly_scheme.ndb_seq_num 
_pdbx_nonpoly_scheme.pdb_seq_num 
_pdbx_nonpoly_scheme.auth_seq_num 
_pdbx_nonpoly_scheme.pdb_mon_id 
_pdbx_nonpoly_scheme.auth_mon_id 
_pdbx_nonpoly_scheme.pdb_strand_id 
_pdbx_nonpoly_scheme.pdb_ins_code 
B 2 MTE 1   1164 1164 MTE MTE A . 
C 3 PPI 1   1165 1165 PPI PPI A . 
D 4 IMD 1   1166 1166 IMD IMD A . 
E 5 FMT 1   1167 1167 FMT FMT A . 
F 6 CU1 1   1168 1168 CU1 CU1 A . 
G 7 HOH 1   2001 2001 HOH HOH A . 
G 7 HOH 2   2002 2002 HOH HOH A . 
G 7 HOH 3   2003 2003 HOH HOH A . 
G 7 HOH 4   2004 2004 HOH HOH A . 
G 7 HOH 5   2005 2005 HOH HOH A . 
G 7 HOH 6   2006 2006 HOH HOH A . 
G 7 HOH 7   2007 2007 HOH HOH A . 
G 7 HOH 8   2008 2008 HOH HOH A . 
G 7 HOH 9   2009 2009 HOH HOH A . 
G 7 HOH 10  2010 2010 HOH HOH A . 
G 7 HOH 11  2011 2011 HOH HOH A . 
G 7 HOH 12  2012 2012 HOH HOH A . 
G 7 HOH 13  2013 2013 HOH HOH A . 
G 7 HOH 14  2014 2014 HOH HOH A . 
G 7 HOH 15  2015 2015 HOH HOH A . 
G 7 HOH 16  2016 2016 HOH HOH A . 
G 7 HOH 17  2017 2017 HOH HOH A . 
G 7 HOH 18  2018 2018 HOH HOH A . 
G 7 HOH 19  2019 2019 HOH HOH A . 
G 7 HOH 20  2020 2020 HOH HOH A . 
G 7 HOH 21  2021 2021 HOH HOH A . 
G 7 HOH 22  2022 2022 HOH HOH A . 
G 7 HOH 23  2023 2023 HOH HOH A . 
G 7 HOH 24  2024 2024 HOH HOH A . 
G 7 HOH 25  2025 2025 HOH HOH A . 
G 7 HOH 26  2026 2026 HOH HOH A . 
G 7 HOH 27  2027 2027 HOH HOH A . 
G 7 HOH 28  2028 2028 HOH HOH A . 
G 7 HOH 29  2029 2029 HOH HOH A . 
G 7 HOH 30  2030 2030 HOH HOH A . 
G 7 HOH 31  2031 2031 HOH HOH A . 
G 7 HOH 32  2032 2032 HOH HOH A . 
G 7 HOH 33  2033 2033 HOH HOH A . 
G 7 HOH 34  2034 2034 HOH HOH A . 
G 7 HOH 35  2035 2035 HOH HOH A . 
G 7 HOH 36  2036 2036 HOH HOH A . 
G 7 HOH 37  2037 2037 HOH HOH A . 
G 7 HOH 38  2038 2038 HOH HOH A . 
G 7 HOH 39  2039 2039 HOH HOH A . 
G 7 HOH 40  2040 2040 HOH HOH A . 
G 7 HOH 41  2041 2041 HOH HOH A . 
G 7 HOH 42  2042 2042 HOH HOH A . 
G 7 HOH 43  2043 2043 HOH HOH A . 
G 7 HOH 44  2044 2044 HOH HOH A . 
G 7 HOH 45  2045 2045 HOH HOH A . 
G 7 HOH 46  2046 2046 HOH HOH A . 
G 7 HOH 47  2047 2047 HOH HOH A . 
G 7 HOH 48  2048 2048 HOH HOH A . 
G 7 HOH 49  2049 2049 HOH HOH A . 
G 7 HOH 50  2050 2050 HOH HOH A . 
G 7 HOH 51  2051 2051 HOH HOH A . 
G 7 HOH 52  2052 2052 HOH HOH A . 
G 7 HOH 53  2053 2053 HOH HOH A . 
G 7 HOH 54  2054 2054 HOH HOH A . 
G 7 HOH 55  2055 2055 HOH HOH A . 
G 7 HOH 56  2056 2056 HOH HOH A . 
G 7 HOH 57  2057 2057 HOH HOH A . 
G 7 HOH 58  2058 2058 HOH HOH A . 
G 7 HOH 59  2059 2059 HOH HOH A . 
G 7 HOH 60  2060 2060 HOH HOH A . 
G 7 HOH 61  2061 2061 HOH HOH A . 
G 7 HOH 62  2062 2062 HOH HOH A . 
G 7 HOH 63  2063 2063 HOH HOH A . 
G 7 HOH 64  2064 2064 HOH HOH A . 
G 7 HOH 65  2065 2065 HOH HOH A . 
G 7 HOH 66  2066 2066 HOH HOH A . 
G 7 HOH 67  2067 2067 HOH HOH A . 
G 7 HOH 68  2068 2068 HOH HOH A . 
G 7 HOH 69  2069 2069 HOH HOH A . 
G 7 HOH 70  2070 2070 HOH HOH A . 
G 7 HOH 71  2071 2071 HOH HOH A . 
G 7 HOH 72  2072 2072 HOH HOH A . 
G 7 HOH 73  2073 2073 HOH HOH A . 
G 7 HOH 74  2074 2074 HOH HOH A . 
G 7 HOH 75  2075 2075 HOH HOH A . 
G 7 HOH 76  2076 2076 HOH HOH A . 
G 7 HOH 77  2077 2077 HOH HOH A . 
G 7 HOH 78  2078 2078 HOH HOH A . 
G 7 HOH 79  2079 2079 HOH HOH A . 
G 7 HOH 80  2080 2080 HOH HOH A . 
G 7 HOH 81  2081 2081 HOH HOH A . 
G 7 HOH 82  2082 2082 HOH HOH A . 
G 7 HOH 83  2083 2083 HOH HOH A . 
G 7 HOH 84  2084 2084 HOH HOH A . 
G 7 HOH 85  2085 2085 HOH HOH A . 
G 7 HOH 86  2086 2086 HOH HOH A . 
G 7 HOH 87  2087 2087 HOH HOH A . 
G 7 HOH 88  2088 2088 HOH HOH A . 
G 7 HOH 89  2089 2089 HOH HOH A . 
G 7 HOH 90  2090 2090 HOH HOH A . 
G 7 HOH 91  2091 2091 HOH HOH A . 
G 7 HOH 92  2092 2092 HOH HOH A . 
G 7 HOH 93  2093 2093 HOH HOH A . 
G 7 HOH 94  2094 2094 HOH HOH A . 
G 7 HOH 95  2095 2095 HOH HOH A . 
G 7 HOH 96  2096 2096 HOH HOH A . 
G 7 HOH 97  2097 2097 HOH HOH A . 
G 7 HOH 98  2098 2098 HOH HOH A . 
G 7 HOH 99  2099 2099 HOH HOH A . 
G 7 HOH 100 2100 2100 HOH HOH A . 
G 7 HOH 101 2101 2101 HOH HOH A . 
G 7 HOH 102 2102 2102 HOH HOH A . 
G 7 HOH 103 2103 2103 HOH HOH A . 
G 7 HOH 104 2104 2104 HOH HOH A . 
G 7 HOH 105 2105 2105 HOH HOH A . 
G 7 HOH 106 2106 2106 HOH HOH A . 
G 7 HOH 107 2107 2107 HOH HOH A . 
G 7 HOH 108 2108 2108 HOH HOH A . 
G 7 HOH 109 2109 2109 HOH HOH A . 
G 7 HOH 110 2110 2110 HOH HOH A . 
G 7 HOH 111 2111 2111 HOH HOH A . 
G 7 HOH 112 2112 2112 HOH HOH A . 
G 7 HOH 113 2113 2113 HOH HOH A . 
G 7 HOH 114 2114 2114 HOH HOH A . 
G 7 HOH 115 2115 2115 HOH HOH A . 
G 7 HOH 116 2116 2116 HOH HOH A . 
G 7 HOH 117 2117 2117 HOH HOH A . 
G 7 HOH 118 2118 2118 HOH HOH A . 
G 7 HOH 119 2119 2119 HOH HOH A . 
G 7 HOH 120 2120 2120 HOH HOH A . 
G 7 HOH 121 2121 2121 HOH HOH A . 
G 7 HOH 122 2122 2122 HOH HOH A . 
G 7 HOH 123 2123 2123 HOH HOH A . 
G 7 HOH 124 2124 2124 HOH HOH A . 
G 7 HOH 125 2125 2125 HOH HOH A . 
G 7 HOH 126 2126 2126 HOH HOH A . 
G 7 HOH 127 2127 2127 HOH HOH A . 
G 7 HOH 128 2128 2128 HOH HOH A . 
G 7 HOH 129 2129 2129 HOH HOH A . 
G 7 HOH 130 2130 2130 HOH HOH A . 
G 7 HOH 131 2131 2131 HOH HOH A . 
G 7 HOH 132 2132 2132 HOH HOH A . 
G 7 HOH 133 2133 2133 HOH HOH A . 
G 7 HOH 134 2134 2134 HOH HOH A . 
G 7 HOH 135 2135 2135 HOH HOH A . 
G 7 HOH 136 2136 2136 HOH HOH A . 
G 7 HOH 137 2137 2137 HOH HOH A . 
G 7 HOH 138 2138 2138 HOH HOH A . 
G 7 HOH 139 2139 2139 HOH HOH A . 
G 7 HOH 140 2140 2140 HOH HOH A . 
G 7 HOH 141 2141 2141 HOH HOH A . 
G 7 HOH 142 2142 2142 HOH HOH A . 
G 7 HOH 143 2143 2143 HOH HOH A . 
G 7 HOH 144 2144 2144 HOH HOH A . 
G 7 HOH 145 2145 2145 HOH HOH A . 
G 7 HOH 146 2146 2146 HOH HOH A . 
G 7 HOH 147 2147 2147 HOH HOH A . 
G 7 HOH 148 2148 2148 HOH HOH A . 
G 7 HOH 149 2149 2149 HOH HOH A . 
G 7 HOH 150 2150 2150 HOH HOH A . 
G 7 HOH 151 2151 2151 HOH HOH A . 
G 7 HOH 152 2152 2152 HOH HOH A . 
G 7 HOH 153 2153 2153 HOH HOH A . 
G 7 HOH 154 2154 2154 HOH HOH A . 
G 7 HOH 155 2155 2155 HOH HOH A . 
# 
_pdbx_struct_assembly.id                   1 
_pdbx_struct_assembly.details              author_and_software_defined_assembly 
_pdbx_struct_assembly.method_details       PQS 
_pdbx_struct_assembly.oligomeric_details   trimeric 
_pdbx_struct_assembly.oligomeric_count     3 
# 
_pdbx_struct_assembly_gen.assembly_id       1 
_pdbx_struct_assembly_gen.oper_expression   1,2,3 
_pdbx_struct_assembly_gen.asym_id_list      A,B,C,D,E,F,G 
# 
loop_
_pdbx_struct_oper_list.id 
_pdbx_struct_oper_list.type 
_pdbx_struct_oper_list.name 
_pdbx_struct_oper_list.symmetry_operation 
_pdbx_struct_oper_list.matrix[1][1] 
_pdbx_struct_oper_list.matrix[1][2] 
_pdbx_struct_oper_list.matrix[1][3] 
_pdbx_struct_oper_list.vector[1] 
_pdbx_struct_oper_list.matrix[2][1] 
_pdbx_struct_oper_list.matrix[2][2] 
_pdbx_struct_oper_list.matrix[2][3] 
_pdbx_struct_oper_list.vector[2] 
_pdbx_struct_oper_list.matrix[3][1] 
_pdbx_struct_oper_list.matrix[3][2] 
_pdbx_struct_oper_list.matrix[3][3] 
_pdbx_struct_oper_list.vector[3] 
1 'identity operation'         1_555  x,y,z             1.0000000000  0.0000000000  0.0000000000  0.0000000000   0.0000000000  1.0000000000 0.0000000000 0.0000000000  0.0000000000  0.0000000000 1.0000000000  0.0000000000   
2 'crystal symmetry operation' 56_656 -z+1,x+1/2,-y+3/2 -0.4857511648 0.5712764597  -0.6615806923 -19.4594739797 -0.3224413628 0.5863853917 0.7430906674 13.6269659578 0.8124514591  0.5742781373 -0.1006342268 -18.7996507251 
3 'crystal symmetry operation' 35_466 y-1/2,-z+3/2,-x+1 -0.4857511648 -0.3224413628 0.8124514591  10.2152389839  0.5712764597  0.5863853917 0.5742781373 13.9223140338 -0.6615806923 0.7430906674 -0.1006342268 -24.8919718105 
# 
_pdbx_struct_special_symmetry.id              1 
_pdbx_struct_special_symmetry.PDB_model_num   1 
_pdbx_struct_special_symmetry.auth_asym_id    A 
_pdbx_struct_special_symmetry.auth_comp_id    HOH 
_pdbx_struct_special_symmetry.auth_seq_id     2120 
_pdbx_struct_special_symmetry.PDB_ins_code    ? 
_pdbx_struct_special_symmetry.label_asym_id   G 
_pdbx_struct_special_symmetry.label_comp_id   HOH 
_pdbx_struct_special_symmetry.label_seq_id    . 
# 
loop_
_pdbx_struct_conn_angle.id 
_pdbx_struct_conn_angle.ptnr1_label_atom_id 
_pdbx_struct_conn_angle.ptnr1_label_alt_id 
_pdbx_struct_conn_angle.ptnr1_label_asym_id 
_pdbx_struct_conn_angle.ptnr1_label_comp_id 
_pdbx_struct_conn_angle.ptnr1_label_seq_id 
_pdbx_struct_conn_angle.ptnr1_auth_atom_id 
_pdbx_struct_conn_angle.ptnr1_auth_asym_id 
_pdbx_struct_conn_angle.ptnr1_auth_comp_id 
_pdbx_struct_conn_angle.ptnr1_auth_seq_id 
_pdbx_struct_conn_angle.ptnr1_PDB_ins_code 
_pdbx_struct_conn_angle.ptnr1_symmetry 
_pdbx_struct_conn_angle.ptnr2_label_atom_id 
_pdbx_struct_conn_angle.ptnr2_label_alt_id 
_pdbx_struct_conn_angle.ptnr2_label_asym_id 
_pdbx_struct_conn_angle.ptnr2_label_comp_id 
_pdbx_struct_conn_angle.ptnr2_label_seq_id 
_pdbx_struct_conn_angle.ptnr2_auth_atom_id 
_pdbx_struct_conn_angle.ptnr2_auth_asym_id 
_pdbx_struct_conn_angle.ptnr2_auth_comp_id 
_pdbx_struct_conn_angle.ptnr2_auth_seq_id 
_pdbx_struct_conn_angle.ptnr2_PDB_ins_code 
_pdbx_struct_conn_angle.ptnr2_symmetry 
_pdbx_struct_conn_angle.ptnr3_label_atom_id 
_pdbx_struct_conn_angle.ptnr3_label_alt_id 
_pdbx_struct_conn_angle.ptnr3_label_asym_id 
_pdbx_struct_conn_angle.ptnr3_label_comp_id 
_pdbx_struct_conn_angle.ptnr3_label_seq_id 
_pdbx_struct_conn_angle.ptnr3_auth_atom_id 
_pdbx_struct_conn_angle.ptnr3_auth_asym_id 
_pdbx_struct_conn_angle.ptnr3_auth_comp_id 
_pdbx_struct_conn_angle.ptnr3_auth_seq_id 
_pdbx_struct_conn_angle.ptnr3_PDB_ins_code 
_pdbx_struct_conn_angle.ptnr3_symmetry 
_pdbx_struct_conn_angle.value 
_pdbx_struct_conn_angle.value_esd 
1 "S1'" ? B MTE . ? A MTE 1164 ? 1_555  CU ? F CU1 . ? A CU1 1168 ? 1_555 "S2'" ? B MTE . ? A MTE 1164 ? 1_555  92.9  ? 
2 "S1'" ? B MTE . ? A MTE 1164 ? 1_555  CU ? F CU1 . ? A CU1 1168 ? 1_555 O     ? G HOH . ? A HOH 2063 ? 35_466 89.1  ? 
3 "S2'" ? B MTE . ? A MTE 1164 ? 1_555  CU ? F CU1 . ? A CU1 1168 ? 1_555 O     ? G HOH . ? A HOH 2063 ? 35_466 173.4 ? 
4 "S1'" ? B MTE . ? A MTE 1164 ? 1_555  CU ? F CU1 . ? A CU1 1168 ? 1_555 O     ? G HOH . ? A HOH 2150 ? 35_466 144.8 ? 
5 "S2'" ? B MTE . ? A MTE 1164 ? 1_555  CU ? F CU1 . ? A CU1 1168 ? 1_555 O     ? G HOH . ? A HOH 2150 ? 35_466 90.8  ? 
6 O     ? G HOH . ? A HOH 2063 ? 35_466 CU ? F CU1 . ? A CU1 1168 ? 1_555 O     ? G HOH . ? A HOH 2150 ? 35_466 91.2  ? 
# 
loop_
_pdbx_audit_revision_history.ordinal 
_pdbx_audit_revision_history.data_content_type 
_pdbx_audit_revision_history.major_revision 
_pdbx_audit_revision_history.minor_revision 
_pdbx_audit_revision_history.revision_date 
1 'Structure model' 1 0 2004-08-09 
2 'Structure model' 1 1 2011-07-13 
3 'Structure model' 1 2 2023-12-13 
# 
_pdbx_audit_revision_details.ordinal             1 
_pdbx_audit_revision_details.revision_ordinal    1 
_pdbx_audit_revision_details.data_content_type   'Structure model' 
_pdbx_audit_revision_details.provider            repository 
_pdbx_audit_revision_details.type                'Initial release' 
_pdbx_audit_revision_details.description         ? 
_pdbx_audit_revision_details.details             ? 
# 
loop_
_pdbx_audit_revision_group.ordinal 
_pdbx_audit_revision_group.revision_ordinal 
_pdbx_audit_revision_group.data_content_type 
_pdbx_audit_revision_group.group 
1 2 'Structure model' Advisory                    
2 2 'Structure model' 'Version format compliance' 
3 3 'Structure model' 'Data collection'           
4 3 'Structure model' 'Database references'       
5 3 'Structure model' 'Derived calculations'      
6 3 'Structure model' Other                       
7 3 'Structure model' 'Refinement description'    
# 
loop_
_pdbx_audit_revision_category.ordinal 
_pdbx_audit_revision_category.revision_ordinal 
_pdbx_audit_revision_category.data_content_type 
_pdbx_audit_revision_category.category 
1 3 'Structure model' chem_comp_atom                
2 3 'Structure model' chem_comp_bond                
3 3 'Structure model' database_2                    
4 3 'Structure model' pdbx_database_status          
5 3 'Structure model' pdbx_initial_refinement_model 
6 3 'Structure model' struct_conn                   
# 
loop_
_pdbx_audit_revision_item.ordinal 
_pdbx_audit_revision_item.revision_ordinal 
_pdbx_audit_revision_item.data_content_type 
_pdbx_audit_revision_item.item 
1  3 'Structure model' '_database_2.pdbx_DOI'                 
2  3 'Structure model' '_database_2.pdbx_database_accession'  
3  3 'Structure model' '_pdbx_database_status.status_code_sf' 
4  3 'Structure model' '_struct_conn.ptnr1_auth_comp_id'      
5  3 'Structure model' '_struct_conn.ptnr1_auth_seq_id'       
6  3 'Structure model' '_struct_conn.ptnr1_label_asym_id'     
7  3 'Structure model' '_struct_conn.ptnr1_label_atom_id'     
8  3 'Structure model' '_struct_conn.ptnr1_label_comp_id'     
9  3 'Structure model' '_struct_conn.ptnr2_auth_comp_id'      
10 3 'Structure model' '_struct_conn.ptnr2_auth_seq_id'       
11 3 'Structure model' '_struct_conn.ptnr2_label_asym_id'     
12 3 'Structure model' '_struct_conn.ptnr2_label_atom_id'     
13 3 'Structure model' '_struct_conn.ptnr2_label_comp_id'     
# 
loop_
_pdbx_refine_tls.pdbx_refine_id 
_pdbx_refine_tls.id 
_pdbx_refine_tls.details 
_pdbx_refine_tls.method 
_pdbx_refine_tls.origin_x 
_pdbx_refine_tls.origin_y 
_pdbx_refine_tls.origin_z 
_pdbx_refine_tls.T[1][1] 
_pdbx_refine_tls.T[2][2] 
_pdbx_refine_tls.T[3][3] 
_pdbx_refine_tls.T[1][2] 
_pdbx_refine_tls.T[1][3] 
_pdbx_refine_tls.T[2][3] 
_pdbx_refine_tls.L[1][1] 
_pdbx_refine_tls.L[2][2] 
_pdbx_refine_tls.L[3][3] 
_pdbx_refine_tls.L[1][2] 
_pdbx_refine_tls.L[1][3] 
_pdbx_refine_tls.L[2][3] 
_pdbx_refine_tls.S[1][1] 
_pdbx_refine_tls.S[1][2] 
_pdbx_refine_tls.S[1][3] 
_pdbx_refine_tls.S[2][1] 
_pdbx_refine_tls.S[2][2] 
_pdbx_refine_tls.S[2][3] 
_pdbx_refine_tls.S[3][1] 
_pdbx_refine_tls.S[3][2] 
_pdbx_refine_tls.S[3][3] 
'X-RAY DIFFRACTION' 1 ? refined -0.0358 -0.0270 -0.2617 0.0284 0.0460 0.0132 -0.0111 -0.0083 -0.0022 1.1823  1.1964  1.4249  -0.1062  0.0276 -0.5693 -0.0262 -0.1323 0.0156 0.0727 -0.0002 -0.0250 -0.0670 0.0327 0.0264  
'X-RAY DIFFRACTION' 2 ? refined 9.8525  7.9887  -2.8953 0.1434 0.0973 0.1449 -0.0297 0.0065  -0.0051 -5.6326 11.8272 17.1206 -10.5431 3.6607 1.9838  -0.3479 -0.0676 0.6548 0.5940 0.6742  -0.8032 0.3133  0.7483 -0.3265 
# 
loop_
_pdbx_refine_tls_group.pdbx_refine_id 
_pdbx_refine_tls_group.id 
_pdbx_refine_tls_group.refine_tls_id 
_pdbx_refine_tls_group.beg_auth_asym_id 
_pdbx_refine_tls_group.beg_auth_seq_id 
_pdbx_refine_tls_group.beg_label_asym_id 
_pdbx_refine_tls_group.beg_label_seq_id 
_pdbx_refine_tls_group.end_auth_asym_id 
_pdbx_refine_tls_group.end_auth_seq_id 
_pdbx_refine_tls_group.end_label_asym_id 
_pdbx_refine_tls_group.end_label_seq_id 
_pdbx_refine_tls_group.selection 
_pdbx_refine_tls_group.selection_details 
'X-RAY DIFFRACTION' 1 1 A 3    ? ? A 163  ? ? ? ? 
'X-RAY DIFFRACTION' 2 2 A 1164 ? ? A 1164 ? ? ? ? 
# 
loop_
_software.name 
_software.classification 
_software.version 
_software.citation_id 
_software.pdbx_ordinal 
REFMAC refinement       5.1.24 ? 1 
MOSFLM 'data reduction' .      ? 2 
SCALA  'data scaling'   .      ? 3 
AMoRE  phasing          .      ? 4 
# 
loop_
_pdbx_validate_close_contact.id 
_pdbx_validate_close_contact.PDB_model_num 
_pdbx_validate_close_contact.auth_atom_id_1 
_pdbx_validate_close_contact.auth_asym_id_1 
_pdbx_validate_close_contact.auth_comp_id_1 
_pdbx_validate_close_contact.auth_seq_id_1 
_pdbx_validate_close_contact.PDB_ins_code_1 
_pdbx_validate_close_contact.label_alt_id_1 
_pdbx_validate_close_contact.auth_atom_id_2 
_pdbx_validate_close_contact.auth_asym_id_2 
_pdbx_validate_close_contact.auth_comp_id_2 
_pdbx_validate_close_contact.auth_seq_id_2 
_pdbx_validate_close_contact.PDB_ins_code_2 
_pdbx_validate_close_contact.label_alt_id_2 
_pdbx_validate_close_contact.dist 
1 1 O A HOH 2102 ? ? O A HOH 2103 ? ? 2.02 
2 1 O A ASP 68   ? ? O A HOH 2076 ? ? 2.10 
3 1 O A HOH 2037 ? ? O A HOH 2038 ? ? 2.12 
4 1 O A HOH 2082 ? ? O A HOH 2138 ? ? 2.18 
# 
loop_
_pdbx_validate_symm_contact.id 
_pdbx_validate_symm_contact.PDB_model_num 
_pdbx_validate_symm_contact.auth_atom_id_1 
_pdbx_validate_symm_contact.auth_asym_id_1 
_pdbx_validate_symm_contact.auth_comp_id_1 
_pdbx_validate_symm_contact.auth_seq_id_1 
_pdbx_validate_symm_contact.PDB_ins_code_1 
_pdbx_validate_symm_contact.label_alt_id_1 
_pdbx_validate_symm_contact.site_symmetry_1 
_pdbx_validate_symm_contact.auth_atom_id_2 
_pdbx_validate_symm_contact.auth_asym_id_2 
_pdbx_validate_symm_contact.auth_comp_id_2 
_pdbx_validate_symm_contact.auth_seq_id_2 
_pdbx_validate_symm_contact.PDB_ins_code_2 
_pdbx_validate_symm_contact.label_alt_id_2 
_pdbx_validate_symm_contact.site_symmetry_2 
_pdbx_validate_symm_contact.dist 
1 1 O A HOH 2071 ? ? 1_555 O A HOH 2071 ? ? 75_557 2.01 
2 1 O A HOH 2048 ? ? 1_555 O A HOH 2048 ? ? 75_557 2.10 
3 1 O A HOH 2072 ? ? 1_555 O A HOH 2076 ? ? 75_557 2.14 
4 1 O A HOH 2075 ? ? 1_555 O A HOH 2075 ? ? 75_557 2.19 
# 
loop_
_pdbx_validate_rmsd_angle.id 
_pdbx_validate_rmsd_angle.PDB_model_num 
_pdbx_validate_rmsd_angle.auth_atom_id_1 
_pdbx_validate_rmsd_angle.auth_asym_id_1 
_pdbx_validate_rmsd_angle.auth_comp_id_1 
_pdbx_validate_rmsd_angle.auth_seq_id_1 
_pdbx_validate_rmsd_angle.PDB_ins_code_1 
_pdbx_validate_rmsd_angle.label_alt_id_1 
_pdbx_validate_rmsd_angle.auth_atom_id_2 
_pdbx_validate_rmsd_angle.auth_asym_id_2 
_pdbx_validate_rmsd_angle.auth_comp_id_2 
_pdbx_validate_rmsd_angle.auth_seq_id_2 
_pdbx_validate_rmsd_angle.PDB_ins_code_2 
_pdbx_validate_rmsd_angle.label_alt_id_2 
_pdbx_validate_rmsd_angle.auth_atom_id_3 
_pdbx_validate_rmsd_angle.auth_asym_id_3 
_pdbx_validate_rmsd_angle.auth_comp_id_3 
_pdbx_validate_rmsd_angle.auth_seq_id_3 
_pdbx_validate_rmsd_angle.PDB_ins_code_3 
_pdbx_validate_rmsd_angle.label_alt_id_3 
_pdbx_validate_rmsd_angle.angle_value 
_pdbx_validate_rmsd_angle.angle_target_value 
_pdbx_validate_rmsd_angle.angle_deviation 
_pdbx_validate_rmsd_angle.angle_standard_deviation 
_pdbx_validate_rmsd_angle.linker_flag 
1 1 CB  A ASP 24  ? ? CG A ASP 24  ? ? OD2 A ASP 24  ? ? 123.75 118.30 5.45  0.90 N 
2 1 CB  A ASP 87  ? ? CG A ASP 87  ? ? OD2 A ASP 87  ? ? 124.39 118.30 6.09  0.90 N 
3 1 CG1 A ILE 162 ? B CB A ILE 162 ? ? CG2 A ILE 162 ? B 129.76 111.40 18.36 2.20 N 
# 
_pdbx_validate_torsion.id              1 
_pdbx_validate_torsion.PDB_model_num   1 
_pdbx_validate_torsion.auth_comp_id    SER 
_pdbx_validate_torsion.auth_asym_id    A 
_pdbx_validate_torsion.auth_seq_id     14 
_pdbx_validate_torsion.PDB_ins_code    ? 
_pdbx_validate_torsion.label_alt_id    ? 
_pdbx_validate_torsion.phi             -167.64 
_pdbx_validate_torsion.psi             118.00 
# 
_pdbx_validate_chiral.id              1 
_pdbx_validate_chiral.PDB_model_num   1 
_pdbx_validate_chiral.auth_atom_id    CB 
_pdbx_validate_chiral.label_alt_id    ? 
_pdbx_validate_chiral.auth_asym_id    A 
_pdbx_validate_chiral.auth_comp_id    ILE 
_pdbx_validate_chiral.auth_seq_id     162 
_pdbx_validate_chiral.PDB_ins_code    ? 
_pdbx_validate_chiral.details         PLANAR 
_pdbx_validate_chiral.omega           . 
# 
_pdbx_distant_solvent_atoms.id                                1 
_pdbx_distant_solvent_atoms.PDB_model_num                     1 
_pdbx_distant_solvent_atoms.auth_atom_id                      O 
_pdbx_distant_solvent_atoms.label_alt_id                      ? 
_pdbx_distant_solvent_atoms.auth_asym_id                      A 
_pdbx_distant_solvent_atoms.auth_comp_id                      HOH 
_pdbx_distant_solvent_atoms.auth_seq_id                       2048 
_pdbx_distant_solvent_atoms.PDB_ins_code                      ? 
_pdbx_distant_solvent_atoms.neighbor_macromolecule_distance   5.84 
_pdbx_distant_solvent_atoms.neighbor_ligand_distance          . 
# 
loop_
_pdbx_unobs_or_zero_occ_residues.id 
_pdbx_unobs_or_zero_occ_residues.PDB_model_num 
_pdbx_unobs_or_zero_occ_residues.polymer_flag 
_pdbx_unobs_or_zero_occ_residues.occupancy_flag 
_pdbx_unobs_or_zero_occ_residues.auth_asym_id 
_pdbx_unobs_or_zero_occ_residues.auth_comp_id 
_pdbx_unobs_or_zero_occ_residues.auth_seq_id 
_pdbx_unobs_or_zero_occ_residues.PDB_ins_code 
_pdbx_unobs_or_zero_occ_residues.label_asym_id 
_pdbx_unobs_or_zero_occ_residues.label_comp_id 
_pdbx_unobs_or_zero_occ_residues.label_seq_id 
1 1 Y 1 A VAL 1 ? A VAL 1 
2 1 Y 1 A PRO 2 ? A PRO 2 
# 
loop_
_chem_comp_atom.comp_id 
_chem_comp_atom.atom_id 
_chem_comp_atom.type_symbol 
_chem_comp_atom.pdbx_aromatic_flag 
_chem_comp_atom.pdbx_stereo_config 
_chem_comp_atom.pdbx_ordinal 
ALA N      N  N N 1   
ALA CA     C  N S 2   
ALA C      C  N N 3   
ALA O      O  N N 4   
ALA CB     C  N N 5   
ALA OXT    O  N N 6   
ALA H      H  N N 7   
ALA H2     H  N N 8   
ALA HA     H  N N 9   
ALA HB1    H  N N 10  
ALA HB2    H  N N 11  
ALA HB3    H  N N 12  
ALA HXT    H  N N 13  
ARG N      N  N N 14  
ARG CA     C  N S 15  
ARG C      C  N N 16  
ARG O      O  N N 17  
ARG CB     C  N N 18  
ARG CG     C  N N 19  
ARG CD     C  N N 20  
ARG NE     N  N N 21  
ARG CZ     C  N N 22  
ARG NH1    N  N N 23  
ARG NH2    N  N N 24  
ARG OXT    O  N N 25  
ARG H      H  N N 26  
ARG H2     H  N N 27  
ARG HA     H  N N 28  
ARG HB2    H  N N 29  
ARG HB3    H  N N 30  
ARG HG2    H  N N 31  
ARG HG3    H  N N 32  
ARG HD2    H  N N 33  
ARG HD3    H  N N 34  
ARG HE     H  N N 35  
ARG HH11   H  N N 36  
ARG HH12   H  N N 37  
ARG HH21   H  N N 38  
ARG HH22   H  N N 39  
ARG HXT    H  N N 40  
ASN N      N  N N 41  
ASN CA     C  N S 42  
ASN C      C  N N 43  
ASN O      O  N N 44  
ASN CB     C  N N 45  
ASN CG     C  N N 46  
ASN OD1    O  N N 47  
ASN ND2    N  N N 48  
ASN OXT    O  N N 49  
ASN H      H  N N 50  
ASN H2     H  N N 51  
ASN HA     H  N N 52  
ASN HB2    H  N N 53  
ASN HB3    H  N N 54  
ASN HD21   H  N N 55  
ASN HD22   H  N N 56  
ASN HXT    H  N N 57  
ASP N      N  N N 58  
ASP CA     C  N S 59  
ASP C      C  N N 60  
ASP O      O  N N 61  
ASP CB     C  N N 62  
ASP CG     C  N N 63  
ASP OD1    O  N N 64  
ASP OD2    O  N N 65  
ASP OXT    O  N N 66  
ASP H      H  N N 67  
ASP H2     H  N N 68  
ASP HA     H  N N 69  
ASP HB2    H  N N 70  
ASP HB3    H  N N 71  
ASP HD2    H  N N 72  
ASP HXT    H  N N 73  
CU1 CU     CU N N 74  
CYS N      N  N N 75  
CYS CA     C  N R 76  
CYS C      C  N N 77  
CYS O      O  N N 78  
CYS CB     C  N N 79  
CYS SG     S  N N 80  
CYS OXT    O  N N 81  
CYS H      H  N N 82  
CYS H2     H  N N 83  
CYS HA     H  N N 84  
CYS HB2    H  N N 85  
CYS HB3    H  N N 86  
CYS HG     H  N N 87  
CYS HXT    H  N N 88  
FMT C      C  N N 89  
FMT O1     O  N N 90  
FMT O2     O  N N 91  
FMT H      H  N N 92  
FMT HO2    H  N N 93  
GLN N      N  N N 94  
GLN CA     C  N S 95  
GLN C      C  N N 96  
GLN O      O  N N 97  
GLN CB     C  N N 98  
GLN CG     C  N N 99  
GLN CD     C  N N 100 
GLN OE1    O  N N 101 
GLN NE2    N  N N 102 
GLN OXT    O  N N 103 
GLN H      H  N N 104 
GLN H2     H  N N 105 
GLN HA     H  N N 106 
GLN HB2    H  N N 107 
GLN HB3    H  N N 108 
GLN HG2    H  N N 109 
GLN HG3    H  N N 110 
GLN HE21   H  N N 111 
GLN HE22   H  N N 112 
GLN HXT    H  N N 113 
GLU N      N  N N 114 
GLU CA     C  N S 115 
GLU C      C  N N 116 
GLU O      O  N N 117 
GLU CB     C  N N 118 
GLU CG     C  N N 119 
GLU CD     C  N N 120 
GLU OE1    O  N N 121 
GLU OE2    O  N N 122 
GLU OXT    O  N N 123 
GLU H      H  N N 124 
GLU H2     H  N N 125 
GLU HA     H  N N 126 
GLU HB2    H  N N 127 
GLU HB3    H  N N 128 
GLU HG2    H  N N 129 
GLU HG3    H  N N 130 
GLU HE2    H  N N 131 
GLU HXT    H  N N 132 
GLY N      N  N N 133 
GLY CA     C  N N 134 
GLY C      C  N N 135 
GLY O      O  N N 136 
GLY OXT    O  N N 137 
GLY H      H  N N 138 
GLY H2     H  N N 139 
GLY HA2    H  N N 140 
GLY HA3    H  N N 141 
GLY HXT    H  N N 142 
HIS N      N  N N 143 
HIS CA     C  N S 144 
HIS C      C  N N 145 
HIS O      O  N N 146 
HIS CB     C  N N 147 
HIS CG     C  Y N 148 
HIS ND1    N  Y N 149 
HIS CD2    C  Y N 150 
HIS CE1    C  Y N 151 
HIS NE2    N  Y N 152 
HIS OXT    O  N N 153 
HIS H      H  N N 154 
HIS H2     H  N N 155 
HIS HA     H  N N 156 
HIS HB2    H  N N 157 
HIS HB3    H  N N 158 
HIS HD1    H  N N 159 
HIS HD2    H  N N 160 
HIS HE1    H  N N 161 
HIS HE2    H  N N 162 
HIS HXT    H  N N 163 
HOH O      O  N N 164 
HOH H1     H  N N 165 
HOH H2     H  N N 166 
ILE N      N  N N 167 
ILE CA     C  N S 168 
ILE C      C  N N 169 
ILE O      O  N N 170 
ILE CB     C  N S 171 
ILE CG1    C  N N 172 
ILE CG2    C  N N 173 
ILE CD1    C  N N 174 
ILE OXT    O  N N 175 
ILE H      H  N N 176 
ILE H2     H  N N 177 
ILE HA     H  N N 178 
ILE HB     H  N N 179 
ILE HG12   H  N N 180 
ILE HG13   H  N N 181 
ILE HG21   H  N N 182 
ILE HG22   H  N N 183 
ILE HG23   H  N N 184 
ILE HD11   H  N N 185 
ILE HD12   H  N N 186 
ILE HD13   H  N N 187 
ILE HXT    H  N N 188 
IMD N1     N  Y N 189 
IMD C2     C  Y N 190 
IMD N3     N  Y N 191 
IMD C4     C  Y N 192 
IMD C5     C  Y N 193 
IMD HN1    H  N N 194 
IMD H2     H  N N 195 
IMD HN3    H  N N 196 
IMD H4     H  N N 197 
IMD H5     H  N N 198 
LEU N      N  N N 199 
LEU CA     C  N S 200 
LEU C      C  N N 201 
LEU O      O  N N 202 
LEU CB     C  N N 203 
LEU CG     C  N N 204 
LEU CD1    C  N N 205 
LEU CD2    C  N N 206 
LEU OXT    O  N N 207 
LEU H      H  N N 208 
LEU H2     H  N N 209 
LEU HA     H  N N 210 
LEU HB2    H  N N 211 
LEU HB3    H  N N 212 
LEU HG     H  N N 213 
LEU HD11   H  N N 214 
LEU HD12   H  N N 215 
LEU HD13   H  N N 216 
LEU HD21   H  N N 217 
LEU HD22   H  N N 218 
LEU HD23   H  N N 219 
LEU HXT    H  N N 220 
LYS N      N  N N 221 
LYS CA     C  N S 222 
LYS C      C  N N 223 
LYS O      O  N N 224 
LYS CB     C  N N 225 
LYS CG     C  N N 226 
LYS CD     C  N N 227 
LYS CE     C  N N 228 
LYS NZ     N  N N 229 
LYS OXT    O  N N 230 
LYS H      H  N N 231 
LYS H2     H  N N 232 
LYS HA     H  N N 233 
LYS HB2    H  N N 234 
LYS HB3    H  N N 235 
LYS HG2    H  N N 236 
LYS HG3    H  N N 237 
LYS HD2    H  N N 238 
LYS HD3    H  N N 239 
LYS HE2    H  N N 240 
LYS HE3    H  N N 241 
LYS HZ1    H  N N 242 
LYS HZ2    H  N N 243 
LYS HZ3    H  N N 244 
LYS HXT    H  N N 245 
MET N      N  N N 246 
MET CA     C  N S 247 
MET C      C  N N 248 
MET O      O  N N 249 
MET CB     C  N N 250 
MET CG     C  N N 251 
MET SD     S  N N 252 
MET CE     C  N N 253 
MET OXT    O  N N 254 
MET H      H  N N 255 
MET H2     H  N N 256 
MET HA     H  N N 257 
MET HB2    H  N N 258 
MET HB3    H  N N 259 
MET HG2    H  N N 260 
MET HG3    H  N N 261 
MET HE1    H  N N 262 
MET HE2    H  N N 263 
MET HE3    H  N N 264 
MET HXT    H  N N 265 
MTE N1     N  Y N 266 
MTE C2     C  Y N 267 
MTE N2     N  N N 268 
MTE N3     N  Y N 269 
MTE C4     C  Y N 270 
MTE O4     O  N N 271 
MTE N5     N  N N 272 
MTE C6     C  N R 273 
MTE C7     C  N R 274 
MTE N8     N  N N 275 
MTE C9     C  Y N 276 
MTE C10    C  Y N 277 
MTE "C1'"  C  N N 278 
MTE "S1'"  S  N N 279 
MTE "C2'"  C  N N 280 
MTE "S2'"  S  N N 281 
MTE "C3'"  C  N R 282 
MTE "O3'"  O  N N 283 
MTE "C4'"  C  N N 284 
MTE "O4'"  O  N N 285 
MTE P      P  N N 286 
MTE O1P    O  N N 287 
MTE O2P    O  N N 288 
MTE O3P    O  N N 289 
MTE HN21   H  N N 290 
MTE HN22   H  N N 291 
MTE HN3    H  N N 292 
MTE HN5    H  N N 293 
MTE H6     H  N N 294 
MTE H7     H  N N 295 
MTE HN8    H  N N 296 
MTE H1S    H  N N 297 
MTE H2S    H  N N 298 
MTE "H3'"  H  N N 299 
MTE "H4'1" H  N N 300 
MTE "H4'2" H  N N 301 
MTE HOP2   H  N N 302 
MTE HOP3   H  N N 303 
PHE N      N  N N 304 
PHE CA     C  N S 305 
PHE C      C  N N 306 
PHE O      O  N N 307 
PHE CB     C  N N 308 
PHE CG     C  Y N 309 
PHE CD1    C  Y N 310 
PHE CD2    C  Y N 311 
PHE CE1    C  Y N 312 
PHE CE2    C  Y N 313 
PHE CZ     C  Y N 314 
PHE OXT    O  N N 315 
PHE H      H  N N 316 
PHE H2     H  N N 317 
PHE HA     H  N N 318 
PHE HB2    H  N N 319 
PHE HB3    H  N N 320 
PHE HD1    H  N N 321 
PHE HD2    H  N N 322 
PHE HE1    H  N N 323 
PHE HE2    H  N N 324 
PHE HZ     H  N N 325 
PHE HXT    H  N N 326 
PPI C1     C  N N 327 
PPI C2     C  N N 328 
PPI C3     C  N N 329 
PPI O1     O  N N 330 
PPI O2     O  N N 331 
PPI H21    H  N N 332 
PPI H22    H  N N 333 
PPI H31    H  N N 334 
PPI H32    H  N N 335 
PPI H33    H  N N 336 
PPI HO2    H  N N 337 
PRO N      N  N N 338 
PRO CA     C  N S 339 
PRO C      C  N N 340 
PRO O      O  N N 341 
PRO CB     C  N N 342 
PRO CG     C  N N 343 
PRO CD     C  N N 344 
PRO OXT    O  N N 345 
PRO H      H  N N 346 
PRO HA     H  N N 347 
PRO HB2    H  N N 348 
PRO HB3    H  N N 349 
PRO HG2    H  N N 350 
PRO HG3    H  N N 351 
PRO HD2    H  N N 352 
PRO HD3    H  N N 353 
PRO HXT    H  N N 354 
SER N      N  N N 355 
SER CA     C  N S 356 
SER C      C  N N 357 
SER O      O  N N 358 
SER CB     C  N N 359 
SER OG     O  N N 360 
SER OXT    O  N N 361 
SER H      H  N N 362 
SER H2     H  N N 363 
SER HA     H  N N 364 
SER HB2    H  N N 365 
SER HB3    H  N N 366 
SER HG     H  N N 367 
SER HXT    H  N N 368 
THR N      N  N N 369 
THR CA     C  N S 370 
THR C      C  N N 371 
THR O      O  N N 372 
THR CB     C  N R 373 
THR OG1    O  N N 374 
THR CG2    C  N N 375 
THR OXT    O  N N 376 
THR H      H  N N 377 
THR H2     H  N N 378 
THR HA     H  N N 379 
THR HB     H  N N 380 
THR HG1    H  N N 381 
THR HG21   H  N N 382 
THR HG22   H  N N 383 
THR HG23   H  N N 384 
THR HXT    H  N N 385 
TRP N      N  N N 386 
TRP CA     C  N S 387 
TRP C      C  N N 388 
TRP O      O  N N 389 
TRP CB     C  N N 390 
TRP CG     C  Y N 391 
TRP CD1    C  Y N 392 
TRP CD2    C  Y N 393 
TRP NE1    N  Y N 394 
TRP CE2    C  Y N 395 
TRP CE3    C  Y N 396 
TRP CZ2    C  Y N 397 
TRP CZ3    C  Y N 398 
TRP CH2    C  Y N 399 
TRP OXT    O  N N 400 
TRP H      H  N N 401 
TRP H2     H  N N 402 
TRP HA     H  N N 403 
TRP HB2    H  N N 404 
TRP HB3    H  N N 405 
TRP HD1    H  N N 406 
TRP HE1    H  N N 407 
TRP HE3    H  N N 408 
TRP HZ2    H  N N 409 
TRP HZ3    H  N N 410 
TRP HH2    H  N N 411 
TRP HXT    H  N N 412 
TYR N      N  N N 413 
TYR CA     C  N S 414 
TYR C      C  N N 415 
TYR O      O  N N 416 
TYR CB     C  N N 417 
TYR CG     C  Y N 418 
TYR CD1    C  Y N 419 
TYR CD2    C  Y N 420 
TYR CE1    C  Y N 421 
TYR CE2    C  Y N 422 
TYR CZ     C  Y N 423 
TYR OH     O  N N 424 
TYR OXT    O  N N 425 
TYR H      H  N N 426 
TYR H2     H  N N 427 
TYR HA     H  N N 428 
TYR HB2    H  N N 429 
TYR HB3    H  N N 430 
TYR HD1    H  N N 431 
TYR HD2    H  N N 432 
TYR HE1    H  N N 433 
TYR HE2    H  N N 434 
TYR HH     H  N N 435 
TYR HXT    H  N N 436 
VAL N      N  N N 437 
VAL CA     C  N S 438 
VAL C      C  N N 439 
VAL O      O  N N 440 
VAL CB     C  N N 441 
VAL CG1    C  N N 442 
VAL CG2    C  N N 443 
VAL OXT    O  N N 444 
VAL H      H  N N 445 
VAL H2     H  N N 446 
VAL HA     H  N N 447 
VAL HB     H  N N 448 
VAL HG11   H  N N 449 
VAL HG12   H  N N 450 
VAL HG13   H  N N 451 
VAL HG21   H  N N 452 
VAL HG22   H  N N 453 
VAL HG23   H  N N 454 
VAL HXT    H  N N 455 
# 
loop_
_chem_comp_bond.comp_id 
_chem_comp_bond.atom_id_1 
_chem_comp_bond.atom_id_2 
_chem_comp_bond.value_order 
_chem_comp_bond.pdbx_aromatic_flag 
_chem_comp_bond.pdbx_stereo_config 
_chem_comp_bond.pdbx_ordinal 
ALA N     CA     sing N N 1   
ALA N     H      sing N N 2   
ALA N     H2     sing N N 3   
ALA CA    C      sing N N 4   
ALA CA    CB     sing N N 5   
ALA CA    HA     sing N N 6   
ALA C     O      doub N N 7   
ALA C     OXT    sing N N 8   
ALA CB    HB1    sing N N 9   
ALA CB    HB2    sing N N 10  
ALA CB    HB3    sing N N 11  
ALA OXT   HXT    sing N N 12  
ARG N     CA     sing N N 13  
ARG N     H      sing N N 14  
ARG N     H2     sing N N 15  
ARG CA    C      sing N N 16  
ARG CA    CB     sing N N 17  
ARG CA    HA     sing N N 18  
ARG C     O      doub N N 19  
ARG C     OXT    sing N N 20  
ARG CB    CG     sing N N 21  
ARG CB    HB2    sing N N 22  
ARG CB    HB3    sing N N 23  
ARG CG    CD     sing N N 24  
ARG CG    HG2    sing N N 25  
ARG CG    HG3    sing N N 26  
ARG CD    NE     sing N N 27  
ARG CD    HD2    sing N N 28  
ARG CD    HD3    sing N N 29  
ARG NE    CZ     sing N N 30  
ARG NE    HE     sing N N 31  
ARG CZ    NH1    sing N N 32  
ARG CZ    NH2    doub N N 33  
ARG NH1   HH11   sing N N 34  
ARG NH1   HH12   sing N N 35  
ARG NH2   HH21   sing N N 36  
ARG NH2   HH22   sing N N 37  
ARG OXT   HXT    sing N N 38  
ASN N     CA     sing N N 39  
ASN N     H      sing N N 40  
ASN N     H2     sing N N 41  
ASN CA    C      sing N N 42  
ASN CA    CB     sing N N 43  
ASN CA    HA     sing N N 44  
ASN C     O      doub N N 45  
ASN C     OXT    sing N N 46  
ASN CB    CG     sing N N 47  
ASN CB    HB2    sing N N 48  
ASN CB    HB3    sing N N 49  
ASN CG    OD1    doub N N 50  
ASN CG    ND2    sing N N 51  
ASN ND2   HD21   sing N N 52  
ASN ND2   HD22   sing N N 53  
ASN OXT   HXT    sing N N 54  
ASP N     CA     sing N N 55  
ASP N     H      sing N N 56  
ASP N     H2     sing N N 57  
ASP CA    C      sing N N 58  
ASP CA    CB     sing N N 59  
ASP CA    HA     sing N N 60  
ASP C     O      doub N N 61  
ASP C     OXT    sing N N 62  
ASP CB    CG     sing N N 63  
ASP CB    HB2    sing N N 64  
ASP CB    HB3    sing N N 65  
ASP CG    OD1    doub N N 66  
ASP CG    OD2    sing N N 67  
ASP OD2   HD2    sing N N 68  
ASP OXT   HXT    sing N N 69  
CYS N     CA     sing N N 70  
CYS N     H      sing N N 71  
CYS N     H2     sing N N 72  
CYS CA    C      sing N N 73  
CYS CA    CB     sing N N 74  
CYS CA    HA     sing N N 75  
CYS C     O      doub N N 76  
CYS C     OXT    sing N N 77  
CYS CB    SG     sing N N 78  
CYS CB    HB2    sing N N 79  
CYS CB    HB3    sing N N 80  
CYS SG    HG     sing N N 81  
CYS OXT   HXT    sing N N 82  
FMT C     O1     doub N N 83  
FMT C     O2     sing N N 84  
FMT C     H      sing N N 85  
FMT O2    HO2    sing N N 86  
GLN N     CA     sing N N 87  
GLN N     H      sing N N 88  
GLN N     H2     sing N N 89  
GLN CA    C      sing N N 90  
GLN CA    CB     sing N N 91  
GLN CA    HA     sing N N 92  
GLN C     O      doub N N 93  
GLN C     OXT    sing N N 94  
GLN CB    CG     sing N N 95  
GLN CB    HB2    sing N N 96  
GLN CB    HB3    sing N N 97  
GLN CG    CD     sing N N 98  
GLN CG    HG2    sing N N 99  
GLN CG    HG3    sing N N 100 
GLN CD    OE1    doub N N 101 
GLN CD    NE2    sing N N 102 
GLN NE2   HE21   sing N N 103 
GLN NE2   HE22   sing N N 104 
GLN OXT   HXT    sing N N 105 
GLU N     CA     sing N N 106 
GLU N     H      sing N N 107 
GLU N     H2     sing N N 108 
GLU CA    C      sing N N 109 
GLU CA    CB     sing N N 110 
GLU CA    HA     sing N N 111 
GLU C     O      doub N N 112 
GLU C     OXT    sing N N 113 
GLU CB    CG     sing N N 114 
GLU CB    HB2    sing N N 115 
GLU CB    HB3    sing N N 116 
GLU CG    CD     sing N N 117 
GLU CG    HG2    sing N N 118 
GLU CG    HG3    sing N N 119 
GLU CD    OE1    doub N N 120 
GLU CD    OE2    sing N N 121 
GLU OE2   HE2    sing N N 122 
GLU OXT   HXT    sing N N 123 
GLY N     CA     sing N N 124 
GLY N     H      sing N N 125 
GLY N     H2     sing N N 126 
GLY CA    C      sing N N 127 
GLY CA    HA2    sing N N 128 
GLY CA    HA3    sing N N 129 
GLY C     O      doub N N 130 
GLY C     OXT    sing N N 131 
GLY OXT   HXT    sing N N 132 
HIS N     CA     sing N N 133 
HIS N     H      sing N N 134 
HIS N     H2     sing N N 135 
HIS CA    C      sing N N 136 
HIS CA    CB     sing N N 137 
HIS CA    HA     sing N N 138 
HIS C     O      doub N N 139 
HIS C     OXT    sing N N 140 
HIS CB    CG     sing N N 141 
HIS CB    HB2    sing N N 142 
HIS CB    HB3    sing N N 143 
HIS CG    ND1    sing Y N 144 
HIS CG    CD2    doub Y N 145 
HIS ND1   CE1    doub Y N 146 
HIS ND1   HD1    sing N N 147 
HIS CD2   NE2    sing Y N 148 
HIS CD2   HD2    sing N N 149 
HIS CE1   NE2    sing Y N 150 
HIS CE1   HE1    sing N N 151 
HIS NE2   HE2    sing N N 152 
HIS OXT   HXT    sing N N 153 
HOH O     H1     sing N N 154 
HOH O     H2     sing N N 155 
ILE N     CA     sing N N 156 
ILE N     H      sing N N 157 
ILE N     H2     sing N N 158 
ILE CA    C      sing N N 159 
ILE CA    CB     sing N N 160 
ILE CA    HA     sing N N 161 
ILE C     O      doub N N 162 
ILE C     OXT    sing N N 163 
ILE CB    CG1    sing N N 164 
ILE CB    CG2    sing N N 165 
ILE CB    HB     sing N N 166 
ILE CG1   CD1    sing N N 167 
ILE CG1   HG12   sing N N 168 
ILE CG1   HG13   sing N N 169 
ILE CG2   HG21   sing N N 170 
ILE CG2   HG22   sing N N 171 
ILE CG2   HG23   sing N N 172 
ILE CD1   HD11   sing N N 173 
ILE CD1   HD12   sing N N 174 
ILE CD1   HD13   sing N N 175 
ILE OXT   HXT    sing N N 176 
IMD N1    C2     sing Y N 177 
IMD N1    C5     sing Y N 178 
IMD N1    HN1    sing N N 179 
IMD C2    N3     doub Y N 180 
IMD C2    H2     sing N N 181 
IMD N3    C4     sing Y N 182 
IMD N3    HN3    sing N N 183 
IMD C4    C5     doub Y N 184 
IMD C4    H4     sing N N 185 
IMD C5    H5     sing N N 186 
LEU N     CA     sing N N 187 
LEU N     H      sing N N 188 
LEU N     H2     sing N N 189 
LEU CA    C      sing N N 190 
LEU CA    CB     sing N N 191 
LEU CA    HA     sing N N 192 
LEU C     O      doub N N 193 
LEU C     OXT    sing N N 194 
LEU CB    CG     sing N N 195 
LEU CB    HB2    sing N N 196 
LEU CB    HB3    sing N N 197 
LEU CG    CD1    sing N N 198 
LEU CG    CD2    sing N N 199 
LEU CG    HG     sing N N 200 
LEU CD1   HD11   sing N N 201 
LEU CD1   HD12   sing N N 202 
LEU CD1   HD13   sing N N 203 
LEU CD2   HD21   sing N N 204 
LEU CD2   HD22   sing N N 205 
LEU CD2   HD23   sing N N 206 
LEU OXT   HXT    sing N N 207 
LYS N     CA     sing N N 208 
LYS N     H      sing N N 209 
LYS N     H2     sing N N 210 
LYS CA    C      sing N N 211 
LYS CA    CB     sing N N 212 
LYS CA    HA     sing N N 213 
LYS C     O      doub N N 214 
LYS C     OXT    sing N N 215 
LYS CB    CG     sing N N 216 
LYS CB    HB2    sing N N 217 
LYS CB    HB3    sing N N 218 
LYS CG    CD     sing N N 219 
LYS CG    HG2    sing N N 220 
LYS CG    HG3    sing N N 221 
LYS CD    CE     sing N N 222 
LYS CD    HD2    sing N N 223 
LYS CD    HD3    sing N N 224 
LYS CE    NZ     sing N N 225 
LYS CE    HE2    sing N N 226 
LYS CE    HE3    sing N N 227 
LYS NZ    HZ1    sing N N 228 
LYS NZ    HZ2    sing N N 229 
LYS NZ    HZ3    sing N N 230 
LYS OXT   HXT    sing N N 231 
MET N     CA     sing N N 232 
MET N     H      sing N N 233 
MET N     H2     sing N N 234 
MET CA    C      sing N N 235 
MET CA    CB     sing N N 236 
MET CA    HA     sing N N 237 
MET C     O      doub N N 238 
MET C     OXT    sing N N 239 
MET CB    CG     sing N N 240 
MET CB    HB2    sing N N 241 
MET CB    HB3    sing N N 242 
MET CG    SD     sing N N 243 
MET CG    HG2    sing N N 244 
MET CG    HG3    sing N N 245 
MET SD    CE     sing N N 246 
MET CE    HE1    sing N N 247 
MET CE    HE2    sing N N 248 
MET CE    HE3    sing N N 249 
MET OXT   HXT    sing N N 250 
MTE N1    C2     doub Y N 251 
MTE N1    C10    sing Y N 252 
MTE C2    N2     sing N N 253 
MTE C2    N3     sing Y N 254 
MTE N2    HN21   sing N N 255 
MTE N2    HN22   sing N N 256 
MTE N3    C4     sing Y N 257 
MTE N3    HN3    sing N N 258 
MTE C4    O4     doub N N 259 
MTE C4    C9     sing Y N 260 
MTE N5    C6     sing N N 261 
MTE N5    C9     sing N N 262 
MTE N5    HN5    sing N N 263 
MTE C6    C7     sing N N 264 
MTE C6    "C1'"  sing N N 265 
MTE C6    H6     sing N N 266 
MTE C7    N8     sing N N 267 
MTE C7    "O3'"  sing N N 268 
MTE C7    H7     sing N N 269 
MTE N8    C10    sing N N 270 
MTE N8    HN8    sing N N 271 
MTE C9    C10    doub Y N 272 
MTE "C1'" "S1'"  sing N N 273 
MTE "C1'" "C2'"  doub N N 274 
MTE "S1'" H1S    sing N N 275 
MTE "C2'" "S2'"  sing N N 276 
MTE "C2'" "C3'"  sing N N 277 
MTE "S2'" H2S    sing N N 278 
MTE "C3'" "O3'"  sing N N 279 
MTE "C3'" "C4'"  sing N N 280 
MTE "C3'" "H3'"  sing N N 281 
MTE "C4'" "O4'"  sing N N 282 
MTE "C4'" "H4'1" sing N N 283 
MTE "C4'" "H4'2" sing N N 284 
MTE "O4'" P      sing N N 285 
MTE P     O1P    doub N N 286 
MTE P     O2P    sing N N 287 
MTE P     O3P    sing N N 288 
MTE O2P   HOP2   sing N N 289 
MTE O3P   HOP3   sing N N 290 
PHE N     CA     sing N N 291 
PHE N     H      sing N N 292 
PHE N     H2     sing N N 293 
PHE CA    C      sing N N 294 
PHE CA    CB     sing N N 295 
PHE CA    HA     sing N N 296 
PHE C     O      doub N N 297 
PHE C     OXT    sing N N 298 
PHE CB    CG     sing N N 299 
PHE CB    HB2    sing N N 300 
PHE CB    HB3    sing N N 301 
PHE CG    CD1    doub Y N 302 
PHE CG    CD2    sing Y N 303 
PHE CD1   CE1    sing Y N 304 
PHE CD1   HD1    sing N N 305 
PHE CD2   CE2    doub Y N 306 
PHE CD2   HD2    sing N N 307 
PHE CE1   CZ     doub Y N 308 
PHE CE1   HE1    sing N N 309 
PHE CE2   CZ     sing Y N 310 
PHE CE2   HE2    sing N N 311 
PHE CZ    HZ     sing N N 312 
PHE OXT   HXT    sing N N 313 
PPI C1    C2     sing N N 314 
PPI C1    O1     doub N N 315 
PPI C1    O2     sing N N 316 
PPI C2    C3     sing N N 317 
PPI C2    H21    sing N N 318 
PPI C2    H22    sing N N 319 
PPI C3    H31    sing N N 320 
PPI C3    H32    sing N N 321 
PPI C3    H33    sing N N 322 
PPI O2    HO2    sing N N 323 
PRO N     CA     sing N N 324 
PRO N     CD     sing N N 325 
PRO N     H      sing N N 326 
PRO CA    C      sing N N 327 
PRO CA    CB     sing N N 328 
PRO CA    HA     sing N N 329 
PRO C     O      doub N N 330 
PRO C     OXT    sing N N 331 
PRO CB    CG     sing N N 332 
PRO CB    HB2    sing N N 333 
PRO CB    HB3    sing N N 334 
PRO CG    CD     sing N N 335 
PRO CG    HG2    sing N N 336 
PRO CG    HG3    sing N N 337 
PRO CD    HD2    sing N N 338 
PRO CD    HD3    sing N N 339 
PRO OXT   HXT    sing N N 340 
SER N     CA     sing N N 341 
SER N     H      sing N N 342 
SER N     H2     sing N N 343 
SER CA    C      sing N N 344 
SER CA    CB     sing N N 345 
SER CA    HA     sing N N 346 
SER C     O      doub N N 347 
SER C     OXT    sing N N 348 
SER CB    OG     sing N N 349 
SER CB    HB2    sing N N 350 
SER CB    HB3    sing N N 351 
SER OG    HG     sing N N 352 
SER OXT   HXT    sing N N 353 
THR N     CA     sing N N 354 
THR N     H      sing N N 355 
THR N     H2     sing N N 356 
THR CA    C      sing N N 357 
THR CA    CB     sing N N 358 
THR CA    HA     sing N N 359 
THR C     O      doub N N 360 
THR C     OXT    sing N N 361 
THR CB    OG1    sing N N 362 
THR CB    CG2    sing N N 363 
THR CB    HB     sing N N 364 
THR OG1   HG1    sing N N 365 
THR CG2   HG21   sing N N 366 
THR CG2   HG22   sing N N 367 
THR CG2   HG23   sing N N 368 
THR OXT   HXT    sing N N 369 
TRP N     CA     sing N N 370 
TRP N     H      sing N N 371 
TRP N     H2     sing N N 372 
TRP CA    C      sing N N 373 
TRP CA    CB     sing N N 374 
TRP CA    HA     sing N N 375 
TRP C     O      doub N N 376 
TRP C     OXT    sing N N 377 
TRP CB    CG     sing N N 378 
TRP CB    HB2    sing N N 379 
TRP CB    HB3    sing N N 380 
TRP CG    CD1    doub Y N 381 
TRP CG    CD2    sing Y N 382 
TRP CD1   NE1    sing Y N 383 
TRP CD1   HD1    sing N N 384 
TRP CD2   CE2    doub Y N 385 
TRP CD2   CE3    sing Y N 386 
TRP NE1   CE2    sing Y N 387 
TRP NE1   HE1    sing N N 388 
TRP CE2   CZ2    sing Y N 389 
TRP CE3   CZ3    doub Y N 390 
TRP CE3   HE3    sing N N 391 
TRP CZ2   CH2    doub Y N 392 
TRP CZ2   HZ2    sing N N 393 
TRP CZ3   CH2    sing Y N 394 
TRP CZ3   HZ3    sing N N 395 
TRP CH2   HH2    sing N N 396 
TRP OXT   HXT    sing N N 397 
TYR N     CA     sing N N 398 
TYR N     H      sing N N 399 
TYR N     H2     sing N N 400 
TYR CA    C      sing N N 401 
TYR CA    CB     sing N N 402 
TYR CA    HA     sing N N 403 
TYR C     O      doub N N 404 
TYR C     OXT    sing N N 405 
TYR CB    CG     sing N N 406 
TYR CB    HB2    sing N N 407 
TYR CB    HB3    sing N N 408 
TYR CG    CD1    doub Y N 409 
TYR CG    CD2    sing Y N 410 
TYR CD1   CE1    sing Y N 411 
TYR CD1   HD1    sing N N 412 
TYR CD2   CE2    doub Y N 413 
TYR CD2   HD2    sing N N 414 
TYR CE1   CZ     doub Y N 415 
TYR CE1   HE1    sing N N 416 
TYR CE2   CZ     sing Y N 417 
TYR CE2   HE2    sing N N 418 
TYR CZ    OH     sing N N 419 
TYR OH    HH     sing N N 420 
TYR OXT   HXT    sing N N 421 
VAL N     CA     sing N N 422 
VAL N     H      sing N N 423 
VAL N     H2     sing N N 424 
VAL CA    C      sing N N 425 
VAL CA    CB     sing N N 426 
VAL CA    HA     sing N N 427 
VAL C     O      doub N N 428 
VAL C     OXT    sing N N 429 
VAL CB    CG1    sing N N 430 
VAL CB    CG2    sing N N 431 
VAL CB    HB     sing N N 432 
VAL CG1   HG11   sing N N 433 
VAL CG1   HG12   sing N N 434 
VAL CG1   HG13   sing N N 435 
VAL CG2   HG21   sing N N 436 
VAL CG2   HG22   sing N N 437 
VAL CG2   HG23   sing N N 438 
VAL OXT   HXT    sing N N 439 
# 
loop_
_pdbx_entity_nonpoly.entity_id 
_pdbx_entity_nonpoly.name 
_pdbx_entity_nonpoly.comp_id 
2 
'PHOSPHONIC ACIDMONO-(2-AMINO-5,6-DIMERCAPTO-4-OXO-3,7,8A,9,10,10A-HEXAHYDRO-4H-8-OXA-1,3,9,10-TETRAAZA-ANTHRACEN-7-YLMETHYL)ESTER' 
MTE 
3 'PROPANOIC ACID' PPI 
4 IMIDAZOLE IMD 
5 'FORMIC ACID' FMT 
6 'COPPER (I) ION' CU1 
7 water HOH 
# 
_pdbx_initial_refinement_model.id               1 
_pdbx_initial_refinement_model.entity_id_list   ? 
_pdbx_initial_refinement_model.type             'experimental model' 
_pdbx_initial_refinement_model.source_name      PDB 
_pdbx_initial_refinement_model.accession_code   1EAV 
_pdbx_initial_refinement_model.details          'PDB ENTRY 1EAV' 
# 
